data_4GID
#
_entry.id   4GID
#
_cell.length_a   86.427
_cell.length_b   130.353
_cell.length_c   88.401
_cell.angle_alpha   90.00
_cell.angle_beta   97.50
_cell.angle_gamma   90.00
#
_symmetry.space_group_name_H-M   'P 1 21 1'
#
loop_
_entity.id
_entity.type
_entity.pdbx_description
1 polymer 'Beta-secretase 1'
2 non-polymer "N-[(2S)-1-({(2S,3R)-3-hydroxy-1-[(2-methylpropyl)amino]-1-oxobutan-2-yl}amino)-3-phenylpropan-2-yl]-5-[methyl(methylsulfonyl)amino]-N'-[(1R)-1-phenylethyl]benzene-1,3-dicarboxamide"
3 non-polymer L-PROLINAMIDE
4 water water
#
_entity_poly.entity_id   1
_entity_poly.type   'polypeptide(L)'
_entity_poly.pdbx_seq_one_letter_code
;SFVEMVDNLRGKSGQGYYVEMTVGSPPQTLNILVDTGSSNFAVGAAPHPFLHRYYQRQLSSTYRDLRKGVYVPYTQGKWE
GELGTDLVSIPHGPNVTVRANIAAITESDKFFINGSNWEGILGLAYAEIARPDDSLEPFFDSLVKQTHVPNLFSLQLCGA
GFPLNQSEVLASVGGSMIIGGIDHSLYTGSLWYTPIRREWYYEVIIVRVEINGQDLKMDCKEYNYDKSIVDSGTTNLRLP
KKVFEAAVKSIKAASSTEKFPDGFWLGEQLVCWQAGTTPWNIFPVISLYLMGEVTNQSFRITILPQQYLRPVEDVATSQD
DCYKFAISQSSTGTVMGAVIMEGFYVVFDRARKRIGFAVSACHVHDEFRTAAVEGPFVTLDMEDCGYN
;
_entity_poly.pdbx_strand_id   A,B,C,D
#
loop_
_chem_comp.id
_chem_comp.type
_chem_comp.name
_chem_comp.formula
0GH non-polymer N-[(2S)-1-({(2S,3R)-3-hydroxy-1-[(2-methylpropyl)amino]-1-oxobutan-2-yl}amino)-3-phenylpropan-2-yl]-5-[methyl(methylsulfonyl)amino]-N'-[(1R)-1-phenylethyl]benzene-1,3-dicarboxamide 'C35 H47 N5 O6 S'
#
# COMPACT_ATOMS: atom_id res chain seq x y z
N PHE A 2 -0.62 -49.27 -4.34
CA PHE A 2 -0.54 -49.43 -2.85
C PHE A 2 -1.96 -49.56 -2.29
N VAL A 3 -2.72 -50.50 -2.83
CA VAL A 3 -4.10 -50.73 -2.42
C VAL A 3 -4.23 -50.89 -0.91
N GLU A 4 -3.25 -51.54 -0.29
CA GLU A 4 -3.31 -51.76 1.15
C GLU A 4 -3.44 -50.47 1.96
N MET A 5 -2.77 -49.41 1.51
CA MET A 5 -2.81 -48.14 2.23
C MET A 5 -3.87 -47.14 1.75
N VAL A 6 -4.41 -47.36 0.54
CA VAL A 6 -5.44 -46.47 0.03
C VAL A 6 -6.61 -46.44 1.01
N ASP A 7 -7.13 -45.23 1.24
CA ASP A 7 -8.24 -45.05 2.15
C ASP A 7 -7.91 -45.33 3.62
N ASN A 8 -6.67 -45.16 4.05
CA ASN A 8 -6.39 -45.46 5.46
C ASN A 8 -6.58 -44.28 6.42
N LEU A 9 -7.23 -43.21 5.97
CA LEU A 9 -7.43 -42.07 6.85
C LEU A 9 -8.89 -41.79 7.12
N ARG A 10 -9.16 -41.21 8.27
CA ARG A 10 -10.52 -40.88 8.64
C ARG A 10 -10.39 -39.45 9.07
N GLY A 11 -11.52 -38.77 9.24
CA GLY A 11 -11.46 -37.38 9.62
C GLY A 11 -12.46 -36.54 8.87
N LYS A 12 -12.34 -35.22 9.06
CA LYS A 12 -13.26 -34.25 8.48
C LYS A 12 -12.58 -32.89 8.46
N SER A 13 -13.20 -31.97 7.73
CA SER A 13 -12.76 -30.57 7.61
C SER A 13 -12.98 -29.97 9.02
N GLY A 14 -12.12 -29.04 9.42
CA GLY A 14 -12.25 -28.45 10.74
C GLY A 14 -11.89 -29.38 11.91
N GLN A 15 -11.79 -30.69 11.67
CA GLN A 15 -11.46 -31.65 12.74
C GLN A 15 -10.05 -32.30 12.77
N GLY A 16 -9.54 -32.68 11.61
CA GLY A 16 -8.24 -33.31 11.54
C GLY A 16 -8.30 -34.66 10.84
N TYR A 17 -7.25 -34.97 10.08
CA TYR A 17 -7.17 -36.25 9.37
C TYR A 17 -6.20 -37.12 10.15
N TYR A 18 -6.60 -38.36 10.40
CA TYR A 18 -5.78 -39.25 11.21
C TYR A 18 -5.70 -40.68 10.68
N VAL A 19 -4.65 -41.35 11.12
CA VAL A 19 -4.37 -42.71 10.73
C VAL A 19 -4.27 -43.56 11.99
N GLU A 20 -4.63 -44.82 11.86
CA GLU A 20 -4.57 -45.74 12.97
C GLU A 20 -3.14 -46.23 13.13
N MET A 21 -2.66 -46.25 14.37
CA MET A 21 -1.31 -46.78 14.62
C MET A 21 -1.40 -47.60 15.91
N THR A 22 -0.41 -48.45 16.16
CA THR A 22 -0.43 -49.19 17.44
C THR A 22 0.92 -48.86 18.06
N VAL A 23 0.95 -48.76 19.39
CA VAL A 23 2.20 -48.51 20.10
C VAL A 23 2.35 -49.50 21.26
N GLY A 24 3.60 -49.91 21.54
CA GLY A 24 3.88 -50.82 22.64
C GLY A 24 3.53 -52.30 22.46
N SER A 25 3.84 -53.11 23.47
CA SER A 25 3.54 -54.54 23.43
C SER A 25 2.84 -55.03 24.70
N PRO A 26 1.67 -55.65 24.58
CA PRO A 26 0.93 -55.94 23.33
C PRO A 26 0.54 -54.59 22.72
N PRO A 27 0.29 -54.56 21.41
CA PRO A 27 -0.07 -53.31 20.74
C PRO A 27 -1.25 -52.54 21.29
N GLN A 28 -1.07 -51.24 21.48
CA GLN A 28 -2.15 -50.37 21.92
C GLN A 28 -2.55 -49.54 20.69
N THR A 29 -3.83 -49.60 20.33
CA THR A 29 -4.36 -48.89 19.19
C THR A 29 -4.73 -47.45 19.53
N LEU A 30 -4.32 -46.53 18.65
CA LEU A 30 -4.60 -45.10 18.81
C LEU A 30 -4.75 -44.45 17.44
N ASN A 31 -5.59 -43.42 17.37
CA ASN A 31 -5.82 -42.66 16.13
C ASN A 31 -4.85 -41.50 16.22
N ILE A 32 -3.96 -41.40 15.23
CA ILE A 32 -2.93 -40.37 15.22
C ILE A 32 -3.10 -39.36 14.07
N LEU A 33 -3.21 -38.08 14.43
CA LEU A 33 -3.37 -37.00 13.44
C LEU A 33 -2.10 -36.89 12.58
N VAL A 34 -2.27 -36.76 11.26
CA VAL A 34 -1.11 -36.63 10.39
C VAL A 34 -0.82 -35.14 10.25
N ASP A 35 0.37 -34.72 10.66
CA ASP A 35 0.74 -33.30 10.64
C ASP A 35 2.09 -32.98 10.01
N THR A 36 2.10 -32.46 8.79
CA THR A 36 3.35 -32.12 8.14
C THR A 36 3.91 -30.79 8.63
N GLY A 37 3.22 -30.14 9.58
CA GLY A 37 3.69 -28.88 10.14
C GLY A 37 4.52 -29.01 11.41
N SER A 38 4.93 -30.23 11.77
CA SER A 38 5.72 -30.44 12.98
C SER A 38 6.52 -31.72 12.88
N SER A 39 7.39 -31.98 13.85
CA SER A 39 8.25 -33.18 13.80
C SER A 39 8.27 -34.11 15.01
N ASN A 40 7.36 -33.88 15.95
CA ASN A 40 7.27 -34.72 17.13
C ASN A 40 6.15 -35.74 17.06
N PHE A 41 6.44 -36.96 17.50
CA PHE A 41 5.44 -38.01 17.56
C PHE A 41 5.01 -37.96 19.02
N ALA A 42 3.73 -37.69 19.28
CA ALA A 42 3.24 -37.58 20.66
C ALA A 42 1.83 -38.17 20.79
N VAL A 43 1.52 -38.81 21.90
CA VAL A 43 0.19 -39.39 22.11
C VAL A 43 -0.33 -39.08 23.51
N GLY A 44 -1.64 -38.92 23.66
CA GLY A 44 -2.19 -38.67 24.99
C GLY A 44 -1.73 -39.82 25.87
N ALA A 45 -1.33 -39.53 27.11
CA ALA A 45 -0.83 -40.61 27.97
C ALA A 45 -1.44 -40.62 29.36
N ALA A 46 -2.47 -39.82 29.55
CA ALA A 46 -3.16 -39.73 30.82
C ALA A 46 -4.55 -39.28 30.47
N PRO A 47 -5.50 -39.47 31.39
CA PRO A 47 -6.88 -39.07 31.12
C PRO A 47 -7.05 -37.60 30.72
N HIS A 48 -8.03 -37.37 29.85
CA HIS A 48 -8.33 -36.03 29.38
C HIS A 48 -9.78 -36.05 28.93
N PRO A 49 -10.51 -34.96 29.18
CA PRO A 49 -11.92 -34.86 28.82
C PRO A 49 -12.26 -35.29 27.38
N PHE A 50 -11.40 -34.91 26.44
CA PHE A 50 -11.63 -35.21 25.02
C PHE A 50 -11.00 -36.51 24.51
N LEU A 51 -10.35 -37.27 25.39
CA LEU A 51 -9.71 -38.51 24.97
C LEU A 51 -10.49 -39.72 25.43
N HIS A 52 -10.80 -40.60 24.49
CA HIS A 52 -11.52 -41.82 24.79
C HIS A 52 -10.54 -42.90 25.21
N ARG A 53 -9.30 -42.78 24.77
CA ARG A 53 -8.27 -43.74 25.13
C ARG A 53 -6.94 -43.02 25.12
N TYR A 54 -5.92 -43.66 25.67
CA TYR A 54 -4.62 -43.04 25.72
C TYR A 54 -3.56 -44.11 25.97
N TYR A 55 -2.32 -43.75 25.71
CA TYR A 55 -1.19 -44.66 25.83
C TYR A 55 -0.86 -44.95 27.30
N GLN A 56 -0.83 -46.24 27.62
CA GLN A 56 -0.51 -46.68 28.99
C GLN A 56 0.88 -47.34 28.97
N ARG A 57 1.88 -46.54 29.32
CA ARG A 57 3.26 -46.99 29.30
C ARG A 57 3.53 -48.17 30.20
N GLN A 58 2.89 -48.17 31.36
CA GLN A 58 3.10 -49.25 32.31
C GLN A 58 2.62 -50.59 31.76
N LEU A 59 1.79 -50.58 30.73
CA LEU A 59 1.30 -51.85 30.17
C LEU A 59 2.07 -52.32 28.92
N SER A 60 3.13 -51.60 28.57
CA SER A 60 3.93 -51.98 27.41
C SER A 60 5.27 -52.56 27.86
N SER A 61 5.54 -53.81 27.52
CA SER A 61 6.81 -54.44 27.94
C SER A 61 8.02 -53.91 27.21
N THR A 62 7.79 -53.23 26.08
CA THR A 62 8.88 -52.69 25.24
C THR A 62 9.12 -51.19 25.43
N TYR A 63 8.35 -50.57 26.31
CA TYR A 63 8.53 -49.15 26.57
C TYR A 63 9.90 -48.86 27.19
N ARG A 64 10.55 -47.80 26.75
CA ARG A 64 11.85 -47.41 27.30
C ARG A 64 11.79 -45.96 27.73
N ASP A 65 11.92 -45.72 29.04
CA ASP A 65 11.84 -44.37 29.61
C ASP A 65 13.13 -43.56 29.42
N LEU A 66 13.05 -42.46 28.68
CA LEU A 66 14.26 -41.66 28.44
C LEU A 66 14.51 -40.65 29.57
N ARG A 67 13.58 -40.61 30.52
CA ARG A 67 13.72 -39.72 31.65
C ARG A 67 14.00 -38.28 31.24
N LYS A 68 13.22 -37.76 30.30
CA LYS A 68 13.40 -36.39 29.87
C LYS A 68 12.06 -35.78 29.52
N GLY A 69 11.86 -34.54 29.92
CA GLY A 69 10.62 -33.85 29.63
C GLY A 69 10.67 -33.22 28.25
N VAL A 70 9.51 -32.78 27.76
CA VAL A 70 9.43 -32.16 26.46
C VAL A 70 8.21 -31.25 26.44
N TYR A 71 8.35 -30.11 25.77
CA TYR A 71 7.30 -29.09 25.68
C TYR A 71 7.12 -28.71 24.23
N VAL A 72 5.87 -28.73 23.75
CA VAL A 72 5.63 -28.37 22.36
C VAL A 72 4.49 -27.40 22.20
N PRO A 73 4.79 -26.17 21.80
CA PRO A 73 3.79 -25.13 21.60
C PRO A 73 3.55 -25.01 20.08
N TYR A 74 2.29 -25.06 19.67
CA TYR A 74 1.94 -24.94 18.25
C TYR A 74 1.29 -23.58 18.03
N THR A 75 1.01 -23.23 16.78
CA THR A 75 0.32 -21.96 16.54
C THR A 75 -0.98 -22.05 17.31
N GLN A 76 -1.56 -23.25 17.32
CA GLN A 76 -2.79 -23.46 18.05
C GLN A 76 -2.55 -24.65 18.97
N GLY A 77 -2.75 -24.45 20.27
CA GLY A 77 -2.56 -25.55 21.21
C GLY A 77 -1.11 -25.76 21.67
N LYS A 78 -0.96 -26.48 22.77
CA LYS A 78 0.39 -26.76 23.28
C LYS A 78 0.29 -27.95 24.21
N TRP A 79 1.38 -28.66 24.41
CA TRP A 79 1.32 -29.77 25.34
C TRP A 79 2.69 -30.02 25.97
N GLU A 80 2.66 -30.79 27.04
CA GLU A 80 3.85 -31.12 27.81
C GLU A 80 3.86 -32.63 28.03
N GLY A 81 5.05 -33.23 28.00
CA GLY A 81 5.11 -34.66 28.20
C GLY A 81 6.46 -35.26 28.54
N GLU A 82 6.49 -36.58 28.55
CA GLU A 82 7.68 -37.34 28.89
C GLU A 82 8.14 -38.23 27.72
N LEU A 83 9.44 -38.14 27.42
CA LEU A 83 10.02 -38.89 26.32
C LEU A 83 10.40 -40.32 26.66
N GLY A 84 10.17 -41.20 25.69
CA GLY A 84 10.47 -42.61 25.79
C GLY A 84 10.51 -43.14 24.36
N THR A 85 10.67 -44.45 24.20
CA THR A 85 10.64 -45.05 22.87
C THR A 85 9.84 -46.30 23.06
N ASP A 86 9.26 -46.81 21.98
CA ASP A 86 8.47 -48.01 22.07
C ASP A 86 8.31 -48.48 20.66
N LEU A 87 7.78 -49.68 20.49
CA LEU A 87 7.56 -50.24 19.17
C LEU A 87 6.28 -49.68 18.58
N VAL A 88 6.36 -49.28 17.31
CA VAL A 88 5.20 -48.70 16.64
C VAL A 88 4.95 -49.36 15.31
N SER A 89 3.66 -49.55 15.00
CA SER A 89 3.23 -50.14 13.75
C SER A 89 2.04 -49.36 13.22
N ILE A 90 1.79 -49.53 11.92
CA ILE A 90 0.70 -48.89 11.20
C ILE A 90 -0.06 -50.02 10.49
N PRO A 91 -1.21 -50.42 11.08
CA PRO A 91 -2.07 -51.50 10.56
C PRO A 91 -2.35 -51.41 9.05
N HIS A 92 -2.66 -50.21 8.57
CA HIS A 92 -2.94 -50.04 7.16
C HIS A 92 -1.87 -49.23 6.45
N GLY A 93 -0.61 -49.56 6.75
CA GLY A 93 0.51 -48.90 6.11
C GLY A 93 1.50 -50.00 5.79
N PRO A 94 2.80 -49.68 5.65
CA PRO A 94 3.71 -50.79 5.35
C PRO A 94 3.73 -51.80 6.50
N ASN A 95 4.04 -53.05 6.19
CA ASN A 95 4.07 -54.06 7.23
C ASN A 95 5.40 -54.09 7.97
N VAL A 96 5.60 -53.11 8.83
CA VAL A 96 6.83 -53.05 9.59
C VAL A 96 6.54 -52.59 11.00
N THR A 97 7.52 -52.78 11.88
CA THR A 97 7.41 -52.36 13.27
C THR A 97 8.65 -51.54 13.44
N VAL A 98 8.54 -50.39 14.09
CA VAL A 98 9.72 -49.55 14.29
C VAL A 98 9.88 -49.08 15.72
N ARG A 99 11.13 -48.96 16.18
CA ARG A 99 11.29 -48.46 17.52
C ARG A 99 11.45 -46.98 17.30
N ALA A 100 10.52 -46.24 17.88
CA ALA A 100 10.50 -44.80 17.70
C ALA A 100 10.38 -43.99 18.97
N ASN A 101 10.74 -42.70 18.84
CA ASN A 101 10.63 -41.77 19.93
C ASN A 101 9.15 -41.46 20.06
N ILE A 102 8.71 -41.32 21.30
CA ILE A 102 7.32 -41.05 21.59
C ILE A 102 7.23 -40.10 22.77
N ALA A 103 6.52 -39.00 22.59
CA ALA A 103 6.31 -38.05 23.66
C ALA A 103 4.99 -38.46 24.34
N ALA A 104 5.05 -38.86 25.60
CA ALA A 104 3.82 -39.24 26.31
C ALA A 104 3.27 -37.96 26.88
N ILE A 105 2.13 -37.52 26.35
CA ILE A 105 1.50 -36.27 26.76
C ILE A 105 0.84 -36.39 28.13
N THR A 106 1.36 -35.59 29.08
CA THR A 106 0.87 -35.59 30.46
C THR A 106 0.01 -34.35 30.77
N GLU A 107 0.23 -33.27 30.03
CA GLU A 107 -0.52 -32.04 30.24
C GLU A 107 -0.67 -31.33 28.92
N SER A 108 -1.84 -30.74 28.70
CA SER A 108 -2.07 -30.03 27.45
C SER A 108 -3.06 -28.89 27.56
N ASP A 109 -3.02 -28.00 26.58
CA ASP A 109 -3.93 -26.87 26.58
C ASP A 109 -4.42 -26.53 25.17
N LYS A 110 -5.72 -26.69 24.94
CA LYS A 110 -6.31 -26.36 23.64
C LYS A 110 -5.67 -27.12 22.49
N PHE A 111 -5.16 -28.32 22.79
CA PHE A 111 -4.55 -29.16 21.77
C PHE A 111 -5.57 -30.17 21.26
N PHE A 112 -6.01 -31.06 22.14
CA PHE A 112 -6.99 -32.07 21.75
C PHE A 112 -8.30 -31.38 21.46
N ILE A 113 -9.04 -31.93 20.50
CA ILE A 113 -10.31 -31.36 20.07
C ILE A 113 -11.42 -32.33 20.40
N ASN A 114 -12.45 -31.82 21.06
CA ASN A 114 -13.56 -32.67 21.47
C ASN A 114 -14.27 -33.21 20.22
N GLY A 115 -14.53 -34.52 20.22
CA GLY A 115 -15.21 -35.13 19.10
C GLY A 115 -14.39 -35.43 17.86
N SER A 116 -13.09 -35.12 17.92
CA SER A 116 -12.18 -35.33 16.78
C SER A 116 -11.82 -36.79 16.46
N ASN A 117 -11.85 -37.62 17.51
CA ASN A 117 -11.50 -39.03 17.42
C ASN A 117 -10.01 -39.34 17.30
N TRP A 118 -9.12 -38.35 17.36
CA TRP A 118 -7.71 -38.66 17.33
C TRP A 118 -7.14 -38.43 18.71
N GLU A 119 -6.10 -39.18 19.05
CA GLU A 119 -5.51 -39.13 20.39
C GLU A 119 -4.01 -38.81 20.41
N GLY A 120 -3.45 -38.57 19.25
CA GLY A 120 -2.04 -38.27 19.18
C GLY A 120 -1.75 -37.57 17.88
N ILE A 121 -0.50 -37.22 17.68
CA ILE A 121 -0.13 -36.49 16.50
C ILE A 121 1.18 -37.02 15.92
N LEU A 122 1.25 -37.10 14.61
CA LEU A 122 2.45 -37.58 13.93
C LEU A 122 3.13 -36.46 13.15
N GLY A 123 4.16 -35.85 13.75
CA GLY A 123 4.90 -34.78 13.10
C GLY A 123 5.75 -35.38 11.99
N LEU A 124 5.45 -34.98 10.76
CA LEU A 124 6.13 -35.56 9.62
C LEU A 124 7.23 -34.73 9.00
N ALA A 125 7.47 -33.53 9.57
CA ALA A 125 8.50 -32.64 9.07
C ALA A 125 9.88 -33.06 9.60
N TYR A 126 10.89 -32.23 9.36
CA TYR A 126 12.26 -32.59 9.72
C TYR A 126 12.78 -32.35 11.14
N ALA A 127 13.86 -33.05 11.49
CA ALA A 127 14.46 -33.01 12.83
C ALA A 127 14.76 -31.61 13.33
N GLU A 128 15.17 -30.77 12.41
CA GLU A 128 15.51 -29.41 12.73
C GLU A 128 14.52 -28.72 13.64
N ILE A 129 13.22 -28.98 13.46
CA ILE A 129 12.20 -28.34 14.29
C ILE A 129 11.60 -29.20 15.39
N ALA A 130 12.12 -30.42 15.59
CA ALA A 130 11.60 -31.27 16.67
C ALA A 130 11.99 -30.67 18.01
N ARG A 131 11.14 -30.84 19.02
CA ARG A 131 11.50 -30.37 20.38
C ARG A 131 11.93 -31.65 21.13
N PRO A 132 12.84 -31.52 22.11
CA PRO A 132 13.49 -30.30 22.59
C PRO A 132 14.44 -29.75 21.58
N ASP A 133 15.06 -30.64 20.79
CA ASP A 133 16.01 -30.18 19.80
C ASP A 133 16.14 -31.19 18.68
N ASP A 134 16.97 -30.87 17.68
CA ASP A 134 17.13 -31.74 16.52
C ASP A 134 17.77 -33.09 16.79
N SER A 135 18.06 -33.42 18.04
CA SER A 135 18.63 -34.73 18.32
C SER A 135 17.50 -35.77 18.50
N LEU A 136 16.26 -35.32 18.65
CA LEU A 136 15.16 -36.26 18.82
C LEU A 136 14.67 -36.69 17.46
N GLU A 137 15.16 -37.83 17.00
CA GLU A 137 14.81 -38.36 15.70
C GLU A 137 13.31 -38.48 15.44
N PRO A 138 12.82 -37.82 14.38
CA PRO A 138 11.40 -37.90 14.08
C PRO A 138 11.02 -39.32 13.62
N PHE A 139 9.72 -39.63 13.68
CA PHE A 139 9.23 -40.95 13.31
C PHE A 139 9.57 -41.38 11.89
N PHE A 140 9.29 -40.51 10.91
CA PHE A 140 9.53 -40.92 9.54
C PHE A 140 11.00 -41.25 9.32
N ASP A 141 11.87 -40.49 9.97
CA ASP A 141 13.31 -40.73 9.88
C ASP A 141 13.64 -42.11 10.44
N SER A 142 13.07 -42.46 11.57
CA SER A 142 13.33 -43.77 12.16
C SER A 142 12.81 -44.87 11.24
N LEU A 143 11.66 -44.60 10.64
CA LEU A 143 11.03 -45.55 9.75
C LEU A 143 11.94 -45.85 8.56
N VAL A 144 12.51 -44.81 7.95
CA VAL A 144 13.37 -45.01 6.81
C VAL A 144 14.71 -45.67 7.18
N LYS A 145 15.29 -45.28 8.31
CA LYS A 145 16.55 -45.88 8.75
C LYS A 145 16.37 -47.35 9.10
N GLN A 146 15.25 -47.70 9.74
CA GLN A 146 15.03 -49.07 10.17
C GLN A 146 14.37 -50.05 9.20
N THR A 147 13.91 -49.56 8.05
CA THR A 147 13.25 -50.44 7.09
C THR A 147 13.70 -50.12 5.68
N HIS A 148 13.05 -50.74 4.71
CA HIS A 148 13.39 -50.50 3.32
C HIS A 148 12.31 -49.62 2.68
N VAL A 149 11.48 -48.99 3.51
CA VAL A 149 10.44 -48.10 2.99
C VAL A 149 11.14 -46.89 2.35
N PRO A 150 10.80 -46.54 1.09
CA PRO A 150 11.42 -45.38 0.41
C PRO A 150 11.17 -44.08 1.17
N ASN A 151 12.16 -43.18 1.18
CA ASN A 151 12.09 -41.90 1.86
C ASN A 151 11.10 -40.94 1.16
N LEU A 152 9.81 -41.32 1.19
CA LEU A 152 8.78 -40.51 0.57
C LEU A 152 7.38 -40.93 1.03
N PHE A 153 6.49 -39.95 1.20
CA PHE A 153 5.10 -40.27 1.53
C PHE A 153 4.22 -39.29 0.78
N SER A 154 2.99 -39.69 0.52
CA SER A 154 2.07 -38.82 -0.19
C SER A 154 0.76 -38.76 0.56
N LEU A 155 0.06 -37.65 0.42
CA LEU A 155 -1.20 -37.45 1.13
C LEU A 155 -2.40 -37.00 0.29
N GLN A 156 -3.54 -37.65 0.51
CA GLN A 156 -4.81 -37.27 -0.13
C GLN A 156 -5.82 -37.03 1.01
N LEU A 157 -6.12 -35.76 1.30
CA LEU A 157 -7.08 -35.44 2.35
C LEU A 157 -8.40 -35.14 1.68
N CYS A 158 -9.44 -35.84 2.07
CA CYS A 158 -10.73 -35.65 1.44
C CYS A 158 -11.80 -34.94 2.25
N GLY A 159 -12.10 -33.70 1.88
CA GLY A 159 -13.15 -32.96 2.54
C GLY A 159 -14.49 -33.42 1.95
N ALA A 160 -15.61 -33.11 2.60
CA ALA A 160 -16.86 -33.59 2.05
C ALA A 160 -17.73 -32.57 1.36
N GLY A 161 -17.52 -31.29 1.65
CA GLY A 161 -18.39 -30.32 1.01
C GLY A 161 -19.71 -30.11 1.76
N PHE A 162 -19.98 -30.94 2.75
CA PHE A 162 -21.16 -30.82 3.58
C PHE A 162 -20.85 -31.47 4.93
N PRO A 163 -21.54 -31.06 6.01
CA PRO A 163 -21.28 -31.63 7.35
C PRO A 163 -21.57 -33.11 7.52
N LEU A 164 -20.88 -33.71 8.49
CA LEU A 164 -21.05 -35.13 8.80
C LEU A 164 -21.13 -35.30 10.33
N ASN A 165 -22.06 -36.12 10.82
CA ASN A 165 -22.13 -36.30 12.27
C ASN A 165 -21.07 -37.32 12.71
N GLN A 166 -20.95 -37.53 14.02
CA GLN A 166 -19.95 -38.45 14.55
C GLN A 166 -20.02 -39.86 13.98
N SER A 167 -21.23 -40.39 13.77
CA SER A 167 -21.35 -41.74 13.23
C SER A 167 -20.87 -41.79 11.78
N GLU A 168 -21.25 -40.77 10.99
CA GLU A 168 -20.85 -40.70 9.58
C GLU A 168 -19.34 -40.54 9.46
N VAL A 169 -18.76 -39.65 10.26
CA VAL A 169 -17.32 -39.44 10.25
C VAL A 169 -16.59 -40.75 10.59
N LEU A 170 -17.15 -41.53 11.50
CA LEU A 170 -16.54 -42.80 11.89
C LEU A 170 -16.70 -43.86 10.81
N ALA A 171 -17.77 -43.75 10.03
CA ALA A 171 -18.05 -44.73 8.99
C ALA A 171 -17.60 -44.28 7.61
N SER A 172 -16.85 -43.18 7.54
CA SER A 172 -16.38 -42.63 6.28
C SER A 172 -14.88 -42.61 6.06
N VAL A 173 -14.50 -42.68 4.78
CA VAL A 173 -13.09 -42.62 4.38
C VAL A 173 -12.74 -41.14 4.38
N GLY A 174 -11.63 -40.78 5.01
CA GLY A 174 -11.26 -39.38 5.04
C GLY A 174 -10.02 -39.10 4.22
N GLY A 175 -9.50 -40.10 3.52
CA GLY A 175 -8.31 -39.90 2.73
C GLY A 175 -7.31 -41.06 2.74
N SER A 176 -6.14 -40.81 2.16
CA SER A 176 -5.09 -41.81 2.11
C SER A 176 -3.75 -41.22 2.43
N MET A 177 -2.94 -41.99 3.13
CA MET A 177 -1.57 -41.59 3.41
C MET A 177 -0.78 -42.79 2.90
N ILE A 178 -0.17 -42.65 1.72
CA ILE A 178 0.61 -43.71 1.12
C ILE A 178 2.05 -43.56 1.63
N ILE A 179 2.49 -44.54 2.43
CA ILE A 179 3.84 -44.53 3.03
C ILE A 179 4.85 -45.20 2.12
N GLY A 180 5.79 -44.41 1.60
CA GLY A 180 6.82 -44.97 0.75
C GLY A 180 6.55 -44.99 -0.74
N GLY A 181 5.43 -44.41 -1.18
CA GLY A 181 5.12 -44.41 -2.59
C GLY A 181 3.98 -43.50 -3.01
N ILE A 182 3.63 -43.62 -4.29
CA ILE A 182 2.58 -42.83 -4.94
C ILE A 182 1.53 -43.73 -5.57
N ASP A 183 0.25 -43.45 -5.33
CA ASP A 183 -0.81 -44.27 -5.90
C ASP A 183 -1.58 -43.47 -6.95
N HIS A 184 -1.44 -43.86 -8.20
CA HIS A 184 -2.07 -43.16 -9.31
C HIS A 184 -3.58 -43.04 -9.25
N SER A 185 -4.23 -43.87 -8.46
CA SER A 185 -5.68 -43.80 -8.37
C SER A 185 -6.16 -42.59 -7.57
N LEU A 186 -5.26 -41.95 -6.82
CA LEU A 186 -5.64 -40.80 -5.98
C LEU A 186 -5.62 -39.42 -6.68
N TYR A 187 -5.14 -39.37 -7.93
CA TYR A 187 -5.14 -38.09 -8.61
C TYR A 187 -5.41 -38.22 -10.09
N THR A 188 -5.67 -37.10 -10.73
CA THR A 188 -5.87 -37.10 -12.18
C THR A 188 -4.86 -36.10 -12.75
N GLY A 189 -4.59 -36.19 -14.04
CA GLY A 189 -3.63 -35.26 -14.62
C GLY A 189 -2.19 -35.48 -14.19
N SER A 190 -1.35 -34.46 -14.42
CA SER A 190 0.06 -34.48 -14.09
C SER A 190 0.43 -34.02 -12.68
N LEU A 191 1.55 -34.55 -12.21
CA LEU A 191 2.11 -34.18 -10.90
C LEU A 191 3.15 -33.13 -11.24
N TRP A 192 3.05 -31.96 -10.61
CA TRP A 192 4.00 -30.86 -10.80
C TRP A 192 4.75 -30.72 -9.49
N TYR A 193 6.07 -30.62 -9.58
CA TYR A 193 6.88 -30.50 -8.38
C TYR A 193 7.51 -29.13 -8.16
N THR A 194 7.60 -28.74 -6.89
CA THR A 194 8.22 -27.49 -6.50
C THR A 194 9.32 -27.91 -5.50
N PRO A 195 10.43 -27.16 -5.44
CA PRO A 195 11.52 -27.50 -4.51
C PRO A 195 11.21 -27.29 -3.04
N ILE A 196 11.74 -28.18 -2.21
CA ILE A 196 11.62 -27.97 -0.78
C ILE A 196 12.80 -26.99 -0.64
N ARG A 197 12.52 -25.77 -0.23
CA ARG A 197 13.56 -24.75 -0.10
C ARG A 197 14.61 -25.12 0.94
N ARG A 198 14.14 -25.68 2.05
CA ARG A 198 15.03 -26.04 3.14
C ARG A 198 14.30 -27.12 3.91
N GLU A 199 15.05 -28.04 4.48
CA GLU A 199 14.46 -29.13 5.22
C GLU A 199 14.31 -28.84 6.70
N TRP A 200 13.24 -28.13 7.05
CA TRP A 200 12.94 -27.86 8.44
C TRP A 200 11.43 -28.04 8.40
N TYR A 201 10.69 -27.05 7.96
CA TYR A 201 9.25 -27.24 7.78
C TYR A 201 9.28 -27.74 6.35
N TYR A 202 8.12 -28.05 5.79
CA TYR A 202 8.10 -28.42 4.38
C TYR A 202 7.93 -27.04 3.73
N GLU A 203 9.05 -26.31 3.60
CA GLU A 203 9.06 -24.96 3.08
C GLU A 203 9.09 -24.86 1.57
N VAL A 204 8.25 -23.96 1.04
CA VAL A 204 8.19 -23.77 -0.40
C VAL A 204 8.20 -22.28 -0.73
N ILE A 205 8.23 -21.94 -2.02
CA ILE A 205 8.22 -20.54 -2.44
C ILE A 205 7.10 -20.26 -3.45
N ILE A 206 6.21 -19.34 -3.07
CA ILE A 206 5.08 -18.93 -3.90
C ILE A 206 5.59 -17.75 -4.74
N VAL A 207 5.36 -17.77 -6.05
CA VAL A 207 5.87 -16.67 -6.87
C VAL A 207 4.82 -15.69 -7.37
N ARG A 208 3.54 -16.04 -7.28
CA ARG A 208 2.48 -15.16 -7.77
C ARG A 208 1.16 -15.62 -7.19
N VAL A 209 0.23 -14.70 -6.98
CA VAL A 209 -1.09 -15.06 -6.46
C VAL A 209 -2.16 -14.37 -7.31
N GLU A 210 -3.20 -15.11 -7.69
CA GLU A 210 -4.31 -14.61 -8.48
C GLU A 210 -5.64 -14.93 -7.84
N ILE A 211 -6.62 -14.04 -8.04
CA ILE A 211 -8.00 -14.23 -7.56
C ILE A 211 -8.82 -14.07 -8.85
N ASN A 212 -9.44 -15.17 -9.29
CA ASN A 212 -10.19 -15.22 -10.56
C ASN A 212 -9.33 -14.66 -11.68
N GLY A 213 -8.08 -15.12 -11.73
CA GLY A 213 -7.18 -14.69 -12.78
C GLY A 213 -6.56 -13.32 -12.59
N GLN A 214 -7.08 -12.54 -11.64
CA GLN A 214 -6.52 -11.21 -11.43
C GLN A 214 -5.37 -11.22 -10.43
N ASP A 215 -4.24 -10.75 -10.92
CA ASP A 215 -2.99 -10.69 -10.18
C ASP A 215 -3.09 -9.82 -8.95
N LEU A 216 -2.71 -10.36 -7.80
CA LEU A 216 -2.72 -9.57 -6.59
C LEU A 216 -1.64 -8.47 -6.75
N LYS A 217 -0.68 -8.71 -7.64
CA LYS A 217 0.39 -7.74 -7.94
C LYS A 217 1.22 -7.23 -6.77
N MET A 218 1.65 -8.13 -5.89
CA MET A 218 2.48 -7.68 -4.80
C MET A 218 3.88 -8.15 -5.11
N ASP A 219 4.87 -7.62 -4.38
CA ASP A 219 6.26 -8.06 -4.52
C ASP A 219 6.15 -9.50 -3.99
N CYS A 220 6.62 -10.49 -4.74
CA CYS A 220 6.49 -11.88 -4.30
C CYS A 220 7.10 -12.22 -2.94
N LYS A 221 7.96 -11.35 -2.41
CA LYS A 221 8.56 -11.61 -1.10
C LYS A 221 7.46 -11.53 -0.04
N GLU A 222 6.46 -10.69 -0.30
CA GLU A 222 5.35 -10.54 0.63
C GLU A 222 4.59 -11.86 0.78
N TYR A 223 4.62 -12.70 -0.24
CA TYR A 223 3.91 -13.98 -0.23
C TYR A 223 4.56 -15.01 0.67
N ASN A 224 5.87 -14.89 0.81
CA ASN A 224 6.66 -15.81 1.60
C ASN A 224 7.29 -15.03 2.73
N TYR A 225 6.69 -13.89 3.08
CA TYR A 225 7.25 -13.07 4.15
C TYR A 225 7.31 -13.86 5.42
N ASP A 226 8.56 -14.18 5.73
CA ASP A 226 8.99 -14.98 6.84
C ASP A 226 9.19 -16.36 6.20
N LYS A 227 8.09 -17.01 5.79
CA LYS A 227 8.16 -18.33 5.15
C LYS A 227 6.82 -18.83 4.62
N SER A 228 6.86 -19.88 3.80
CA SER A 228 5.64 -20.49 3.29
C SER A 228 5.83 -21.97 3.52
N ILE A 229 4.81 -22.62 4.08
CA ILE A 229 4.92 -24.04 4.37
C ILE A 229 3.64 -24.83 4.03
N VAL A 230 3.80 -26.14 3.91
CA VAL A 230 2.69 -27.06 3.64
C VAL A 230 2.47 -27.72 5.02
N ASP A 231 1.31 -27.48 5.61
CA ASP A 231 0.98 -27.96 6.95
C ASP A 231 -0.35 -28.67 7.03
N SER A 232 -0.34 -30.01 6.96
CA SER A 232 -1.58 -30.78 7.03
C SER A 232 -2.27 -30.67 8.41
N GLY A 233 -1.54 -30.17 9.41
CA GLY A 233 -2.14 -30.03 10.73
C GLY A 233 -2.83 -28.69 10.97
N THR A 234 -2.91 -27.85 9.94
CA THR A 234 -3.57 -26.52 10.04
C THR A 234 -4.86 -26.54 9.21
N THR A 235 -5.92 -25.99 9.76
CA THR A 235 -7.18 -26.00 9.00
C THR A 235 -7.20 -25.11 7.79
N ASN A 236 -6.80 -23.87 7.99
CA ASN A 236 -6.87 -22.82 6.97
C ASN A 236 -5.74 -22.64 5.98
N LEU A 237 -6.02 -21.79 4.98
CA LEU A 237 -4.99 -21.34 4.07
C LEU A 237 -4.69 -20.06 4.88
N ARG A 238 -3.48 -19.92 5.39
CA ARG A 238 -3.15 -18.75 6.21
C ARG A 238 -2.22 -17.87 5.41
N LEU A 239 -2.45 -16.55 5.44
CA LEU A 239 -1.62 -15.64 4.66
C LEU A 239 -1.04 -14.49 5.49
N PRO A 240 0.15 -14.01 5.13
CA PRO A 240 0.77 -12.89 5.85
C PRO A 240 -0.19 -11.71 5.81
N LYS A 241 -0.35 -11.01 6.93
CA LYS A 241 -1.20 -9.82 7.05
C LYS A 241 -1.45 -8.99 5.77
N LYS A 242 -0.39 -8.49 5.12
CA LYS A 242 -0.55 -7.67 3.90
C LYS A 242 -1.24 -8.40 2.75
N VAL A 243 -0.84 -9.65 2.52
CA VAL A 243 -1.38 -10.48 1.46
C VAL A 243 -2.82 -10.79 1.79
N PHE A 244 -3.08 -11.09 3.06
CA PHE A 244 -4.43 -11.42 3.50
C PHE A 244 -5.39 -10.27 3.28
N GLU A 245 -4.98 -9.05 3.63
CA GLU A 245 -5.85 -7.91 3.45
C GLU A 245 -6.15 -7.70 1.98
N ALA A 246 -5.11 -7.79 1.13
CA ALA A 246 -5.31 -7.61 -0.30
C ALA A 246 -6.13 -8.77 -0.91
N ALA A 247 -5.87 -10.01 -0.50
CA ALA A 247 -6.63 -11.13 -1.03
C ALA A 247 -8.10 -10.97 -0.63
N VAL A 248 -8.38 -10.68 0.64
CA VAL A 248 -9.77 -10.50 1.05
C VAL A 248 -10.52 -9.34 0.34
N LYS A 249 -9.80 -8.26 0.05
CA LYS A 249 -10.41 -7.11 -0.65
C LYS A 249 -10.82 -7.58 -2.05
N SER A 250 -9.98 -8.41 -2.65
CA SER A 250 -10.27 -8.93 -3.97
C SER A 250 -11.42 -9.96 -4.02
N ILE A 251 -11.47 -10.84 -3.03
CA ILE A 251 -12.52 -11.85 -2.94
C ILE A 251 -13.84 -11.14 -2.68
N LYS A 252 -13.80 -10.10 -1.87
CA LYS A 252 -15.01 -9.32 -1.58
C LYS A 252 -15.52 -8.66 -2.86
N ALA A 253 -14.59 -8.08 -3.62
CA ALA A 253 -14.95 -7.41 -4.86
C ALA A 253 -15.57 -8.38 -5.88
N ALA A 254 -15.02 -9.59 -5.95
CA ALA A 254 -15.50 -10.61 -6.88
C ALA A 254 -16.86 -11.17 -6.47
N SER A 255 -17.15 -11.14 -5.17
CA SER A 255 -18.41 -11.70 -4.70
C SER A 255 -19.40 -10.65 -4.23
N SER A 256 -19.19 -9.40 -4.63
CA SER A 256 -20.02 -8.31 -4.16
C SER A 256 -21.49 -8.33 -4.48
N THR A 257 -21.96 -9.26 -5.33
CA THR A 257 -23.38 -9.29 -5.60
C THR A 257 -24.13 -9.68 -4.34
N GLU A 258 -23.38 -10.10 -3.32
CA GLU A 258 -23.95 -10.46 -2.02
C GLU A 258 -23.05 -9.86 -0.94
N LYS A 259 -23.65 -9.25 0.09
CA LYS A 259 -22.85 -8.65 1.15
C LYS A 259 -22.78 -9.55 2.38
N PHE A 260 -21.59 -9.67 2.97
CA PHE A 260 -21.39 -10.52 4.14
C PHE A 260 -20.77 -9.70 5.26
N PRO A 261 -21.20 -9.93 6.50
CA PRO A 261 -20.65 -9.19 7.65
C PRO A 261 -19.13 -9.34 7.77
N ASP A 262 -18.48 -8.37 8.42
CA ASP A 262 -17.04 -8.42 8.63
C ASP A 262 -16.66 -9.67 9.41
N GLY A 263 -17.59 -10.13 10.24
CA GLY A 263 -17.37 -11.34 11.03
C GLY A 263 -17.14 -12.57 10.14
N PHE A 264 -17.82 -12.62 8.99
CA PHE A 264 -17.65 -13.73 8.06
C PHE A 264 -16.21 -13.75 7.55
N TRP A 265 -15.77 -12.61 7.02
CA TRP A 265 -14.44 -12.49 6.44
C TRP A 265 -13.33 -12.69 7.44
N LEU A 266 -13.63 -12.53 8.71
CA LEU A 266 -12.62 -12.73 9.73
C LEU A 266 -12.68 -14.15 10.30
N GLY A 267 -13.61 -14.96 9.78
CA GLY A 267 -13.77 -16.33 10.24
C GLY A 267 -14.43 -16.48 11.59
N GLU A 268 -15.10 -15.44 12.06
CA GLU A 268 -15.75 -15.47 13.35
C GLU A 268 -17.21 -15.87 13.29
N GLN A 269 -17.83 -15.80 12.12
CA GLN A 269 -19.23 -16.21 12.02
C GLN A 269 -19.52 -16.93 10.70
N LEU A 270 -20.44 -17.87 10.76
CA LEU A 270 -20.79 -18.64 9.58
C LEU A 270 -21.75 -17.87 8.67
N VAL A 271 -21.81 -18.29 7.41
CA VAL A 271 -22.75 -17.70 6.47
C VAL A 271 -23.59 -18.90 6.06
N CYS A 272 -24.89 -18.67 5.86
CA CYS A 272 -25.81 -19.73 5.54
C CYS A 272 -26.73 -19.40 4.36
N TRP A 273 -27.10 -20.43 3.61
CA TRP A 273 -28.00 -20.27 2.49
C TRP A 273 -28.96 -21.44 2.57
N GLN A 274 -30.11 -21.25 1.95
CA GLN A 274 -31.13 -22.26 1.89
C GLN A 274 -30.49 -23.54 1.29
N ALA A 275 -30.98 -24.68 1.77
CA ALA A 275 -30.49 -25.97 1.34
C ALA A 275 -30.27 -26.09 -0.16
N GLY A 276 -29.04 -26.34 -0.55
CA GLY A 276 -28.73 -26.53 -1.95
C GLY A 276 -28.56 -25.31 -2.83
N THR A 277 -28.77 -24.13 -2.25
CA THR A 277 -28.66 -22.89 -3.01
C THR A 277 -27.32 -22.13 -2.87
N THR A 278 -26.33 -22.70 -2.19
CA THR A 278 -25.04 -22.03 -2.05
C THR A 278 -24.60 -21.52 -3.44
N PRO A 279 -24.31 -20.22 -3.57
CA PRO A 279 -23.89 -19.60 -4.82
C PRO A 279 -22.39 -19.69 -5.09
N TRP A 280 -21.89 -20.92 -5.22
CA TRP A 280 -20.48 -21.13 -5.45
C TRP A 280 -19.93 -20.24 -6.55
N ASN A 281 -20.70 -20.10 -7.62
CA ASN A 281 -20.25 -19.32 -8.79
C ASN A 281 -19.90 -17.85 -8.52
N ILE A 282 -20.46 -17.20 -7.47
CA ILE A 282 -20.10 -15.79 -7.23
C ILE A 282 -18.73 -15.66 -6.57
N PHE A 283 -18.26 -16.72 -5.92
CA PHE A 283 -16.95 -16.70 -5.27
C PHE A 283 -15.87 -17.06 -6.31
N PRO A 284 -14.70 -16.41 -6.22
CA PRO A 284 -13.59 -16.64 -7.14
C PRO A 284 -12.72 -17.86 -6.80
N VAL A 285 -12.04 -18.36 -7.83
CA VAL A 285 -11.09 -19.43 -7.61
C VAL A 285 -9.83 -18.66 -7.16
N ILE A 286 -8.93 -19.37 -6.52
CA ILE A 286 -7.71 -18.78 -6.05
C ILE A 286 -6.54 -19.60 -6.55
N SER A 287 -5.59 -18.94 -7.18
CA SER A 287 -4.41 -19.63 -7.71
C SER A 287 -3.11 -19.21 -7.04
N LEU A 288 -2.27 -20.17 -6.69
CA LEU A 288 -0.98 -19.88 -6.10
C LEU A 288 0.04 -20.45 -7.08
N TYR A 289 0.99 -19.62 -7.51
CA TYR A 289 2.01 -20.08 -8.42
C TYR A 289 3.22 -20.47 -7.58
N LEU A 290 3.79 -21.63 -7.88
CA LEU A 290 4.96 -22.09 -7.13
C LEU A 290 6.14 -22.29 -8.08
N MET A 291 7.34 -22.18 -7.54
CA MET A 291 8.57 -22.35 -8.31
C MET A 291 8.62 -23.77 -8.83
N GLY A 292 9.06 -23.93 -10.08
CA GLY A 292 9.16 -25.26 -10.65
C GLY A 292 10.55 -25.82 -10.41
N GLU A 293 10.79 -27.04 -10.83
CA GLU A 293 12.12 -27.63 -10.65
C GLU A 293 13.04 -27.08 -11.74
N VAL A 294 12.46 -26.83 -12.91
CA VAL A 294 13.20 -26.29 -14.05
C VAL A 294 13.39 -24.81 -13.87
N THR A 295 14.62 -24.35 -14.06
CA THR A 295 14.96 -22.95 -13.90
C THR A 295 14.04 -21.98 -14.67
N ASN A 296 13.59 -20.94 -13.99
CA ASN A 296 12.73 -19.92 -14.59
C ASN A 296 11.38 -20.48 -14.94
N GLN A 297 11.01 -21.56 -14.30
CA GLN A 297 9.73 -22.16 -14.61
C GLN A 297 8.87 -22.23 -13.36
N SER A 298 7.55 -22.15 -13.53
CA SER A 298 6.65 -22.26 -12.40
C SER A 298 5.38 -22.95 -12.88
N PHE A 299 4.51 -23.27 -11.93
CA PHE A 299 3.25 -23.91 -12.24
C PHE A 299 2.27 -23.37 -11.23
N ARG A 300 0.98 -23.56 -11.42
CA ARG A 300 0.07 -23.02 -10.44
C ARG A 300 -0.90 -24.06 -9.96
N ILE A 301 -1.36 -23.88 -8.73
CA ILE A 301 -2.37 -24.78 -8.20
C ILE A 301 -3.54 -23.86 -7.95
N THR A 302 -4.74 -24.30 -8.33
CA THR A 302 -5.92 -23.47 -8.17
C THR A 302 -6.98 -24.19 -7.37
N ILE A 303 -7.51 -23.52 -6.35
CA ILE A 303 -8.59 -24.10 -5.53
C ILE A 303 -9.87 -23.32 -5.79
N LEU A 304 -10.97 -23.92 -5.36
CA LEU A 304 -12.32 -23.37 -5.52
C LEU A 304 -12.92 -22.96 -4.17
N PRO A 305 -14.03 -22.18 -4.19
CA PRO A 305 -14.60 -21.83 -2.89
C PRO A 305 -15.04 -23.12 -2.15
N GLN A 306 -15.25 -24.22 -2.87
CA GLN A 306 -15.61 -25.45 -2.18
C GLN A 306 -14.45 -25.89 -1.27
N GLN A 307 -13.22 -25.44 -1.54
CA GLN A 307 -12.09 -25.74 -0.64
C GLN A 307 -11.98 -24.67 0.47
N TYR A 308 -12.21 -23.39 0.14
CA TYR A 308 -12.03 -22.40 1.20
C TYR A 308 -13.24 -21.94 2.05
N LEU A 309 -14.44 -22.40 1.69
CA LEU A 309 -15.65 -22.17 2.51
C LEU A 309 -15.89 -23.56 3.10
N ARG A 310 -15.52 -23.74 4.36
CA ARG A 310 -15.62 -25.01 5.07
C ARG A 310 -17.02 -25.23 5.67
N PRO A 311 -17.64 -26.39 5.40
CA PRO A 311 -18.98 -26.71 5.90
C PRO A 311 -19.08 -26.83 7.41
N VAL A 312 -20.14 -26.29 7.96
CA VAL A 312 -20.37 -26.42 9.39
C VAL A 312 -21.86 -26.69 9.64
N GLU A 313 -22.15 -27.62 10.55
CA GLU A 313 -23.54 -27.93 10.85
C GLU A 313 -24.07 -26.92 11.86
N ASP A 314 -25.05 -26.11 11.43
CA ASP A 314 -25.68 -25.14 12.32
C ASP A 314 -26.97 -25.81 12.81
N VAL A 315 -26.83 -26.56 13.91
CA VAL A 315 -27.93 -27.31 14.53
C VAL A 315 -28.24 -28.65 13.80
N ALA A 316 -29.33 -29.35 14.16
CA ALA A 316 -29.70 -30.70 13.62
C ALA A 316 -30.87 -30.91 12.63
N THR A 317 -31.82 -29.98 12.59
CA THR A 317 -32.94 -30.14 11.68
C THR A 317 -33.12 -28.86 10.85
N SER A 318 -32.02 -28.11 10.73
CA SER A 318 -31.97 -26.86 9.98
C SER A 318 -31.92 -27.18 8.51
N GLN A 319 -32.63 -26.41 7.70
CA GLN A 319 -32.60 -26.66 6.26
C GLN A 319 -31.71 -25.66 5.54
N ASP A 320 -30.55 -25.39 6.15
CA ASP A 320 -29.57 -24.47 5.61
C ASP A 320 -28.19 -25.11 5.47
N ASP A 321 -27.48 -24.69 4.43
CA ASP A 321 -26.11 -25.16 4.24
C ASP A 321 -25.26 -23.98 4.71
N CYS A 322 -24.48 -24.20 5.76
CA CYS A 322 -23.67 -23.13 6.32
C CYS A 322 -22.18 -23.43 6.22
N TYR A 323 -21.38 -22.35 6.17
CA TYR A 323 -19.93 -22.48 6.04
C TYR A 323 -19.16 -21.38 6.74
N LYS A 324 -17.89 -21.65 6.99
CA LYS A 324 -16.99 -20.68 7.58
C LYS A 324 -15.94 -20.41 6.50
N PHE A 325 -15.50 -19.17 6.42
CA PHE A 325 -14.45 -18.71 5.48
C PHE A 325 -13.13 -19.21 6.10
N ALA A 326 -12.45 -20.12 5.42
CA ALA A 326 -11.23 -20.69 5.98
C ALA A 326 -9.89 -20.13 5.47
N ILE A 327 -9.88 -18.84 5.17
CA ILE A 327 -8.65 -18.15 4.78
C ILE A 327 -8.50 -17.10 5.88
N SER A 328 -7.34 -17.07 6.53
CA SER A 328 -7.12 -16.15 7.64
C SER A 328 -5.71 -15.58 7.65
N GLN A 329 -5.44 -14.61 8.52
CA GLN A 329 -4.12 -14.01 8.52
C GLN A 329 -3.10 -14.64 9.45
N SER A 330 -1.83 -14.44 9.10
CA SER A 330 -0.71 -15.00 9.83
C SER A 330 0.39 -13.96 10.00
N SER A 331 1.13 -14.03 11.10
CA SER A 331 2.25 -13.13 11.30
C SER A 331 3.52 -14.00 11.25
N THR A 332 3.35 -15.25 10.81
CA THR A 332 4.47 -16.19 10.69
C THR A 332 4.56 -16.88 9.33
N GLY A 333 4.20 -16.14 8.27
CA GLY A 333 4.31 -16.66 6.92
C GLY A 333 3.04 -17.33 6.42
N THR A 334 3.11 -17.84 5.19
CA THR A 334 2.00 -18.53 4.59
C THR A 334 1.94 -19.98 5.07
N VAL A 335 0.73 -20.43 5.33
CA VAL A 335 0.55 -21.80 5.77
C VAL A 335 -0.49 -22.42 4.83
N MET A 336 -0.07 -23.37 4.02
CA MET A 336 -0.98 -24.04 3.12
C MET A 336 -1.53 -25.26 3.90
N GLY A 337 -2.64 -25.03 4.60
CA GLY A 337 -3.26 -26.09 5.39
C GLY A 337 -4.21 -26.94 4.59
N ALA A 338 -5.19 -27.53 5.31
CA ALA A 338 -6.19 -28.42 4.74
C ALA A 338 -6.98 -27.80 3.58
N VAL A 339 -7.17 -26.49 3.61
CA VAL A 339 -7.86 -25.79 2.54
C VAL A 339 -7.15 -26.00 1.19
N ILE A 340 -5.83 -26.03 1.22
CA ILE A 340 -5.11 -26.27 -0.01
C ILE A 340 -4.98 -27.77 -0.24
N MET A 341 -4.65 -28.50 0.82
CA MET A 341 -4.47 -29.93 0.65
C MET A 341 -5.69 -30.76 0.26
N GLU A 342 -6.89 -30.31 0.63
CA GLU A 342 -8.12 -31.01 0.27
C GLU A 342 -8.38 -30.96 -1.24
N GLY A 343 -7.65 -30.09 -1.93
CA GLY A 343 -7.86 -29.97 -3.36
C GLY A 343 -6.87 -30.80 -4.17
N PHE A 344 -5.75 -31.15 -3.54
CA PHE A 344 -4.69 -31.87 -4.25
C PHE A 344 -4.14 -33.12 -3.61
N TYR A 345 -3.53 -33.95 -4.44
CA TYR A 345 -2.84 -35.13 -3.99
C TYR A 345 -1.44 -34.52 -3.83
N VAL A 346 -0.88 -34.56 -2.61
CA VAL A 346 0.40 -33.93 -2.37
C VAL A 346 1.46 -34.95 -2.03
N VAL A 347 2.53 -34.90 -2.79
CA VAL A 347 3.59 -35.84 -2.63
C VAL A 347 4.77 -35.21 -1.95
N PHE A 348 5.12 -35.71 -0.77
CA PHE A 348 6.29 -35.22 -0.03
C PHE A 348 7.44 -36.14 -0.42
N ASP A 349 8.13 -35.75 -1.49
CA ASP A 349 9.26 -36.50 -2.02
C ASP A 349 10.54 -36.05 -1.29
N ARG A 350 10.75 -36.55 -0.07
CA ARG A 350 11.92 -36.18 0.73
C ARG A 350 13.23 -36.61 0.04
N ALA A 351 13.22 -37.80 -0.56
CA ALA A 351 14.40 -38.31 -1.26
C ALA A 351 14.94 -37.33 -2.31
N ARG A 352 14.06 -36.64 -3.03
CA ARG A 352 14.48 -35.67 -4.03
C ARG A 352 14.20 -34.24 -3.59
N LYS A 353 13.94 -34.06 -2.29
CA LYS A 353 13.73 -32.74 -1.72
C LYS A 353 12.76 -31.88 -2.57
N ARG A 354 11.54 -32.40 -2.76
CA ARG A 354 10.55 -31.70 -3.55
C ARG A 354 9.15 -32.12 -3.12
N ILE A 355 8.19 -31.28 -3.47
CA ILE A 355 6.79 -31.55 -3.17
C ILE A 355 6.02 -31.53 -4.49
N GLY A 356 5.27 -32.59 -4.75
CA GLY A 356 4.50 -32.63 -5.97
C GLY A 356 3.03 -32.37 -5.67
N PHE A 357 2.33 -31.82 -6.66
CA PHE A 357 0.90 -31.52 -6.52
C PHE A 357 0.17 -32.04 -7.76
N ALA A 358 -0.97 -32.70 -7.53
CA ALA A 358 -1.79 -33.14 -8.64
C ALA A 358 -3.22 -32.93 -8.18
N VAL A 359 -4.14 -32.68 -9.11
CA VAL A 359 -5.56 -32.50 -8.80
C VAL A 359 -6.00 -33.77 -8.08
N SER A 360 -6.67 -33.63 -6.94
CA SER A 360 -7.10 -34.80 -6.17
C SER A 360 -8.36 -35.47 -6.70
N ALA A 361 -8.33 -36.81 -6.73
CA ALA A 361 -9.48 -37.60 -7.20
C ALA A 361 -10.69 -37.46 -6.26
N CYS A 362 -10.50 -36.87 -5.09
CA CYS A 362 -11.61 -36.68 -4.17
C CYS A 362 -11.90 -35.23 -3.85
N HIS A 363 -11.28 -34.28 -4.56
CA HIS A 363 -11.56 -32.89 -4.24
C HIS A 363 -13.01 -32.56 -4.57
N VAL A 364 -13.58 -31.63 -3.81
CA VAL A 364 -14.97 -31.21 -3.94
C VAL A 364 -15.10 -30.15 -5.03
N HIS A 365 -16.11 -30.28 -5.90
CA HIS A 365 -16.33 -29.27 -6.94
C HIS A 365 -17.77 -29.36 -7.44
N ASP A 366 -18.11 -28.58 -8.46
CA ASP A 366 -19.44 -28.61 -9.03
C ASP A 366 -19.23 -28.90 -10.51
N GLU A 367 -20.30 -28.89 -11.30
CA GLU A 367 -20.19 -29.20 -12.72
C GLU A 367 -19.45 -28.12 -13.55
N PHE A 368 -19.34 -26.89 -13.03
CA PHE A 368 -18.73 -25.85 -13.86
C PHE A 368 -17.23 -25.57 -13.74
N ARG A 369 -16.67 -25.91 -12.59
CA ARG A 369 -15.29 -25.64 -12.27
C ARG A 369 -14.75 -26.80 -11.43
N THR A 370 -13.44 -26.99 -11.55
CA THR A 370 -12.72 -28.03 -10.86
C THR A 370 -11.37 -27.44 -10.38
N ALA A 371 -10.76 -28.03 -9.36
CA ALA A 371 -9.46 -27.56 -8.91
C ALA A 371 -8.50 -27.87 -10.06
N ALA A 372 -7.34 -27.25 -10.05
CA ALA A 372 -6.41 -27.46 -11.17
C ALA A 372 -4.95 -27.30 -10.78
N VAL A 373 -4.08 -27.97 -11.54
CA VAL A 373 -2.64 -27.85 -11.36
C VAL A 373 -2.18 -27.72 -12.80
N GLU A 374 -1.63 -26.54 -13.14
CA GLU A 374 -1.24 -26.22 -14.52
C GLU A 374 0.10 -25.55 -14.68
N GLY A 375 0.68 -25.75 -15.85
CA GLY A 375 1.97 -25.13 -16.14
C GLY A 375 2.49 -25.62 -17.47
N PRO A 376 3.71 -25.21 -17.86
CA PRO A 376 4.56 -24.31 -17.08
C PRO A 376 4.37 -22.83 -17.48
N PHE A 377 4.87 -21.94 -16.64
CA PHE A 377 4.82 -20.51 -16.94
C PHE A 377 6.26 -20.01 -16.90
N VAL A 378 6.60 -19.09 -17.79
CA VAL A 378 7.95 -18.58 -17.84
C VAL A 378 8.13 -17.07 -17.98
N THR A 379 7.08 -16.29 -17.74
CA THR A 379 7.16 -14.81 -17.82
C THR A 379 7.55 -14.31 -16.43
N LEU A 380 7.51 -15.26 -15.51
CA LEU A 380 7.82 -15.11 -14.10
C LEU A 380 9.14 -14.44 -13.69
N ASP A 381 9.03 -13.43 -12.83
CA ASP A 381 10.18 -12.74 -12.27
C ASP A 381 10.43 -13.45 -10.93
N MET A 382 11.36 -14.41 -10.92
CA MET A 382 11.64 -15.20 -9.71
C MET A 382 12.82 -14.91 -8.79
N GLU A 383 12.80 -15.62 -7.66
CA GLU A 383 13.75 -15.54 -6.54
C GLU A 383 14.37 -14.21 -6.17
N ASP A 384 13.76 -13.69 -5.13
CA ASP A 384 14.00 -12.44 -4.43
C ASP A 384 12.60 -12.53 -3.85
N CYS A 385 12.01 -13.71 -4.12
CA CYS A 385 10.68 -14.10 -3.66
C CYS A 385 10.88 -14.73 -2.29
N GLY A 386 12.01 -15.41 -2.12
CA GLY A 386 12.33 -16.05 -0.86
C GLY A 386 12.72 -15.01 0.17
N TYR A 387 12.37 -15.28 1.43
CA TYR A 387 12.68 -14.36 2.53
C TYR A 387 13.94 -14.78 3.29
N ASN A 388 14.63 -13.77 3.83
CA ASN A 388 15.84 -13.94 4.63
C ASN A 388 15.89 -12.84 5.66
N PHE B 2 19.74 -5.29 28.62
CA PHE B 2 19.85 -5.83 30.00
C PHE B 2 18.46 -6.00 30.59
N VAL B 3 17.71 -6.96 30.05
CA VAL B 3 16.35 -7.24 30.50
C VAL B 3 16.16 -7.35 32.00
N GLU B 4 17.15 -7.92 32.68
CA GLU B 4 17.06 -8.08 34.13
C GLU B 4 16.95 -6.75 34.86
N MET B 5 17.61 -5.73 34.34
CA MET B 5 17.61 -4.40 34.96
C MET B 5 16.56 -3.41 34.46
N VAL B 6 15.95 -3.69 33.32
CA VAL B 6 14.91 -2.81 32.81
C VAL B 6 13.75 -2.78 33.81
N ASP B 7 13.18 -1.61 33.98
CA ASP B 7 12.06 -1.39 34.91
C ASP B 7 12.36 -1.70 36.39
N ASN B 8 13.59 -1.50 36.82
CA ASN B 8 13.95 -1.78 38.22
C ASN B 8 13.80 -0.57 39.14
N LEU B 9 13.24 0.52 38.63
CA LEU B 9 13.05 1.70 39.47
C LEU B 9 11.57 1.95 39.73
N ARG B 10 11.29 2.57 40.86
CA ARG B 10 9.94 2.96 41.22
C ARG B 10 10.06 4.40 41.70
N GLY B 11 8.92 5.04 41.82
CA GLY B 11 8.89 6.43 42.25
C GLY B 11 8.07 7.28 41.30
N LYS B 12 8.06 8.58 41.55
CA LYS B 12 7.30 9.49 40.73
C LYS B 12 7.86 10.91 40.82
N SER B 13 7.31 11.77 39.96
CA SER B 13 7.67 13.18 39.87
C SER B 13 7.47 13.86 41.24
N GLY B 14 8.48 14.58 41.72
CA GLY B 14 8.39 15.24 43.01
C GLY B 14 8.63 14.35 44.23
N GLN B 15 8.64 13.03 44.04
CA GLN B 15 8.84 12.09 45.16
C GLN B 15 10.26 11.50 45.27
N GLY B 16 10.85 11.16 44.13
CA GLY B 16 12.17 10.58 44.10
C GLY B 16 12.13 9.22 43.43
N TYR B 17 13.17 8.88 42.68
CA TYR B 17 13.17 7.57 42.02
C TYR B 17 14.12 6.68 42.78
N TYR B 18 13.69 5.46 43.11
CA TYR B 18 14.55 4.56 43.90
C TYR B 18 14.66 3.11 43.40
N VAL B 19 15.73 2.45 43.84
CA VAL B 19 16.01 1.07 43.45
C VAL B 19 16.12 0.20 44.72
N GLU B 20 15.75 -1.06 44.59
CA GLU B 20 15.83 -1.95 45.72
C GLU B 20 17.28 -2.38 45.93
N MET B 21 17.69 -2.37 47.20
CA MET B 21 19.04 -2.79 47.53
C MET B 21 18.95 -3.60 48.79
N THR B 22 19.95 -4.43 49.04
CA THR B 22 19.98 -5.17 50.30
C THR B 22 21.34 -4.85 50.92
N VAL B 23 21.38 -4.75 52.24
CA VAL B 23 22.61 -4.47 52.94
C VAL B 23 22.73 -5.46 54.09
N GLY B 24 23.97 -5.82 54.42
CA GLY B 24 24.24 -6.72 55.53
C GLY B 24 23.93 -8.19 55.29
N SER B 25 24.29 -9.02 56.27
CA SER B 25 24.03 -10.46 56.20
C SER B 25 23.36 -10.90 57.51
N PRO B 26 22.17 -11.51 57.42
CA PRO B 26 21.41 -11.79 56.20
C PRO B 26 20.96 -10.47 55.52
N PRO B 27 20.56 -10.52 54.26
CA PRO B 27 20.15 -9.28 53.58
C PRO B 27 18.98 -8.52 54.19
N GLN B 28 19.16 -7.22 54.34
CA GLN B 28 18.13 -6.31 54.82
C GLN B 28 17.74 -5.50 53.58
N THR B 29 16.48 -5.59 53.17
CA THR B 29 16.01 -4.89 52.00
C THR B 29 15.68 -3.44 52.30
N LEU B 30 16.12 -2.54 51.41
CA LEU B 30 15.85 -1.12 51.58
C LEU B 30 15.67 -0.48 50.20
N ASN B 31 14.85 0.56 50.14
CA ASN B 31 14.63 1.27 48.91
C ASN B 31 15.59 2.44 48.94
N ILE B 32 16.44 2.50 47.90
CA ILE B 32 17.44 3.53 47.80
C ILE B 32 17.27 4.52 46.65
N LEU B 33 17.20 5.81 47.01
CA LEU B 33 17.05 6.89 46.05
C LEU B 33 18.30 7.02 45.22
N VAL B 34 18.14 7.12 43.91
CA VAL B 34 19.26 7.25 43.00
C VAL B 34 19.59 8.73 42.80
N ASP B 35 20.79 9.14 43.25
CA ASP B 35 21.24 10.55 43.20
C ASP B 35 22.59 10.81 42.56
N THR B 36 22.60 11.30 41.31
CA THR B 36 23.86 11.61 40.64
C THR B 36 24.39 12.99 41.10
N GLY B 37 23.70 13.62 42.05
CA GLY B 37 24.14 14.91 42.56
C GLY B 37 24.98 14.82 43.84
N SER B 38 25.39 13.62 44.20
CA SER B 38 26.18 13.49 45.41
C SER B 38 26.92 12.17 45.36
N SER B 39 27.77 11.92 46.35
CA SER B 39 28.59 10.73 46.33
C SER B 39 28.61 9.85 47.59
N ASN B 40 27.69 10.08 48.52
CA ASN B 40 27.60 9.25 49.70
C ASN B 40 26.46 8.23 49.64
N PHE B 41 26.76 7.00 50.06
CA PHE B 41 25.74 5.95 50.16
C PHE B 41 25.39 6.01 51.63
N ALA B 42 24.10 6.26 51.92
CA ALA B 42 23.63 6.41 53.29
C ALA B 42 22.22 5.85 53.43
N VAL B 43 21.93 5.30 54.60
CA VAL B 43 20.61 4.71 54.85
C VAL B 43 20.10 5.02 56.25
N GLY B 44 18.79 5.17 56.40
CA GLY B 44 18.22 5.42 57.71
C GLY B 44 18.65 4.25 58.58
N ALA B 45 19.07 4.52 59.82
CA ALA B 45 19.53 3.45 60.71
C ALA B 45 18.90 3.51 62.11
N ALA B 46 17.82 4.26 62.22
CA ALA B 46 17.12 4.39 63.49
C ALA B 46 15.72 4.85 63.10
N PRO B 47 14.72 4.63 63.98
CA PRO B 47 13.34 5.04 63.65
C PRO B 47 13.14 6.51 63.27
N HIS B 48 12.14 6.74 62.41
CA HIS B 48 11.82 8.07 61.94
C HIS B 48 10.35 8.08 61.50
N PRO B 49 9.66 9.21 61.69
CA PRO B 49 8.25 9.32 61.30
C PRO B 49 7.95 8.87 59.88
N PHE B 50 8.91 9.08 58.98
CA PHE B 50 8.69 8.74 57.56
C PHE B 50 9.32 7.45 57.07
N LEU B 51 9.98 6.72 57.95
CA LEU B 51 10.64 5.47 57.53
C LEU B 51 9.84 4.24 57.92
N HIS B 52 9.59 3.36 56.96
CA HIS B 52 8.85 2.15 57.27
C HIS B 52 9.82 1.09 57.76
N ARG B 53 11.10 1.29 57.43
CA ARG B 53 12.16 0.37 57.84
C ARG B 53 13.50 1.08 57.82
N TYR B 54 14.51 0.42 58.37
CA TYR B 54 15.82 1.02 58.40
C TYR B 54 16.86 -0.03 58.70
N TYR B 55 18.11 0.33 58.43
CA TYR B 55 19.28 -0.50 58.60
C TYR B 55 19.58 -0.83 60.05
N GLN B 56 19.64 -2.12 60.34
CA GLN B 56 19.95 -2.57 61.71
C GLN B 56 21.32 -3.24 61.72
N ARG B 57 22.34 -2.45 62.03
CA ARG B 57 23.70 -2.92 62.04
C ARG B 57 23.91 -4.09 63.00
N GLN B 58 23.37 -3.99 64.21
CA GLN B 58 23.52 -5.06 65.19
C GLN B 58 23.07 -6.43 64.65
N LEU B 59 22.21 -6.45 63.62
CA LEU B 59 21.75 -7.71 63.06
C LEU B 59 22.57 -8.16 61.83
N SER B 60 23.59 -7.39 61.46
CA SER B 60 24.38 -7.82 60.31
C SER B 60 25.70 -8.39 60.75
N SER B 61 26.01 -9.60 60.28
CA SER B 61 27.25 -10.25 60.70
C SER B 61 28.48 -9.75 59.96
N THR B 62 28.23 -8.97 58.92
CA THR B 62 29.32 -8.48 58.09
C THR B 62 29.56 -6.99 58.26
N TYR B 63 28.81 -6.38 59.15
CA TYR B 63 28.97 -4.95 59.40
C TYR B 63 30.32 -4.65 60.06
N ARG B 64 30.99 -3.61 59.59
CA ARG B 64 32.29 -3.20 60.15
C ARG B 64 32.14 -1.73 60.58
N ASP B 65 32.40 -1.47 61.85
CA ASP B 65 32.28 -0.14 62.44
C ASP B 65 33.56 0.64 62.20
N LEU B 66 33.47 1.74 61.45
CA LEU B 66 34.65 2.53 61.17
C LEU B 66 34.90 3.56 62.28
N ARG B 67 34.01 3.59 63.26
CA ARG B 67 34.16 4.51 64.40
C ARG B 67 34.38 5.96 64.02
N LYS B 68 33.61 6.48 63.07
CA LYS B 68 33.80 7.86 62.68
C LYS B 68 32.46 8.37 62.20
N GLY B 69 32.18 9.64 62.50
CA GLY B 69 30.93 10.26 62.12
C GLY B 69 31.05 10.98 60.80
N VAL B 70 29.91 11.30 60.22
CA VAL B 70 29.84 11.97 58.92
C VAL B 70 28.60 12.89 58.88
N TYR B 71 28.74 14.02 58.20
CA TYR B 71 27.67 15.01 58.08
C TYR B 71 27.51 15.33 56.61
N VAL B 72 26.28 15.31 56.11
CA VAL B 72 26.04 15.64 54.70
C VAL B 72 24.93 16.66 54.52
N PRO B 73 25.30 17.86 54.07
CA PRO B 73 24.28 18.88 53.86
C PRO B 73 24.00 19.01 52.36
N TYR B 74 22.73 18.91 51.97
CA TYR B 74 22.36 19.05 50.55
C TYR B 74 21.68 20.42 50.35
N THR B 75 21.42 20.77 49.10
CA THR B 75 20.74 22.03 48.85
C THR B 75 19.40 21.96 49.60
N GLN B 76 18.86 20.76 49.72
CA GLN B 76 17.60 20.55 50.45
C GLN B 76 17.82 19.38 51.40
N GLY B 77 17.69 19.63 52.68
CA GLY B 77 17.87 18.56 53.64
C GLY B 77 19.31 18.30 54.00
N LYS B 78 19.51 17.57 55.08
CA LYS B 78 20.85 17.23 55.54
C LYS B 78 20.69 16.12 56.55
N TRP B 79 21.72 15.33 56.75
CA TRP B 79 21.70 14.26 57.74
C TRP B 79 23.09 14.09 58.34
N GLU B 80 23.15 13.36 59.45
CA GLU B 80 24.36 13.10 60.19
C GLU B 80 24.33 11.62 60.50
N GLY B 81 25.48 10.97 60.52
CA GLY B 81 25.49 9.55 60.80
C GLY B 81 26.84 8.97 61.20
N GLU B 82 26.88 7.65 61.24
CA GLU B 82 28.08 6.90 61.60
C GLU B 82 28.49 6.00 60.44
N LEU B 83 29.79 6.05 60.13
CA LEU B 83 30.37 5.32 59.02
C LEU B 83 30.75 3.89 59.37
N GLY B 84 30.52 3.00 58.40
CA GLY B 84 30.85 1.60 58.50
C GLY B 84 30.92 1.05 57.08
N THR B 85 31.10 -0.26 56.94
CA THR B 85 31.09 -0.90 55.60
C THR B 85 30.28 -2.16 55.83
N ASP B 86 29.70 -2.69 54.76
CA ASP B 86 28.92 -3.91 54.86
C ASP B 86 28.76 -4.45 53.46
N LEU B 87 28.26 -5.66 53.33
CA LEU B 87 28.10 -6.20 52.01
C LEU B 87 26.77 -5.65 51.45
N VAL B 88 26.79 -5.31 50.16
CA VAL B 88 25.64 -4.73 49.51
C VAL B 88 25.30 -5.43 48.22
N SER B 89 24.00 -5.62 47.98
CA SER B 89 23.51 -6.26 46.75
C SER B 89 22.38 -5.46 46.12
N ILE B 90 22.15 -5.73 44.84
CA ILE B 90 21.09 -5.07 44.09
C ILE B 90 20.35 -6.20 43.36
N PRO B 91 19.21 -6.64 43.93
CA PRO B 91 18.37 -7.71 43.38
C PRO B 91 18.10 -7.64 41.89
N HIS B 92 17.76 -6.45 41.40
CA HIS B 92 17.49 -6.28 39.97
C HIS B 92 18.58 -5.46 39.30
N GLY B 93 19.81 -5.73 39.71
CA GLY B 93 20.97 -5.07 39.14
C GLY B 93 21.89 -6.21 38.73
N PRO B 94 23.19 -5.97 38.59
CA PRO B 94 24.05 -7.09 38.20
C PRO B 94 24.20 -8.10 39.34
N ASN B 95 24.43 -9.37 38.98
CA ASN B 95 24.54 -10.43 39.99
C ASN B 95 25.88 -10.39 40.72
N VAL B 96 26.03 -9.43 41.62
CA VAL B 96 27.26 -9.29 42.40
C VAL B 96 26.99 -8.76 43.81
N THR B 97 28.00 -8.90 44.65
CA THR B 97 27.96 -8.42 46.01
C THR B 97 29.22 -7.59 46.21
N VAL B 98 29.13 -6.46 46.89
CA VAL B 98 30.32 -5.66 47.10
C VAL B 98 30.40 -5.14 48.53
N ARG B 99 31.62 -4.96 49.04
CA ARG B 99 31.72 -4.41 50.37
C ARG B 99 31.86 -2.93 50.09
N ALA B 100 30.95 -2.12 50.62
CA ALA B 100 30.95 -0.71 50.36
C ALA B 100 30.83 0.12 51.62
N ASN B 101 31.20 1.39 51.52
CA ASN B 101 31.05 2.28 52.65
C ASN B 101 29.56 2.57 52.82
N ILE B 102 29.11 2.69 54.05
CA ILE B 102 27.72 3.01 54.28
C ILE B 102 27.63 4.00 55.41
N ALA B 103 26.89 5.08 55.20
CA ALA B 103 26.67 6.06 56.26
C ALA B 103 25.34 5.69 56.95
N ALA B 104 25.38 5.32 58.23
CA ALA B 104 24.16 4.95 58.96
C ALA B 104 23.57 6.22 59.55
N ILE B 105 22.47 6.68 58.96
CA ILE B 105 21.83 7.90 59.38
C ILE B 105 21.19 7.80 60.76
N THR B 106 21.59 8.69 61.68
CA THR B 106 21.05 8.67 63.04
C THR B 106 20.27 9.95 63.37
N GLU B 107 20.50 10.99 62.60
CA GLU B 107 19.79 12.26 62.79
C GLU B 107 19.64 12.89 61.41
N SER B 108 18.49 13.48 61.13
CA SER B 108 18.27 14.11 59.82
C SER B 108 17.29 15.27 59.90
N ASP B 109 17.32 16.13 58.90
CA ASP B 109 16.40 17.25 58.87
C ASP B 109 15.95 17.58 57.47
N LYS B 110 14.65 17.44 57.21
CA LYS B 110 14.10 17.76 55.89
C LYS B 110 14.71 16.93 54.76
N PHE B 111 15.17 15.74 55.11
CA PHE B 111 15.78 14.82 54.14
C PHE B 111 14.76 13.78 53.68
N PHE B 112 14.31 12.95 54.61
CA PHE B 112 13.32 11.93 54.29
C PHE B 112 12.01 12.61 53.96
N ILE B 113 11.31 12.05 52.99
CA ILE B 113 10.05 12.59 52.48
C ILE B 113 8.89 11.64 52.82
N ASN B 114 7.93 12.12 53.60
CA ASN B 114 6.82 11.28 54.01
C ASN B 114 6.09 10.70 52.82
N GLY B 115 5.94 9.38 52.81
CA GLY B 115 5.26 8.69 51.74
C GLY B 115 6.08 8.41 50.50
N SER B 116 7.36 8.79 50.53
CA SER B 116 8.25 8.58 49.38
C SER B 116 8.57 7.11 49.12
N ASN B 117 8.54 6.33 50.20
CA ASN B 117 8.84 4.91 50.18
C ASN B 117 10.33 4.58 50.02
N TRP B 118 11.23 5.56 50.12
CA TRP B 118 12.68 5.26 50.07
C TRP B 118 13.27 5.56 51.44
N GLU B 119 14.29 4.78 51.80
CA GLU B 119 14.88 4.88 53.12
C GLU B 119 16.36 5.21 53.12
N GLY B 120 16.93 5.37 51.94
CA GLY B 120 18.32 5.70 51.84
C GLY B 120 18.58 6.42 50.52
N ILE B 121 19.84 6.73 50.29
CA ILE B 121 20.21 7.43 49.09
C ILE B 121 21.53 6.87 48.59
N LEU B 122 21.61 6.71 47.27
CA LEU B 122 22.82 6.21 46.62
C LEU B 122 23.47 7.31 45.77
N GLY B 123 24.51 7.93 46.32
CA GLY B 123 25.21 8.98 45.60
C GLY B 123 26.11 8.34 44.55
N LEU B 124 25.82 8.66 43.30
CA LEU B 124 26.55 8.09 42.17
C LEU B 124 27.65 8.98 41.55
N ALA B 125 27.92 10.14 42.14
CA ALA B 125 28.93 11.04 41.60
C ALA B 125 30.33 10.68 42.14
N TYR B 126 31.31 11.51 41.86
CA TYR B 126 32.69 11.19 42.24
C TYR B 126 33.16 11.46 43.67
N ALA B 127 34.28 10.83 44.02
CA ALA B 127 34.85 10.92 45.37
C ALA B 127 35.14 12.35 45.79
N GLU B 128 35.57 13.16 44.82
CA GLU B 128 35.89 14.55 45.10
C GLU B 128 34.86 15.21 46.02
N ILE B 129 33.57 14.90 45.85
CA ILE B 129 32.55 15.54 46.69
C ILE B 129 31.93 14.72 47.80
N ALA B 130 32.50 13.55 48.09
CA ALA B 130 31.99 12.74 49.18
C ALA B 130 32.38 13.41 50.50
N ARG B 131 31.60 13.15 51.53
CA ARG B 131 31.92 13.67 52.85
C ARG B 131 32.31 12.40 53.60
N PRO B 132 33.23 12.49 54.57
CA PRO B 132 33.95 13.67 55.04
C PRO B 132 34.95 14.23 54.04
N ASP B 133 35.49 13.36 53.19
CA ASP B 133 36.50 13.79 52.25
C ASP B 133 36.60 12.77 51.13
N ASP B 134 37.37 13.08 50.10
CA ASP B 134 37.51 12.19 48.96
C ASP B 134 38.15 10.86 49.29
N SER B 135 38.45 10.62 50.56
CA SER B 135 39.03 9.33 50.95
C SER B 135 37.91 8.30 51.11
N LEU B 136 36.67 8.76 51.27
CA LEU B 136 35.56 7.85 51.44
C LEU B 136 35.10 7.40 50.06
N GLU B 137 35.51 6.19 49.67
CA GLU B 137 35.19 5.66 48.36
C GLU B 137 33.69 5.53 48.07
N PRO B 138 33.23 6.14 46.98
CA PRO B 138 31.79 6.03 46.67
C PRO B 138 31.43 4.62 46.22
N PHE B 139 30.15 4.27 46.35
CA PHE B 139 29.67 2.95 45.99
C PHE B 139 29.99 2.46 44.55
N PHE B 140 29.75 3.29 43.53
CA PHE B 140 30.01 2.83 42.18
C PHE B 140 31.51 2.52 41.98
N ASP B 141 32.38 3.26 42.65
CA ASP B 141 33.81 3.03 42.56
C ASP B 141 34.15 1.69 43.17
N SER B 142 33.56 1.38 44.32
CA SER B 142 33.83 0.09 44.95
C SER B 142 33.34 -1.01 43.99
N LEU B 143 32.12 -0.83 43.49
CA LEU B 143 31.48 -1.77 42.57
C LEU B 143 32.40 -2.12 41.37
N VAL B 144 32.90 -1.10 40.68
CA VAL B 144 33.77 -1.29 39.55
C VAL B 144 35.11 -1.96 39.98
N LYS B 145 35.67 -1.55 41.12
CA LYS B 145 36.93 -2.15 41.59
C LYS B 145 36.78 -3.63 41.97
N GLN B 146 35.66 -3.98 42.61
CA GLN B 146 35.46 -5.34 43.09
C GLN B 146 34.81 -6.34 42.14
N THR B 147 34.42 -5.89 40.95
CA THR B 147 33.78 -6.78 40.00
C THR B 147 34.19 -6.44 38.57
N HIS B 148 33.58 -7.13 37.59
CA HIS B 148 33.86 -6.87 36.19
C HIS B 148 32.72 -6.03 35.58
N VAL B 149 31.93 -5.37 36.42
CA VAL B 149 30.85 -4.53 35.90
C VAL B 149 31.50 -3.33 35.21
N PRO B 150 31.14 -3.05 33.95
CA PRO B 150 31.72 -1.90 33.24
C PRO B 150 31.54 -0.58 33.99
N ASN B 151 32.48 0.35 33.80
CA ASN B 151 32.43 1.65 34.48
C ASN B 151 31.47 2.62 33.79
N LEU B 152 30.19 2.29 33.85
CA LEU B 152 29.16 3.08 33.22
C LEU B 152 27.81 2.65 33.76
N PHE B 153 26.86 3.59 33.83
CA PHE B 153 25.49 3.28 34.24
C PHE B 153 24.56 4.22 33.44
N SER B 154 23.31 3.83 33.26
CA SER B 154 22.40 4.67 32.50
C SER B 154 21.06 4.77 33.22
N LEU B 155 20.39 5.92 33.06
CA LEU B 155 19.14 6.18 33.75
C LEU B 155 17.97 6.65 32.89
N GLN B 156 16.82 6.03 33.12
CA GLN B 156 15.57 6.37 32.46
C GLN B 156 14.61 6.58 33.64
N LEU B 157 14.26 7.83 33.90
CA LEU B 157 13.36 8.17 35.00
C LEU B 157 12.04 8.50 34.30
N CYS B 158 10.97 7.84 34.73
CA CYS B 158 9.69 8.01 34.06
C CYS B 158 8.59 8.74 34.85
N GLY B 159 8.31 9.98 34.45
CA GLY B 159 7.25 10.74 35.10
C GLY B 159 5.93 10.31 34.47
N ALA B 160 4.82 10.50 35.15
CA ALA B 160 3.56 10.06 34.54
C ALA B 160 2.75 11.12 33.80
N GLY B 161 2.96 12.39 34.12
CA GLY B 161 2.15 13.40 33.46
C GLY B 161 0.81 13.62 34.18
N PHE B 162 0.58 12.82 35.23
CA PHE B 162 -0.62 12.93 36.06
C PHE B 162 -0.32 12.38 37.46
N PRO B 163 -1.14 12.74 38.46
CA PRO B 163 -0.92 12.26 39.84
C PRO B 163 -1.09 10.76 40.03
N LEU B 164 -0.35 10.19 40.98
CA LEU B 164 -0.45 8.76 41.26
C LEU B 164 -0.58 8.59 42.77
N ASN B 165 -1.52 7.79 43.25
CA ASN B 165 -1.62 7.64 44.69
C ASN B 165 -0.63 6.56 45.17
N GLN B 166 -0.51 6.38 46.49
CA GLN B 166 0.45 5.45 47.08
C GLN B 166 0.46 4.04 46.51
N SER B 167 -0.74 3.48 46.31
CA SER B 167 -0.89 2.12 45.77
C SER B 167 -0.37 2.04 44.33
N GLU B 168 -0.67 3.09 43.57
CA GLU B 168 -0.25 3.17 42.18
C GLU B 168 1.27 3.25 42.10
N VAL B 169 1.87 4.14 42.88
CA VAL B 169 3.32 4.27 42.83
C VAL B 169 4.01 2.99 43.24
N LEU B 170 3.41 2.24 44.17
CA LEU B 170 4.01 0.98 44.57
C LEU B 170 3.79 -0.09 43.50
N ALA B 171 2.74 0.06 42.70
CA ALA B 171 2.40 -0.93 41.67
C ALA B 171 2.92 -0.65 40.25
N SER B 172 3.51 0.53 40.06
CA SER B 172 4.03 0.97 38.74
C SER B 172 5.56 1.03 38.58
N VAL B 173 5.98 1.00 37.33
CA VAL B 173 7.37 1.11 37.01
C VAL B 173 7.76 2.59 36.98
N GLY B 174 8.84 2.94 37.65
CA GLY B 174 9.24 4.32 37.67
C GLY B 174 10.41 4.62 36.77
N GLY B 175 10.95 3.59 36.11
CA GLY B 175 12.08 3.78 35.22
C GLY B 175 13.11 2.65 35.34
N SER B 176 14.30 2.91 34.81
CA SER B 176 15.36 1.93 34.85
C SER B 176 16.76 2.49 35.15
N MET B 177 17.54 1.72 35.88
CA MET B 177 18.93 2.07 36.12
C MET B 177 19.68 0.85 35.60
N ILE B 178 20.32 1.01 34.44
CA ILE B 178 21.08 -0.10 33.87
C ILE B 178 22.53 0.07 34.34
N ILE B 179 22.95 -0.83 35.21
CA ILE B 179 24.28 -0.78 35.79
C ILE B 179 25.25 -1.59 34.93
N GLY B 180 26.18 -0.89 34.28
CA GLY B 180 27.15 -1.58 33.46
C GLY B 180 26.87 -1.51 31.97
N GLY B 181 25.73 -0.96 31.58
CA GLY B 181 25.42 -0.88 30.16
C GLY B 181 24.34 0.09 29.72
N ILE B 182 23.99 -0.04 28.43
CA ILE B 182 22.97 0.74 27.74
C ILE B 182 21.90 -0.21 27.19
N ASP B 183 20.63 0.17 27.27
CA ASP B 183 19.59 -0.72 26.73
C ASP B 183 18.79 0.06 25.70
N HIS B 184 18.85 -0.41 24.45
CA HIS B 184 18.19 0.25 23.33
C HIS B 184 16.69 0.39 23.43
N SER B 185 16.03 -0.39 24.30
CA SER B 185 14.59 -0.29 24.41
C SER B 185 14.15 0.93 25.24
N LEU B 186 15.11 1.62 25.84
CA LEU B 186 14.79 2.76 26.69
C LEU B 186 14.76 4.10 25.97
N TYR B 187 15.26 4.13 24.74
CA TYR B 187 15.27 5.37 23.97
C TYR B 187 15.03 5.16 22.48
N THR B 188 14.80 6.26 21.78
CA THR B 188 14.61 6.21 20.34
C THR B 188 15.59 7.21 19.73
N GLY B 189 15.87 7.06 18.45
CA GLY B 189 16.77 7.99 17.81
C GLY B 189 18.18 7.76 18.29
N SER B 190 19.00 8.78 18.11
CA SER B 190 20.40 8.69 18.48
C SER B 190 20.74 9.19 19.87
N LEU B 191 21.88 8.70 20.35
CA LEU B 191 22.45 9.10 21.62
C LEU B 191 23.51 10.11 21.21
N TRP B 192 23.51 11.27 21.86
CA TRP B 192 24.49 12.30 21.62
C TRP B 192 25.26 12.48 22.93
N TYR B 193 26.57 12.63 22.84
CA TYR B 193 27.37 12.79 24.04
C TYR B 193 28.01 14.15 24.27
N THR B 194 28.04 14.55 25.53
CA THR B 194 28.66 15.79 25.93
C THR B 194 29.73 15.39 26.94
N PRO B 195 30.87 16.08 26.89
CA PRO B 195 31.97 15.79 27.82
C PRO B 195 31.68 16.10 29.28
N ILE B 196 32.22 15.29 30.19
CA ILE B 196 32.10 15.58 31.62
C ILE B 196 33.31 16.51 31.75
N ARG B 197 33.05 17.77 32.07
CA ARG B 197 34.12 18.75 32.16
C ARG B 197 35.14 18.38 33.23
N ARG B 198 34.65 17.91 34.38
CA ARG B 198 35.52 17.57 35.48
C ARG B 198 34.78 16.54 36.30
N GLU B 199 35.52 15.61 36.86
CA GLU B 199 34.93 14.54 37.64
C GLU B 199 34.75 14.78 39.14
N TRP B 200 33.66 15.44 39.52
CA TRP B 200 33.33 15.64 40.92
C TRP B 200 31.79 15.46 40.90
N TYR B 201 31.07 16.48 40.46
CA TYR B 201 29.63 16.38 40.24
C TYR B 201 29.70 15.89 38.80
N TYR B 202 28.55 15.60 38.17
CA TYR B 202 28.61 15.24 36.75
C TYR B 202 28.40 16.61 36.11
N GLU B 203 29.52 17.32 35.96
CA GLU B 203 29.53 18.68 35.43
C GLU B 203 29.61 18.74 33.91
N VAL B 204 28.79 19.59 33.31
CA VAL B 204 28.79 19.75 31.86
C VAL B 204 28.76 21.24 31.51
N ILE B 205 28.76 21.54 30.21
CA ILE B 205 28.72 22.93 29.78
C ILE B 205 27.59 23.17 28.78
N ILE B 206 26.71 24.10 29.11
CA ILE B 206 25.59 24.48 28.26
C ILE B 206 26.10 25.68 27.45
N VAL B 207 25.86 25.71 26.15
CA VAL B 207 26.38 26.79 25.32
C VAL B 207 25.36 27.73 24.70
N ARG B 208 24.09 27.33 24.74
CA ARG B 208 23.02 28.15 24.19
C ARG B 208 21.74 27.65 24.81
N VAL B 209 20.81 28.57 25.02
CA VAL B 209 19.50 28.22 25.56
C VAL B 209 18.44 28.89 24.71
N GLU B 210 17.39 28.15 24.35
CA GLU B 210 16.30 28.68 23.54
C GLU B 210 14.95 28.43 24.21
N ILE B 211 13.99 29.29 23.90
CA ILE B 211 12.62 29.14 24.41
C ILE B 211 11.82 29.23 23.11
N ASN B 212 11.16 28.12 22.76
CA ASN B 212 10.43 28.00 21.51
C ASN B 212 11.32 28.48 20.34
N GLY B 213 12.56 28.04 20.34
CA GLY B 213 13.49 28.40 19.28
C GLY B 213 14.10 29.81 19.37
N GLN B 214 13.63 30.59 20.33
CA GLN B 214 14.16 31.94 20.47
C GLN B 214 15.33 31.92 21.46
N ASP B 215 16.50 32.32 20.95
CA ASP B 215 17.75 32.35 21.73
C ASP B 215 17.63 33.30 22.93
N LEU B 216 17.97 32.81 24.12
CA LEU B 216 17.93 33.64 25.31
C LEU B 216 19.04 34.70 25.15
N LYS B 217 20.01 34.40 24.30
CA LYS B 217 21.08 35.33 23.98
C LYS B 217 21.90 35.94 25.12
N MET B 218 22.35 35.15 26.06
CA MET B 218 23.16 35.71 27.13
C MET B 218 24.55 35.19 26.87
N ASP B 219 25.54 35.78 27.54
CA ASP B 219 26.92 35.32 27.45
C ASP B 219 26.79 33.89 27.98
N CYS B 220 27.24 32.92 27.19
CA CYS B 220 27.12 31.51 27.56
C CYS B 220 27.77 31.14 28.90
N LYS B 221 28.64 32.00 29.41
CA LYS B 221 29.26 31.74 30.71
C LYS B 221 28.18 31.84 31.78
N GLU B 222 27.16 32.67 31.53
CA GLU B 222 26.07 32.87 32.50
C GLU B 222 25.32 31.58 32.78
N TYR B 223 25.22 30.72 31.76
CA TYR B 223 24.48 29.45 31.88
C TYR B 223 25.13 28.42 32.79
N ASN B 224 26.45 28.52 32.93
CA ASN B 224 27.18 27.59 33.77
C ASN B 224 27.79 28.39 34.90
N TYR B 225 27.14 29.50 35.22
CA TYR B 225 27.65 30.37 36.25
C TYR B 225 27.67 29.67 37.57
N ASP B 226 28.91 29.25 37.85
CA ASP B 226 29.34 28.51 38.99
C ASP B 226 29.65 27.18 38.31
N LYS B 227 28.59 26.46 37.98
CA LYS B 227 28.70 25.15 37.33
C LYS B 227 27.34 24.69 36.79
N SER B 228 27.38 23.63 36.00
CA SER B 228 26.16 23.03 35.47
C SER B 228 26.33 21.54 35.70
N ILE B 229 25.35 20.94 36.38
CA ILE B 229 25.44 19.54 36.71
C ILE B 229 24.16 18.77 36.41
N VAL B 230 24.31 17.46 36.24
CA VAL B 230 23.19 16.57 36.01
C VAL B 230 22.93 15.92 37.38
N ASP B 231 21.73 16.12 37.92
CA ASP B 231 21.40 15.66 39.28
C ASP B 231 20.07 14.97 39.40
N SER B 232 20.09 13.64 39.38
CA SER B 232 18.88 12.87 39.49
C SER B 232 18.17 13.03 40.84
N GLY B 233 18.85 13.61 41.82
CA GLY B 233 18.26 13.78 43.14
C GLY B 233 17.53 15.09 43.36
N THR B 234 17.52 15.96 42.35
CA THR B 234 16.84 17.26 42.41
C THR B 234 15.58 17.24 41.54
N THR B 235 14.47 17.71 42.07
CA THR B 235 13.24 17.69 41.30
C THR B 235 13.31 18.58 40.04
N ASN B 236 13.58 19.86 40.27
CA ASN B 236 13.58 20.90 39.23
C ASN B 236 14.74 21.07 38.27
N LEU B 237 14.49 21.94 37.30
CA LEU B 237 15.49 22.40 36.36
C LEU B 237 15.76 23.69 37.13
N ARG B 238 16.97 23.81 37.67
CA ARG B 238 17.35 24.98 38.44
C ARG B 238 18.32 25.78 37.61
N LEU B 239 18.13 27.10 37.60
CA LEU B 239 18.97 27.97 36.81
C LEU B 239 19.54 29.18 37.59
N PRO B 240 20.75 29.63 37.23
CA PRO B 240 21.37 30.79 37.90
C PRO B 240 20.36 31.96 37.85
N LYS B 241 20.28 32.72 38.94
CA LYS B 241 19.37 33.87 39.01
C LYS B 241 19.13 34.67 37.71
N LYS B 242 20.20 35.09 37.03
CA LYS B 242 20.02 35.91 35.83
C LYS B 242 19.39 35.12 34.68
N VAL B 243 19.79 33.87 34.55
CA VAL B 243 19.27 33.04 33.48
C VAL B 243 17.82 32.75 33.83
N PHE B 244 17.57 32.50 35.12
CA PHE B 244 16.23 32.21 35.56
C PHE B 244 15.23 33.31 35.20
N GLU B 245 15.57 34.55 35.54
CA GLU B 245 14.70 35.69 35.28
C GLU B 245 14.46 35.88 33.79
N ALA B 246 15.51 35.72 32.99
CA ALA B 246 15.37 35.86 31.54
C ALA B 246 14.49 34.74 30.99
N ALA B 247 14.75 33.52 31.46
CA ALA B 247 13.98 32.38 31.02
C ALA B 247 12.50 32.60 31.35
N VAL B 248 12.22 32.94 32.60
CA VAL B 248 10.84 33.16 33.03
C VAL B 248 10.14 34.25 32.22
N LYS B 249 10.85 35.35 31.93
CA LYS B 249 10.29 36.44 31.14
C LYS B 249 9.86 35.89 29.76
N SER B 250 10.75 35.14 29.11
CA SER B 250 10.40 34.58 27.82
C SER B 250 9.26 33.53 27.90
N ILE B 251 9.22 32.71 28.95
CA ILE B 251 8.14 31.72 29.07
C ILE B 251 6.81 32.46 29.28
N LYS B 252 6.82 33.49 30.13
CA LYS B 252 5.62 34.32 30.35
C LYS B 252 5.14 34.93 29.03
N ALA B 253 6.06 35.53 28.28
CA ALA B 253 5.72 36.13 27.00
C ALA B 253 5.09 35.10 26.03
N ALA B 254 5.67 33.91 25.98
CA ALA B 254 5.17 32.85 25.11
C ALA B 254 3.79 32.33 25.47
N SER B 255 3.49 32.35 26.77
CA SER B 255 2.21 31.83 27.25
C SER B 255 1.25 32.92 27.73
N SER B 256 1.47 34.15 27.33
CA SER B 256 0.66 35.25 27.80
C SER B 256 -0.82 35.25 27.44
N THR B 257 -1.26 34.32 26.60
CA THR B 257 -2.70 34.30 26.27
C THR B 257 -3.44 33.97 27.56
N GLU B 258 -2.70 33.48 28.56
CA GLU B 258 -3.28 33.17 29.86
C GLU B 258 -2.40 33.79 30.92
N LYS B 259 -3.02 34.29 31.98
CA LYS B 259 -2.28 34.95 33.06
C LYS B 259 -2.27 34.09 34.31
N PHE B 260 -1.10 33.96 34.94
CA PHE B 260 -0.95 33.15 36.14
C PHE B 260 -0.40 34.01 37.28
N PRO B 261 -0.85 33.73 38.53
CA PRO B 261 -0.35 34.53 39.66
C PRO B 261 1.14 34.32 39.88
N ASP B 262 1.83 35.38 40.31
CA ASP B 262 3.26 35.32 40.57
C ASP B 262 3.66 34.12 41.42
N GLY B 263 2.75 33.67 42.29
CA GLY B 263 3.04 32.52 43.15
C GLY B 263 3.33 31.28 42.32
N PHE B 264 2.69 31.21 41.16
CA PHE B 264 2.90 30.07 40.28
C PHE B 264 4.32 30.06 39.73
N TRP B 265 4.82 31.21 39.25
CA TRP B 265 6.15 31.25 38.69
C TRP B 265 7.24 31.06 39.73
N LEU B 266 6.87 31.17 41.00
CA LEU B 266 7.83 30.94 42.09
C LEU B 266 7.84 29.47 42.48
N GLY B 267 6.94 28.70 41.87
CA GLY B 267 6.86 27.28 42.18
C GLY B 267 6.10 26.96 43.45
N GLU B 268 5.47 27.97 44.02
CA GLU B 268 4.74 27.80 45.27
C GLU B 268 3.30 27.43 45.13
N GLN B 269 2.63 27.94 44.11
CA GLN B 269 1.24 27.57 44.00
C GLN B 269 0.92 26.86 42.71
N LEU B 270 0.10 25.84 42.82
CA LEU B 270 -0.23 25.10 41.63
C LEU B 270 -1.20 25.89 40.78
N VAL B 271 -1.31 25.45 39.53
CA VAL B 271 -2.23 26.03 38.57
C VAL B 271 -3.11 24.83 38.18
N CYS B 272 -4.40 25.09 38.05
CA CYS B 272 -5.36 24.05 37.72
C CYS B 272 -6.26 24.39 36.54
N TRP B 273 -6.58 23.38 35.75
CA TRP B 273 -7.47 23.53 34.60
C TRP B 273 -8.54 22.42 34.65
N GLN B 274 -9.70 22.70 34.07
CA GLN B 274 -10.75 21.71 34.03
C GLN B 274 -10.13 20.43 33.45
N ALA B 275 -10.57 19.28 33.96
CA ALA B 275 -10.05 18.00 33.53
C ALA B 275 -9.87 17.90 32.00
N GLY B 276 -8.67 17.47 31.60
CA GLY B 276 -8.36 17.27 30.20
C GLY B 276 -8.09 18.52 29.38
N THR B 277 -8.34 19.70 29.94
CA THR B 277 -8.14 20.95 29.20
C THR B 277 -6.79 21.67 29.37
N THR B 278 -5.80 21.02 29.97
CA THR B 278 -4.51 21.68 30.12
C THR B 278 -4.07 22.19 28.74
N PRO B 279 -3.80 23.50 28.62
CA PRO B 279 -3.39 24.10 27.34
C PRO B 279 -1.88 23.98 27.06
N TRP B 280 -1.38 22.76 26.91
CA TRP B 280 0.04 22.55 26.68
C TRP B 280 0.61 23.40 25.56
N ASN B 281 -0.14 23.49 24.44
CA ASN B 281 0.34 24.23 23.28
C ASN B 281 0.65 25.71 23.54
N ILE B 282 0.13 26.32 24.60
CA ILE B 282 0.47 27.72 24.79
C ILE B 282 1.84 27.89 25.43
N PHE B 283 2.33 26.83 26.07
CA PHE B 283 3.63 26.82 26.72
C PHE B 283 4.74 26.42 25.72
N PRO B 284 5.86 27.13 25.73
CA PRO B 284 6.97 26.85 24.83
C PRO B 284 7.82 25.64 25.19
N VAL B 285 8.51 25.11 24.18
CA VAL B 285 9.44 24.02 24.44
C VAL B 285 10.73 24.73 24.93
N ILE B 286 11.61 24.01 25.60
CA ILE B 286 12.85 24.62 26.08
C ILE B 286 14.05 23.79 25.63
N SER B 287 15.02 24.42 24.98
CA SER B 287 16.22 23.70 24.50
C SER B 287 17.50 24.17 25.16
N LEU B 288 18.31 23.20 25.55
CA LEU B 288 19.61 23.48 26.15
C LEU B 288 20.60 22.87 25.15
N TYR B 289 21.54 23.67 24.66
CA TYR B 289 22.55 23.18 23.74
C TYR B 289 23.77 22.75 24.57
N LEU B 290 24.30 21.58 24.29
CA LEU B 290 25.45 21.09 25.05
C LEU B 290 26.67 20.93 24.17
N MET B 291 27.84 21.10 24.76
CA MET B 291 29.11 20.94 24.05
C MET B 291 29.17 19.52 23.47
N GLY B 292 29.60 19.37 22.23
CA GLY B 292 29.68 18.02 21.67
C GLY B 292 31.07 17.43 21.89
N GLU B 293 31.25 16.15 21.56
CA GLU B 293 32.57 15.53 21.74
C GLU B 293 33.54 16.04 20.67
N VAL B 294 32.99 16.35 19.49
CA VAL B 294 33.78 16.87 18.38
C VAL B 294 34.00 18.37 18.58
N THR B 295 35.22 18.82 18.31
CA THR B 295 35.61 20.22 18.47
C THR B 295 34.64 21.12 17.71
N ASN B 296 34.27 22.24 18.33
CA ASN B 296 33.37 23.21 17.70
C ASN B 296 32.00 22.71 17.32
N GLN B 297 31.60 21.61 17.93
CA GLN B 297 30.31 21.02 17.62
C GLN B 297 29.47 20.99 18.89
N SER B 298 28.15 21.03 18.72
CA SER B 298 27.25 20.95 19.85
C SER B 298 25.96 20.26 19.41
N PHE B 299 25.10 19.95 20.38
CA PHE B 299 23.81 19.33 20.09
C PHE B 299 22.81 19.93 21.05
N ARG B 300 21.53 19.59 20.93
CA ARG B 300 20.59 20.19 21.85
C ARG B 300 19.59 19.18 22.34
N ILE B 301 19.10 19.43 23.54
CA ILE B 301 18.08 18.58 24.13
C ILE B 301 16.92 19.54 24.35
N THR B 302 15.74 19.08 23.99
CA THR B 302 14.55 19.90 24.08
C THR B 302 13.44 19.23 24.90
N ILE B 303 12.91 19.98 25.87
CA ILE B 303 11.81 19.49 26.68
C ILE B 303 10.53 20.27 26.43
N LEU B 304 9.44 19.67 26.89
CA LEU B 304 8.10 20.22 26.75
C LEU B 304 7.57 20.67 28.09
N PRO B 305 6.46 21.41 28.07
CA PRO B 305 5.87 21.84 29.32
C PRO B 305 5.47 20.57 30.09
N GLN B 306 5.32 19.44 29.41
CA GLN B 306 4.96 18.20 30.11
C GLN B 306 6.11 17.74 31.01
N GLN B 307 7.31 18.23 30.73
CA GLN B 307 8.44 17.91 31.61
C GLN B 307 8.56 18.96 32.73
N TYR B 308 8.35 20.24 32.39
CA TYR B 308 8.53 21.27 33.44
C TYR B 308 7.30 21.74 34.24
N LEU B 309 6.11 21.25 33.90
CA LEU B 309 4.93 21.55 34.69
C LEU B 309 4.66 20.16 35.29
N ARG B 310 5.01 20.01 36.56
CA ARG B 310 4.85 18.73 37.23
C ARG B 310 3.45 18.56 37.85
N PRO B 311 2.87 17.37 37.68
CA PRO B 311 1.55 16.94 38.16
C PRO B 311 1.38 16.96 39.67
N VAL B 312 0.27 17.49 40.15
CA VAL B 312 -0.02 17.53 41.58
C VAL B 312 -1.52 17.31 41.75
N GLU B 313 -1.89 16.43 42.68
CA GLU B 313 -3.31 16.16 42.92
C GLU B 313 -3.96 17.40 43.53
N ASP B 314 -5.17 17.72 43.07
CA ASP B 314 -5.89 18.92 43.54
C ASP B 314 -6.17 18.93 45.05
N VAL B 315 -6.01 20.11 45.66
CA VAL B 315 -6.26 20.31 47.09
C VAL B 315 -7.74 20.05 47.43
N ALA B 316 -8.64 20.41 46.53
CA ALA B 316 -10.08 20.21 46.72
C ALA B 316 -10.41 18.75 46.43
N THR B 317 -9.63 18.17 45.53
CA THR B 317 -9.79 16.78 45.09
C THR B 317 -11.00 16.67 44.16
N SER B 318 -11.23 17.75 43.42
CA SER B 318 -12.30 17.81 42.45
C SER B 318 -11.65 17.02 41.31
N GLN B 319 -12.10 17.18 40.08
CA GLN B 319 -11.45 16.42 39.01
C GLN B 319 -10.57 17.28 38.13
N ASP B 320 -10.06 18.39 38.68
CA ASP B 320 -9.18 19.28 37.92
C ASP B 320 -7.77 18.71 37.74
N ASP B 321 -7.12 19.09 36.64
CA ASP B 321 -5.75 18.66 36.40
C ASP B 321 -4.88 19.82 36.87
N CYS B 322 -4.03 19.56 37.85
CA CYS B 322 -3.19 20.62 38.40
C CYS B 322 -1.68 20.33 38.30
N TYR B 323 -0.89 21.41 38.28
CA TYR B 323 0.56 21.30 38.16
C TYR B 323 1.27 22.42 38.87
N LYS B 324 2.55 22.20 39.17
CA LYS B 324 3.39 23.23 39.75
C LYS B 324 4.52 23.47 38.75
N PHE B 325 4.94 24.72 38.64
CA PHE B 325 6.06 25.11 37.76
C PHE B 325 7.35 24.55 38.35
N ALA B 326 8.03 23.67 37.63
CA ALA B 326 9.25 23.07 38.18
C ALA B 326 10.60 23.63 37.66
N ILE B 327 10.61 24.91 37.33
CA ILE B 327 11.86 25.55 36.92
C ILE B 327 12.03 26.63 38.00
N SER B 328 13.20 26.67 38.63
CA SER B 328 13.39 27.60 39.74
C SER B 328 14.80 28.18 39.78
N GLN B 329 15.03 29.21 40.59
CA GLN B 329 16.37 29.77 40.59
C GLN B 329 17.37 29.14 41.55
N SER B 330 18.64 29.31 41.20
CA SER B 330 19.75 28.76 41.96
C SER B 330 20.88 29.78 42.08
N SER B 331 21.65 29.69 43.16
CA SER B 331 22.79 30.57 43.34
C SER B 331 24.05 29.71 43.30
N THR B 332 23.88 28.44 42.93
CA THR B 332 25.01 27.51 42.84
C THR B 332 25.13 26.82 41.48
N GLY B 333 24.75 27.52 40.41
CA GLY B 333 24.86 26.95 39.07
C GLY B 333 23.59 26.30 38.53
N THR B 334 23.66 25.82 37.31
CA THR B 334 22.53 25.14 36.71
C THR B 334 22.43 23.73 37.24
N VAL B 335 21.22 23.29 37.57
CA VAL B 335 21.04 21.90 38.01
C VAL B 335 19.99 21.22 37.12
N MET B 336 20.46 20.28 36.30
CA MET B 336 19.57 19.54 35.43
C MET B 336 19.00 18.38 36.28
N GLY B 337 17.86 18.65 36.88
CA GLY B 337 17.18 17.67 37.73
C GLY B 337 16.21 16.80 36.96
N ALA B 338 15.28 16.20 37.72
CA ALA B 338 14.27 15.33 37.19
C ALA B 338 13.52 15.94 36.01
N VAL B 339 13.27 17.24 36.02
CA VAL B 339 12.57 17.90 34.90
C VAL B 339 13.29 17.63 33.57
N ILE B 340 14.61 17.57 33.63
CA ILE B 340 15.38 17.27 32.44
C ILE B 340 15.42 15.75 32.22
N MET B 341 15.82 15.01 33.26
CA MET B 341 15.92 13.58 33.11
C MET B 341 14.65 12.78 32.78
N GLU B 342 13.47 13.27 33.14
CA GLU B 342 12.24 12.56 32.79
C GLU B 342 12.01 12.64 31.27
N GLY B 343 12.76 13.49 30.58
CA GLY B 343 12.56 13.59 29.13
C GLY B 343 13.51 12.72 28.32
N PHE B 344 14.64 12.39 28.94
CA PHE B 344 15.69 11.65 28.26
C PHE B 344 16.24 10.40 28.94
N TYR B 345 16.89 9.58 28.10
CA TYR B 345 17.60 8.41 28.55
C TYR B 345 19.01 9.00 28.72
N VAL B 346 19.57 8.91 29.91
CA VAL B 346 20.88 9.49 30.17
C VAL B 346 21.88 8.41 30.57
N VAL B 347 22.98 8.41 29.84
CA VAL B 347 24.05 7.46 30.00
C VAL B 347 25.21 8.17 30.66
N PHE B 348 25.64 7.68 31.81
CA PHE B 348 26.78 8.29 32.52
C PHE B 348 27.95 7.40 32.19
N ASP B 349 28.62 7.74 31.09
CA ASP B 349 29.75 6.97 30.62
C ASP B 349 31.02 7.48 31.31
N ARG B 350 31.24 7.00 32.53
CA ARG B 350 32.38 7.40 33.33
C ARG B 350 33.67 6.89 32.65
N ALA B 351 33.60 5.70 32.05
CA ALA B 351 34.78 5.16 31.37
C ALA B 351 35.32 6.10 30.30
N ARG B 352 34.42 6.73 29.55
CA ARG B 352 34.84 7.64 28.49
C ARG B 352 34.65 9.11 28.87
N LYS B 353 34.43 9.36 30.16
CA LYS B 353 34.26 10.70 30.70
C LYS B 353 33.27 11.55 29.90
N ARG B 354 32.08 11.01 29.66
CA ARG B 354 31.07 11.74 28.91
C ARG B 354 29.69 11.29 29.35
N ILE B 355 28.68 12.11 29.04
CA ILE B 355 27.31 11.81 29.39
C ILE B 355 26.51 11.85 28.09
N GLY B 356 25.66 10.84 27.86
CA GLY B 356 24.90 10.80 26.64
C GLY B 356 23.43 11.01 26.87
N PHE B 357 22.76 11.64 25.91
CA PHE B 357 21.33 11.88 26.00
C PHE B 357 20.62 11.35 24.76
N ALA B 358 19.42 10.83 24.98
CA ALA B 358 18.58 10.35 23.90
C ALA B 358 17.15 10.57 24.35
N VAL B 359 16.24 10.63 23.37
CA VAL B 359 14.83 10.81 23.69
C VAL B 359 14.37 9.56 24.40
N SER B 360 13.82 9.73 25.60
CA SER B 360 13.34 8.61 26.39
C SER B 360 12.08 7.97 25.80
N ALA B 361 12.01 6.66 25.86
CA ALA B 361 10.84 5.95 25.34
C ALA B 361 9.64 6.15 26.29
N CYS B 362 9.87 6.69 27.48
CA CYS B 362 8.78 6.91 28.42
C CYS B 362 8.51 8.40 28.70
N HIS B 363 9.08 9.32 27.92
CA HIS B 363 8.82 10.74 28.20
C HIS B 363 7.36 11.08 27.89
N VAL B 364 6.78 11.97 28.68
CA VAL B 364 5.39 12.39 28.53
C VAL B 364 5.26 13.43 27.38
N HIS B 365 4.27 13.28 26.51
CA HIS B 365 4.10 14.27 25.44
C HIS B 365 2.65 14.22 24.94
N ASP B 366 2.35 14.95 23.87
CA ASP B 366 1.01 14.94 23.29
C ASP B 366 1.23 14.58 21.81
N GLU B 367 0.17 14.57 21.00
CA GLU B 367 0.36 14.23 19.59
C GLU B 367 1.03 15.30 18.72
N PHE B 368 1.21 16.50 19.27
CA PHE B 368 1.78 17.57 18.47
C PHE B 368 3.27 17.82 18.63
N ARG B 369 3.79 17.51 19.82
CA ARG B 369 5.21 17.74 20.10
C ARG B 369 5.79 16.61 20.92
N THR B 370 7.07 16.39 20.71
CA THR B 370 7.82 15.35 21.41
C THR B 370 9.11 15.97 21.92
N ALA B 371 9.70 15.39 22.96
CA ALA B 371 10.99 15.89 23.39
C ALA B 371 11.94 15.51 22.24
N ALA B 372 13.11 16.12 22.20
CA ALA B 372 14.07 15.83 21.14
C ALA B 372 15.55 15.98 21.57
N VAL B 373 16.43 15.29 20.87
CA VAL B 373 17.88 15.37 21.06
C VAL B 373 18.32 15.46 19.59
N GLU B 374 18.85 16.61 19.19
CA GLU B 374 19.24 16.85 17.81
C GLU B 374 20.61 17.51 17.66
N GLY B 375 21.30 17.18 16.57
CA GLY B 375 22.61 17.77 16.30
C GLY B 375 23.10 17.39 14.91
N PRO B 376 24.28 17.87 14.49
CA PRO B 376 25.16 18.75 15.26
C PRO B 376 24.95 20.18 14.83
N PHE B 377 25.49 21.12 15.59
CA PHE B 377 25.43 22.54 15.24
C PHE B 377 26.84 23.07 15.27
N VAL B 378 27.28 23.64 14.15
CA VAL B 378 28.63 24.20 14.04
C VAL B 378 28.61 25.67 14.46
N THR B 379 27.73 26.44 13.82
CA THR B 379 27.51 27.85 14.07
C THR B 379 28.18 28.35 15.34
N LEU B 380 27.74 27.71 16.43
CA LEU B 380 28.13 28.00 17.79
C LEU B 380 29.52 28.34 18.19
N ASP B 381 29.50 29.50 18.89
CA ASP B 381 30.58 30.24 19.54
C ASP B 381 30.77 29.67 20.95
N MET B 382 31.51 28.56 21.03
CA MET B 382 31.81 27.88 22.28
C MET B 382 33.25 28.20 22.67
N GLU B 383 33.41 29.25 23.48
CA GLU B 383 34.73 29.67 23.90
C GLU B 383 34.89 29.32 25.36
N ASP B 384 34.68 30.33 26.19
CA ASP B 384 34.79 30.16 27.61
C ASP B 384 33.41 30.10 28.24
N CYS B 385 32.57 29.21 27.76
CA CYS B 385 31.24 29.08 28.35
C CYS B 385 31.46 28.48 29.73
N GLY B 386 32.58 27.78 29.87
CA GLY B 386 32.90 27.18 31.14
C GLY B 386 33.25 28.28 32.11
N TYR B 387 32.99 28.05 33.39
CA TYR B 387 33.29 29.04 34.43
C TYR B 387 34.46 28.56 35.29
N ASN B 388 35.27 29.51 35.76
CA ASN B 388 36.41 29.20 36.63
C ASN B 388 36.37 30.13 37.83
N SER C 1 -5.63 -30.97 -44.21
CA SER C 1 -6.21 -31.78 -45.32
C SER C 1 -6.71 -30.92 -46.49
N PHE C 2 -6.58 -29.60 -46.32
CA PHE C 2 -7.02 -28.61 -47.34
C PHE C 2 -6.01 -27.46 -47.38
N VAL C 3 -4.73 -27.81 -47.38
CA VAL C 3 -3.67 -26.82 -47.39
C VAL C 3 -3.78 -25.73 -48.44
N GLU C 4 -4.47 -25.98 -49.55
CA GLU C 4 -4.60 -24.96 -50.58
C GLU C 4 -5.53 -23.83 -50.17
N MET C 5 -6.40 -24.08 -49.20
CA MET C 5 -7.32 -23.06 -48.72
C MET C 5 -6.86 -22.43 -47.40
N VAL C 6 -5.88 -23.07 -46.74
CA VAL C 6 -5.36 -22.55 -45.48
C VAL C 6 -4.81 -21.15 -45.75
N ASP C 7 -5.03 -20.22 -44.83
CA ASP C 7 -4.51 -18.87 -45.01
C ASP C 7 -5.00 -18.10 -46.26
N ASN C 8 -6.22 -18.35 -46.74
CA ASN C 8 -6.72 -17.64 -47.92
C ASN C 8 -7.51 -16.36 -47.63
N LEU C 9 -7.55 -15.96 -46.37
CA LEU C 9 -8.25 -14.73 -46.01
C LEU C 9 -7.29 -13.60 -45.64
N ARG C 10 -7.74 -12.37 -45.78
CA ARG C 10 -6.91 -11.25 -45.37
C ARG C 10 -7.86 -10.31 -44.69
N GLY C 11 -7.31 -9.32 -44.01
CA GLY C 11 -8.17 -8.40 -43.29
C GLY C 11 -7.73 -8.30 -41.83
N LYS C 12 -8.53 -7.61 -41.02
CA LYS C 12 -8.17 -7.38 -39.64
C LYS C 12 -9.36 -7.01 -38.79
N SER C 13 -9.13 -7.02 -37.48
CA SER C 13 -10.13 -6.66 -36.50
C SER C 13 -10.68 -5.30 -36.86
N GLY C 14 -11.99 -5.15 -36.78
CA GLY C 14 -12.58 -3.86 -37.08
C GLY C 14 -12.77 -3.52 -38.55
N GLN C 15 -12.07 -4.15 -39.50
CA GLN C 15 -12.35 -3.76 -40.90
C GLN C 15 -13.00 -4.80 -41.82
N GLY C 16 -12.95 -6.07 -41.41
CA GLY C 16 -13.55 -7.13 -42.17
C GLY C 16 -12.54 -8.12 -42.71
N TYR C 17 -12.98 -9.37 -42.86
CA TYR C 17 -12.13 -10.44 -43.39
C TYR C 17 -12.63 -10.82 -44.74
N TYR C 18 -11.72 -10.83 -45.72
CA TYR C 18 -12.12 -11.10 -47.11
C TYR C 18 -11.32 -12.17 -47.85
N VAL C 19 -11.93 -12.73 -48.89
CA VAL C 19 -11.31 -13.76 -49.70
C VAL C 19 -11.32 -13.29 -51.15
N GLU C 20 -10.30 -13.67 -51.88
CA GLU C 20 -10.22 -13.26 -53.27
C GLU C 20 -11.17 -14.11 -54.10
N MET C 21 -11.86 -13.46 -55.04
CA MET C 21 -12.73 -14.19 -55.96
C MET C 21 -12.58 -13.56 -57.35
N THR C 22 -13.03 -14.26 -58.40
CA THR C 22 -12.98 -13.69 -59.77
C THR C 22 -14.41 -13.81 -60.29
N VAL C 23 -14.87 -12.79 -61.00
CA VAL C 23 -16.20 -12.80 -61.55
C VAL C 23 -16.07 -12.46 -63.02
N GLY C 24 -16.91 -13.07 -63.87
CA GLY C 24 -16.88 -12.76 -65.29
C GLY C 24 -15.85 -13.45 -66.16
N SER C 25 -15.92 -13.19 -67.46
CA SER C 25 -14.99 -13.77 -68.43
C SER C 25 -14.56 -12.69 -69.42
N PRO C 26 -13.27 -12.38 -69.49
CA PRO C 26 -12.21 -12.98 -68.67
C PRO C 26 -12.41 -12.64 -67.18
N PRO C 27 -11.84 -13.44 -66.29
CA PRO C 27 -11.97 -13.24 -64.84
C PRO C 27 -11.59 -11.85 -64.35
N GLN C 28 -12.43 -11.28 -63.49
CA GLN C 28 -12.12 -9.98 -62.89
C GLN C 28 -11.92 -10.30 -61.40
N THR C 29 -10.72 -10.04 -60.91
CA THR C 29 -10.42 -10.31 -59.51
C THR C 29 -10.99 -9.25 -58.58
N LEU C 30 -11.59 -9.67 -57.48
CA LEU C 30 -12.15 -8.74 -56.48
C LEU C 30 -12.01 -9.38 -55.06
N ASN C 31 -11.93 -8.54 -54.03
CA ASN C 31 -11.80 -9.04 -52.68
C ASN C 31 -13.18 -9.00 -52.09
N ILE C 32 -13.65 -10.14 -51.60
CA ILE C 32 -15.01 -10.25 -51.11
C ILE C 32 -15.09 -10.58 -49.63
N LEU C 33 -15.75 -9.70 -48.89
CA LEU C 33 -15.93 -9.85 -47.46
C LEU C 33 -16.78 -11.09 -47.18
N VAL C 34 -16.33 -11.93 -46.24
CA VAL C 34 -17.08 -13.14 -45.88
C VAL C 34 -18.13 -12.84 -44.82
N ASP C 35 -19.42 -12.97 -45.17
CA ASP C 35 -20.49 -12.63 -44.23
C ASP C 35 -21.55 -13.72 -43.93
N THR C 36 -21.41 -14.40 -42.79
CA THR C 36 -22.40 -15.43 -42.45
C THR C 36 -23.68 -14.78 -41.95
N GLY C 37 -23.73 -13.44 -41.97
CA GLY C 37 -24.90 -12.74 -41.45
C GLY C 37 -25.90 -12.26 -42.49
N SER C 38 -25.70 -12.68 -43.73
CA SER C 38 -26.59 -12.28 -44.79
C SER C 38 -26.51 -13.34 -45.91
N SER C 39 -27.26 -13.16 -46.99
CA SER C 39 -27.28 -14.20 -48.01
C SER C 39 -27.19 -13.71 -49.44
N ASN C 40 -26.85 -12.44 -49.62
CA ASN C 40 -26.69 -11.89 -50.95
C ASN C 40 -25.21 -11.75 -51.33
N PHE C 41 -24.89 -12.15 -52.56
CA PHE C 41 -23.53 -12.03 -53.12
C PHE C 41 -23.62 -10.73 -53.92
N ALA C 42 -22.85 -9.72 -53.50
CA ALA C 42 -22.87 -8.41 -54.14
C ALA C 42 -21.48 -7.80 -54.23
N VAL C 43 -21.23 -7.10 -55.33
CA VAL C 43 -19.94 -6.46 -55.56
C VAL C 43 -20.15 -5.03 -56.07
N GLY C 44 -19.23 -4.14 -55.72
CA GLY C 44 -19.33 -2.77 -56.20
C GLY C 44 -19.26 -2.85 -57.71
N ALA C 45 -20.16 -2.16 -58.40
CA ALA C 45 -20.15 -2.23 -59.87
C ALA C 45 -20.04 -0.87 -60.54
N ALA C 46 -19.62 0.14 -59.78
CA ALA C 46 -19.46 1.49 -60.32
C ALA C 46 -18.44 2.20 -59.41
N PRO C 47 -17.77 3.24 -59.94
CA PRO C 47 -16.78 3.93 -59.09
C PRO C 47 -17.29 4.41 -57.72
N HIS C 48 -16.41 4.36 -56.73
CA HIS C 48 -16.77 4.79 -55.39
C HIS C 48 -15.49 5.29 -54.82
N PRO C 49 -15.53 6.36 -54.00
CA PRO C 49 -14.30 6.89 -53.41
C PRO C 49 -13.43 5.85 -52.69
N PHE C 50 -14.08 4.87 -52.03
CA PHE C 50 -13.36 3.84 -51.28
C PHE C 50 -13.03 2.55 -52.04
N LEU C 51 -13.37 2.47 -53.32
CA LEU C 51 -13.11 1.27 -54.11
C LEU C 51 -11.96 1.42 -55.10
N HIS C 52 -10.96 0.54 -55.00
CA HIS C 52 -9.81 0.58 -55.91
C HIS C 52 -10.24 -0.08 -57.23
N ARG C 53 -11.29 -0.89 -57.17
CA ARG C 53 -11.73 -1.61 -58.36
C ARG C 53 -13.15 -2.12 -58.22
N TYR C 54 -13.79 -2.39 -59.35
CA TYR C 54 -15.15 -2.85 -59.34
C TYR C 54 -15.53 -3.70 -60.56
N TYR C 55 -16.69 -4.34 -60.46
CA TYR C 55 -17.19 -5.23 -61.47
C TYR C 55 -17.67 -4.47 -62.70
N GLN C 56 -17.09 -4.80 -63.85
CA GLN C 56 -17.46 -4.15 -65.11
C GLN C 56 -18.22 -5.17 -65.96
N ARG C 57 -19.54 -5.17 -65.81
CA ARG C 57 -20.40 -6.12 -66.53
C ARG C 57 -20.21 -6.08 -68.05
N GLN C 58 -20.17 -4.86 -68.60
CA GLN C 58 -19.97 -4.68 -70.04
C GLN C 58 -18.70 -5.39 -70.51
N LEU C 59 -17.77 -5.70 -69.62
CA LEU C 59 -16.56 -6.39 -70.08
C LEU C 59 -16.60 -7.92 -69.88
N SER C 60 -17.75 -8.43 -69.46
CA SER C 60 -17.87 -9.87 -69.25
C SER C 60 -18.76 -10.48 -70.30
N SER C 61 -18.20 -11.44 -71.03
CA SER C 61 -18.96 -12.07 -72.09
C SER C 61 -19.99 -13.08 -71.55
N THR C 62 -19.74 -13.57 -70.35
CA THR C 62 -20.60 -14.55 -69.72
C THR C 62 -21.62 -13.92 -68.79
N TYR C 63 -21.63 -12.60 -68.73
CA TYR C 63 -22.58 -11.90 -67.89
C TYR C 63 -23.99 -12.00 -68.46
N ARG C 64 -24.98 -12.20 -67.58
CA ARG C 64 -26.38 -12.30 -68.01
C ARG C 64 -27.18 -11.32 -67.18
N ASP C 65 -27.95 -10.47 -67.84
CA ASP C 65 -28.75 -9.47 -67.15
C ASP C 65 -30.15 -9.91 -66.77
N LEU C 66 -30.46 -9.94 -65.48
CA LEU C 66 -31.79 -10.34 -65.04
C LEU C 66 -32.81 -9.19 -65.09
N ARG C 67 -32.33 -8.00 -65.43
CA ARG C 67 -33.18 -6.83 -65.55
C ARG C 67 -34.06 -6.63 -64.31
N LYS C 68 -33.47 -6.76 -63.13
CA LYS C 68 -34.26 -6.61 -61.91
C LYS C 68 -33.45 -5.90 -60.81
N GLY C 69 -34.09 -4.96 -60.10
CA GLY C 69 -33.42 -4.24 -59.05
C GLY C 69 -33.39 -5.00 -57.74
N VAL C 70 -32.56 -4.54 -56.81
CA VAL C 70 -32.48 -5.21 -55.53
C VAL C 70 -31.98 -4.23 -54.46
N TYR C 71 -32.49 -4.39 -53.24
CA TYR C 71 -32.15 -3.51 -52.13
C TYR C 71 -31.82 -4.31 -50.87
N VAL C 72 -30.63 -4.06 -50.30
CA VAL C 72 -30.22 -4.74 -49.09
C VAL C 72 -29.74 -3.79 -47.99
N PRO C 73 -30.52 -3.67 -46.92
CA PRO C 73 -30.17 -2.80 -45.81
C PRO C 73 -29.63 -3.68 -44.67
N TYR C 74 -28.47 -3.36 -44.14
CA TYR C 74 -27.89 -4.14 -43.03
C TYR C 74 -28.02 -3.35 -41.72
N THR C 75 -27.74 -3.98 -40.58
CA THR C 75 -27.79 -3.24 -39.32
C THR C 75 -26.87 -2.05 -39.55
N GLN C 76 -25.75 -2.28 -40.23
CA GLN C 76 -24.86 -1.19 -40.56
C GLN C 76 -24.69 -1.08 -42.09
N GLY C 77 -25.12 0.04 -42.64
CA GLY C 77 -24.98 0.25 -44.07
C GLY C 77 -26.06 -0.37 -44.95
N LYS C 78 -26.05 0.02 -46.22
CA LYS C 78 -27.05 -0.49 -47.15
C LYS C 78 -26.59 -0.20 -48.57
N TRP C 79 -27.12 -0.94 -49.53
CA TRP C 79 -26.77 -0.72 -50.93
C TRP C 79 -27.91 -1.11 -51.85
N GLU C 80 -27.84 -0.65 -53.09
CA GLU C 80 -28.85 -1.04 -54.06
C GLU C 80 -28.12 -1.32 -55.36
N GLY C 81 -28.69 -2.22 -56.16
CA GLY C 81 -28.02 -2.59 -57.39
C GLY C 81 -28.86 -3.37 -58.36
N GLU C 82 -28.20 -3.90 -59.38
CA GLU C 82 -28.84 -4.67 -60.43
C GLU C 82 -28.46 -6.13 -60.42
N LEU C 83 -29.47 -6.98 -60.50
CA LEU C 83 -29.26 -8.41 -60.49
C LEU C 83 -28.90 -9.01 -61.83
N GLY C 84 -28.05 -10.03 -61.78
CA GLY C 84 -27.64 -10.73 -62.98
C GLY C 84 -26.88 -11.96 -62.55
N THR C 85 -26.36 -12.76 -63.48
CA THR C 85 -25.58 -13.94 -63.10
C THR C 85 -24.28 -13.88 -63.89
N ASP C 86 -23.28 -14.59 -63.42
CA ASP C 86 -22.00 -14.64 -64.11
C ASP C 86 -21.26 -15.81 -63.52
N LEU C 87 -20.16 -16.18 -64.16
CA LEU C 87 -19.34 -17.27 -63.68
C LEU C 87 -18.45 -16.72 -62.59
N VAL C 88 -18.27 -17.54 -61.54
CA VAL C 88 -17.49 -17.15 -60.40
C VAL C 88 -16.50 -18.23 -60.00
N SER C 89 -15.29 -17.81 -59.57
CA SER C 89 -14.24 -18.71 -59.11
C SER C 89 -13.60 -18.13 -57.85
N ILE C 90 -12.91 -19.02 -57.13
CA ILE C 90 -12.22 -18.69 -55.90
C ILE C 90 -10.81 -19.22 -56.11
N PRO C 91 -9.87 -18.35 -56.48
CA PRO C 91 -8.49 -18.76 -56.72
C PRO C 91 -7.91 -19.66 -55.62
N HIS C 92 -8.14 -19.29 -54.37
CA HIS C 92 -7.61 -20.09 -53.28
C HIS C 92 -8.69 -20.90 -52.59
N GLY C 93 -9.65 -21.37 -53.38
CA GLY C 93 -10.73 -22.19 -52.83
C GLY C 93 -10.75 -23.46 -53.67
N PRO C 94 -11.91 -24.14 -53.77
CA PRO C 94 -11.96 -25.37 -54.57
C PRO C 94 -11.80 -24.98 -56.03
N ASN C 95 -11.22 -25.88 -56.83
CA ASN C 95 -10.99 -25.63 -58.24
C ASN C 95 -12.27 -25.83 -59.05
N VAL C 96 -13.20 -24.91 -58.93
CA VAL C 96 -14.45 -24.99 -59.67
C VAL C 96 -14.86 -23.62 -60.17
N THR C 97 -15.84 -23.60 -61.05
CA THR C 97 -16.38 -22.38 -61.62
C THR C 97 -17.88 -22.56 -61.58
N VAL C 98 -18.59 -21.65 -60.94
CA VAL C 98 -20.03 -21.78 -60.84
C VAL C 98 -20.77 -20.56 -61.39
N ARG C 99 -21.97 -20.76 -61.91
CA ARG C 99 -22.74 -19.62 -62.37
C ARG C 99 -23.60 -19.24 -61.18
N ALA C 100 -23.44 -18.02 -60.72
CA ALA C 100 -24.18 -17.60 -59.56
C ALA C 100 -24.81 -16.25 -59.73
N ASN C 101 -25.81 -15.98 -58.89
CA ASN C 101 -26.49 -14.69 -58.86
C ASN C 101 -25.50 -13.66 -58.33
N ILE C 102 -25.55 -12.45 -58.88
CA ILE C 102 -24.66 -11.38 -58.43
C ILE C 102 -25.40 -10.05 -58.44
N ALA C 103 -25.33 -9.35 -57.31
CA ALA C 103 -25.94 -8.03 -57.22
C ALA C 103 -24.83 -7.04 -57.57
N ALA C 104 -25.03 -6.28 -58.65
CA ALA C 104 -24.05 -5.27 -59.07
C ALA C 104 -24.44 -4.00 -58.34
N ILE C 105 -23.72 -3.69 -57.28
CA ILE C 105 -24.00 -2.50 -56.47
C ILE C 105 -23.74 -1.22 -57.26
N THR C 106 -24.75 -0.38 -57.38
CA THR C 106 -24.65 0.89 -58.13
C THR C 106 -24.73 2.13 -57.23
N GLU C 107 -25.28 1.97 -56.04
CA GLU C 107 -25.36 3.07 -55.07
C GLU C 107 -25.29 2.41 -53.70
N SER C 108 -24.63 3.08 -52.78
CA SER C 108 -24.49 2.50 -51.45
C SER C 108 -24.39 3.59 -50.38
N ASP C 109 -24.65 3.24 -49.14
CA ASP C 109 -24.57 4.21 -48.05
C ASP C 109 -23.97 3.63 -46.78
N LYS C 110 -22.81 4.13 -46.39
CA LYS C 110 -22.13 3.67 -45.18
C LYS C 110 -21.93 2.16 -45.22
N PHE C 111 -21.66 1.63 -46.42
CA PHE C 111 -21.45 0.20 -46.57
C PHE C 111 -19.96 -0.05 -46.77
N PHE C 112 -19.39 0.42 -47.87
CA PHE C 112 -17.97 0.25 -48.11
C PHE C 112 -17.20 1.03 -47.03
N ILE C 113 -16.00 0.55 -46.70
CA ILE C 113 -15.15 1.14 -45.66
C ILE C 113 -13.81 1.59 -46.24
N ASN C 114 -13.47 2.85 -46.02
CA ASN C 114 -12.22 3.40 -46.55
C ASN C 114 -11.03 2.64 -46.01
N GLY C 115 -10.17 2.16 -46.92
CA GLY C 115 -8.98 1.40 -46.50
C GLY C 115 -9.13 -0.10 -46.23
N SER C 116 -10.37 -0.60 -46.18
CA SER C 116 -10.65 -2.02 -45.90
C SER C 116 -10.07 -3.01 -46.90
N ASN C 117 -10.02 -2.59 -48.16
CA ASN C 117 -9.54 -3.38 -49.29
C ASN C 117 -10.48 -4.46 -49.82
N TRP C 118 -11.75 -4.39 -49.44
CA TRP C 118 -12.71 -5.35 -49.98
C TRP C 118 -13.70 -4.60 -50.82
N GLU C 119 -14.18 -5.26 -51.86
CA GLU C 119 -15.06 -4.62 -52.82
C GLU C 119 -16.41 -5.28 -53.03
N GLY C 120 -16.70 -6.27 -52.20
CA GLY C 120 -17.95 -6.97 -52.33
C GLY C 120 -18.18 -7.77 -51.06
N ILE C 121 -19.33 -8.40 -50.98
CA ILE C 121 -19.70 -9.16 -49.82
C ILE C 121 -20.27 -10.50 -50.25
N LEU C 122 -19.91 -11.54 -49.52
CA LEU C 122 -20.38 -12.88 -49.83
C LEU C 122 -21.30 -13.34 -48.70
N GLY C 123 -22.61 -13.23 -48.91
CA GLY C 123 -23.58 -13.63 -47.92
C GLY C 123 -23.69 -15.15 -47.92
N LEU C 124 -23.28 -15.75 -46.80
CA LEU C 124 -23.23 -17.19 -46.66
C LEU C 124 -24.39 -17.86 -45.95
N ALA C 125 -25.39 -17.08 -45.55
CA ALA C 125 -26.53 -17.64 -44.86
C ALA C 125 -27.59 -18.14 -45.86
N TYR C 126 -28.75 -18.53 -45.34
CA TYR C 126 -29.76 -19.13 -46.20
C TYR C 126 -30.69 -18.21 -47.01
N ALA C 127 -31.30 -18.80 -48.04
CA ALA C 127 -32.19 -18.10 -48.97
C ALA C 127 -33.34 -17.35 -48.30
N GLU C 128 -33.79 -17.88 -47.17
CA GLU C 128 -34.88 -17.25 -46.48
C GLU C 128 -34.65 -15.76 -46.22
N ILE C 129 -33.41 -15.34 -46.03
CA ILE C 129 -33.17 -13.91 -45.78
C ILE C 129 -32.55 -13.18 -46.95
N ALA C 130 -32.49 -13.86 -48.09
CA ALA C 130 -31.97 -13.20 -49.28
C ALA C 130 -32.96 -12.13 -49.79
N ARG C 131 -32.43 -11.09 -50.42
CA ARG C 131 -33.27 -10.06 -51.03
C ARG C 131 -33.14 -10.25 -52.54
N PRO C 132 -34.20 -9.99 -53.30
CA PRO C 132 -35.54 -9.52 -52.90
C PRO C 132 -36.31 -10.49 -52.05
N ASP C 133 -36.10 -11.77 -52.31
CA ASP C 133 -36.81 -12.81 -51.58
C ASP C 133 -36.05 -14.14 -51.70
N ASP C 134 -36.59 -15.19 -51.08
CA ASP C 134 -35.92 -16.48 -51.08
C ASP C 134 -35.81 -17.21 -52.42
N SER C 135 -36.31 -16.62 -53.49
CA SER C 135 -36.17 -17.26 -54.79
C SER C 135 -34.77 -16.93 -55.32
N LEU C 136 -34.08 -15.94 -54.73
CA LEU C 136 -32.75 -15.62 -55.22
C LEU C 136 -31.71 -16.54 -54.57
N GLU C 137 -31.38 -17.62 -55.27
CA GLU C 137 -30.42 -18.62 -54.75
C GLU C 137 -29.08 -18.06 -54.27
N PRO C 138 -28.77 -18.24 -52.98
CA PRO C 138 -27.49 -17.72 -52.45
C PRO C 138 -26.30 -18.43 -53.11
N PHE C 139 -25.12 -17.81 -53.02
CA PHE C 139 -23.90 -18.37 -53.62
C PHE C 139 -23.53 -19.80 -53.21
N PHE C 140 -23.49 -20.07 -51.90
CA PHE C 140 -23.08 -21.39 -51.45
C PHE C 140 -24.03 -22.48 -51.95
N ASP C 141 -25.32 -22.16 -52.03
CA ASP C 141 -26.32 -23.11 -52.55
C ASP C 141 -26.06 -23.45 -54.01
N SER C 142 -25.64 -22.44 -54.79
CA SER C 142 -25.32 -22.63 -56.18
C SER C 142 -24.06 -23.51 -56.28
N LEU C 143 -23.08 -23.22 -55.41
CA LEU C 143 -21.82 -23.97 -55.40
C LEU C 143 -22.05 -25.45 -55.15
N VAL C 144 -22.79 -25.76 -54.10
CA VAL C 144 -23.09 -27.12 -53.74
C VAL C 144 -23.90 -27.80 -54.85
N LYS C 145 -24.90 -27.09 -55.39
CA LYS C 145 -25.72 -27.66 -56.47
C LYS C 145 -24.92 -27.91 -57.74
N GLN C 146 -23.95 -27.05 -58.04
CA GLN C 146 -23.21 -27.25 -59.28
C GLN C 146 -21.87 -27.98 -59.19
N THR C 147 -21.44 -28.38 -58.01
CA THR C 147 -20.15 -29.08 -57.89
C THR C 147 -20.22 -30.20 -56.88
N HIS C 148 -19.08 -30.81 -56.57
CA HIS C 148 -19.07 -31.86 -55.57
C HIS C 148 -18.55 -31.34 -54.23
N VAL C 149 -18.49 -30.02 -54.04
CA VAL C 149 -18.04 -29.46 -52.76
C VAL C 149 -19.06 -29.84 -51.68
N PRO C 150 -18.61 -30.47 -50.58
CA PRO C 150 -19.57 -30.84 -49.54
C PRO C 150 -20.31 -29.58 -49.02
N ASN C 151 -21.53 -29.76 -48.52
CA ASN C 151 -22.33 -28.66 -48.04
C ASN C 151 -21.91 -28.26 -46.61
N LEU C 152 -20.69 -27.73 -46.50
CA LEU C 152 -20.10 -27.34 -45.24
C LEU C 152 -18.93 -26.41 -45.53
N PHE C 153 -18.75 -25.39 -44.67
CA PHE C 153 -17.60 -24.51 -44.76
C PHE C 153 -17.18 -24.18 -43.34
N SER C 154 -15.93 -23.76 -43.17
CA SER C 154 -15.44 -23.44 -41.86
C SER C 154 -14.59 -22.18 -41.93
N LEU C 155 -14.56 -21.45 -40.82
CA LEU C 155 -13.89 -20.19 -40.77
C LEU C 155 -12.96 -20.00 -39.58
N GLN C 156 -11.78 -19.47 -39.87
CA GLN C 156 -10.81 -19.15 -38.84
C GLN C 156 -10.49 -17.71 -39.11
N LEU C 157 -11.03 -16.79 -38.31
CA LEU C 157 -10.74 -15.36 -38.50
C LEU C 157 -9.64 -14.99 -37.51
N CYS C 158 -8.52 -14.50 -38.00
CA CYS C 158 -7.42 -14.18 -37.11
C CYS C 158 -7.20 -12.71 -36.80
N GLY C 159 -7.50 -12.32 -35.57
CA GLY C 159 -7.27 -10.93 -35.18
C GLY C 159 -5.82 -10.87 -34.71
N ALA C 160 -5.18 -9.74 -34.85
CA ALA C 160 -3.77 -9.64 -34.45
C ALA C 160 -3.51 -9.28 -32.99
N GLY C 161 -4.45 -8.57 -32.36
CA GLY C 161 -4.25 -8.17 -30.98
C GLY C 161 -3.47 -6.84 -30.90
N PHE C 162 -3.06 -6.32 -32.06
CA PHE C 162 -2.35 -5.03 -32.13
C PHE C 162 -2.68 -4.44 -33.50
N PRO C 163 -2.50 -3.11 -33.67
CA PRO C 163 -2.81 -2.49 -34.97
C PRO C 163 -1.96 -2.93 -36.15
N LEU C 164 -2.57 -2.91 -37.33
CA LEU C 164 -1.89 -3.25 -38.58
C LEU C 164 -2.10 -2.07 -39.51
N ASN C 165 -1.04 -1.60 -40.16
CA ASN C 165 -1.25 -0.50 -41.11
C ASN C 165 -1.61 -1.12 -42.45
N GLN C 166 -1.92 -0.31 -43.46
CA GLN C 166 -2.35 -0.86 -44.74
C GLN C 166 -1.41 -1.87 -45.39
N SER C 167 -0.11 -1.59 -45.34
CA SER C 167 0.89 -2.48 -45.92
C SER C 167 0.86 -3.83 -45.22
N GLU C 168 0.79 -3.77 -43.89
CA GLU C 168 0.79 -4.93 -43.04
C GLU C 168 -0.44 -5.80 -43.30
N VAL C 169 -1.58 -5.16 -43.50
CA VAL C 169 -2.79 -5.95 -43.75
C VAL C 169 -2.66 -6.64 -45.10
N LEU C 170 -2.10 -5.93 -46.07
CA LEU C 170 -1.92 -6.47 -47.40
C LEU C 170 -0.95 -7.62 -47.43
N ALA C 171 0.06 -7.59 -46.56
CA ALA C 171 1.06 -8.65 -46.54
C ALA C 171 0.92 -9.67 -45.42
N SER C 172 -0.25 -9.78 -44.81
CA SER C 172 -0.42 -10.76 -43.74
C SER C 172 -1.62 -11.67 -43.94
N VAL C 173 -1.61 -12.79 -43.22
CA VAL C 173 -2.69 -13.73 -43.30
C VAL C 173 -3.79 -13.28 -42.36
N GLY C 174 -4.99 -13.16 -42.90
CA GLY C 174 -6.12 -12.77 -42.08
C GLY C 174 -6.85 -13.99 -41.56
N GLY C 175 -6.53 -15.17 -42.09
CA GLY C 175 -7.20 -16.37 -41.65
C GLY C 175 -7.52 -17.36 -42.76
N SER C 176 -8.55 -18.18 -42.53
CA SER C 176 -8.91 -19.21 -43.50
C SER C 176 -10.41 -19.48 -43.61
N MET C 177 -10.84 -19.75 -44.83
CA MET C 177 -12.19 -20.16 -45.11
C MET C 177 -11.99 -21.48 -45.89
N ILE C 178 -12.24 -22.60 -45.21
CA ILE C 178 -12.10 -23.93 -45.82
C ILE C 178 -13.51 -24.23 -46.36
N ILE C 179 -13.63 -24.26 -47.69
CA ILE C 179 -14.90 -24.49 -48.37
C ILE C 179 -15.01 -25.98 -48.62
N GLY C 180 -16.03 -26.63 -48.06
CA GLY C 180 -16.20 -28.05 -48.27
C GLY C 180 -15.64 -28.95 -47.20
N GLY C 181 -14.99 -28.37 -46.20
CA GLY C 181 -14.43 -29.18 -45.14
C GLY C 181 -13.89 -28.49 -43.91
N ILE C 182 -13.05 -29.26 -43.21
CA ILE C 182 -12.42 -28.89 -41.96
C ILE C 182 -10.90 -29.14 -42.05
N ASP C 183 -10.10 -28.24 -41.49
CA ASP C 183 -8.66 -28.45 -41.51
C ASP C 183 -8.18 -28.46 -40.06
N HIS C 184 -7.65 -29.60 -39.64
CA HIS C 184 -7.20 -29.81 -38.26
C HIS C 184 -6.13 -28.88 -37.74
N SER C 185 -5.33 -28.31 -38.63
CA SER C 185 -4.27 -27.42 -38.18
C SER C 185 -4.85 -26.07 -37.71
N LEU C 186 -6.12 -25.83 -37.98
CA LEU C 186 -6.71 -24.56 -37.61
C LEU C 186 -7.20 -24.45 -36.16
N TYR C 187 -7.26 -25.56 -35.43
CA TYR C 187 -7.73 -25.52 -34.04
C TYR C 187 -7.03 -26.55 -33.17
N THR C 188 -7.26 -26.45 -31.87
CA THR C 188 -6.72 -27.42 -30.89
C THR C 188 -7.91 -27.90 -30.05
N GLY C 189 -7.72 -28.99 -29.31
CA GLY C 189 -8.80 -29.52 -28.47
C GLY C 189 -9.92 -30.09 -29.33
N SER C 190 -11.10 -30.27 -28.76
CA SER C 190 -12.26 -30.82 -29.46
C SER C 190 -13.21 -29.82 -30.08
N LEU C 191 -13.90 -30.28 -31.12
CA LEU C 191 -14.91 -29.46 -31.77
C LEU C 191 -16.22 -29.82 -31.07
N TRP C 192 -16.94 -28.81 -30.59
CA TRP C 192 -18.23 -29.03 -29.96
C TRP C 192 -19.30 -28.42 -30.85
N TYR C 193 -20.38 -29.17 -31.08
CA TYR C 193 -21.47 -28.72 -31.93
C TYR C 193 -22.78 -28.35 -31.27
N THR C 194 -23.36 -27.29 -31.79
CA THR C 194 -24.66 -26.82 -31.32
C THR C 194 -25.56 -26.84 -32.58
N PRO C 195 -26.84 -27.16 -32.43
CA PRO C 195 -27.78 -27.21 -33.56
C PRO C 195 -28.10 -25.86 -34.17
N ILE C 196 -28.29 -25.84 -35.48
CA ILE C 196 -28.73 -24.61 -36.14
C ILE C 196 -30.21 -24.74 -35.81
N ARG C 197 -30.74 -23.75 -35.10
CA ARG C 197 -32.15 -23.80 -34.70
C ARG C 197 -33.08 -23.79 -35.90
N ARG C 198 -32.80 -22.89 -36.84
CA ARG C 198 -33.62 -22.74 -38.04
C ARG C 198 -32.71 -22.16 -39.10
N GLU C 199 -32.91 -22.59 -40.32
CA GLU C 199 -32.12 -22.18 -41.45
C GLU C 199 -32.55 -20.88 -42.16
N TRP C 200 -32.13 -19.75 -41.61
CA TRP C 200 -32.40 -18.44 -42.20
C TRP C 200 -31.07 -17.71 -41.91
N TYR C 201 -30.88 -17.25 -40.69
CA TYR C 201 -29.58 -16.73 -40.31
C TYR C 201 -29.03 -18.03 -39.73
N TYR C 202 -27.76 -18.03 -39.31
CA TYR C 202 -27.21 -19.18 -38.63
C TYR C 202 -27.63 -18.93 -37.17
N GLU C 203 -28.86 -19.31 -36.85
CA GLU C 203 -29.42 -19.11 -35.51
C GLU C 203 -29.08 -20.22 -34.54
N VAL C 204 -28.69 -19.82 -33.34
CA VAL C 204 -28.32 -20.76 -32.29
C VAL C 204 -29.03 -20.41 -30.98
N ILE C 205 -28.84 -21.23 -29.96
CA ILE C 205 -29.46 -20.98 -28.68
C ILE C 205 -28.44 -20.97 -27.55
N ILE C 206 -28.36 -19.85 -26.84
CA ILE C 206 -27.45 -19.66 -25.72
C ILE C 206 -28.29 -19.94 -24.49
N VAL C 207 -27.78 -20.81 -23.62
CA VAL C 207 -28.51 -21.19 -22.43
C VAL C 207 -27.98 -20.66 -21.11
N ARG C 208 -26.79 -20.07 -21.10
CA ARG C 208 -26.22 -19.56 -19.88
C ARG C 208 -25.07 -18.61 -20.20
N VAL C 209 -24.84 -17.62 -19.36
CA VAL C 209 -23.74 -16.70 -19.59
C VAL C 209 -23.06 -16.46 -18.25
N GLU C 210 -21.73 -16.49 -18.25
CA GLU C 210 -20.92 -16.26 -17.08
C GLU C 210 -19.84 -15.22 -17.38
N ILE C 211 -19.44 -14.50 -16.35
CA ILE C 211 -18.40 -13.50 -16.40
C ILE C 211 -17.43 -13.98 -15.32
N ASN C 212 -16.22 -14.35 -15.71
CA ASN C 212 -15.28 -14.91 -14.75
C ASN C 212 -15.93 -16.00 -13.87
N GLY C 213 -16.75 -16.84 -14.52
CA GLY C 213 -17.39 -17.94 -13.83
C GLY C 213 -18.68 -17.60 -13.08
N GLN C 214 -18.94 -16.30 -12.91
CA GLN C 214 -20.14 -15.88 -12.21
C GLN C 214 -21.32 -15.79 -13.17
N ASP C 215 -22.35 -16.55 -12.83
CA ASP C 215 -23.58 -16.64 -13.63
C ASP C 215 -24.33 -15.30 -13.69
N LEU C 216 -24.63 -14.86 -14.91
CA LEU C 216 -25.35 -13.62 -15.06
C LEU C 216 -26.74 -13.86 -14.44
N LYS C 217 -27.19 -15.10 -14.49
CA LYS C 217 -28.44 -15.52 -13.88
C LYS C 217 -29.76 -14.92 -14.39
N MET C 218 -29.87 -14.74 -15.69
CA MET C 218 -31.10 -14.19 -16.22
C MET C 218 -31.94 -15.34 -16.76
N ASP C 219 -33.21 -15.10 -17.01
CA ASP C 219 -34.07 -16.10 -17.61
C ASP C 219 -33.36 -16.31 -18.94
N CYS C 220 -33.04 -17.56 -19.28
CA CYS C 220 -32.33 -17.84 -20.52
C CYS C 220 -32.98 -17.34 -21.81
N LYS C 221 -34.28 -17.08 -21.78
CA LYS C 221 -34.93 -16.59 -22.99
C LYS C 221 -34.40 -15.19 -23.27
N GLU C 222 -33.92 -14.52 -22.24
CA GLU C 222 -33.39 -13.16 -22.41
C GLU C 222 -32.15 -13.13 -23.30
N TYR C 223 -31.35 -14.18 -23.26
CA TYR C 223 -30.10 -14.28 -24.05
C TYR C 223 -30.34 -14.41 -25.54
N ASN C 224 -31.52 -14.92 -25.89
CA ASN C 224 -31.87 -15.14 -27.29
C ASN C 224 -33.08 -14.28 -27.62
N TYR C 225 -33.27 -13.22 -26.83
CA TYR C 225 -34.43 -12.38 -27.03
C TYR C 225 -34.39 -11.77 -28.38
N ASP C 226 -35.29 -12.37 -29.16
CA ASP C 226 -35.54 -12.14 -30.54
C ASP C 226 -34.88 -13.35 -31.19
N LYS C 227 -33.54 -13.38 -31.16
CA LYS C 227 -32.76 -14.48 -31.75
C LYS C 227 -31.28 -14.33 -31.40
N SER C 228 -30.49 -15.37 -31.66
CA SER C 228 -29.04 -15.33 -31.45
C SER C 228 -28.43 -15.93 -32.71
N ILE C 229 -27.56 -15.17 -33.37
CA ILE C 229 -26.94 -15.64 -34.62
C ILE C 229 -25.41 -15.52 -34.62
N VAL C 230 -24.78 -16.24 -35.53
CA VAL C 230 -23.33 -16.19 -35.69
C VAL C 230 -23.16 -15.36 -36.95
N ASP C 231 -22.47 -14.22 -36.83
CA ASP C 231 -22.35 -13.29 -37.97
C ASP C 231 -20.95 -12.78 -38.17
N SER C 232 -20.24 -13.37 -39.13
CA SER C 232 -18.89 -12.98 -39.42
C SER C 232 -18.79 -11.57 -40.01
N GLY C 233 -19.91 -10.97 -40.40
CA GLY C 233 -19.88 -9.63 -40.97
C GLY C 233 -20.08 -8.50 -39.96
N THR C 234 -20.21 -8.87 -38.68
CA THR C 234 -20.39 -7.92 -37.59
C THR C 234 -19.12 -7.88 -36.71
N THR C 235 -18.68 -6.67 -36.38
CA THR C 235 -17.47 -6.53 -35.57
C THR C 235 -17.58 -7.07 -34.16
N ASN C 236 -18.63 -6.62 -33.47
CA ASN C 236 -18.89 -6.88 -32.06
C ASN C 236 -19.64 -8.12 -31.60
N LEU C 237 -19.62 -8.26 -30.28
CA LEU C 237 -20.40 -9.26 -29.61
C LEU C 237 -21.53 -8.28 -29.26
N ARG C 238 -22.69 -8.48 -29.87
CA ARG C 238 -23.85 -7.63 -29.62
C ARG C 238 -24.81 -8.38 -28.73
N LEU C 239 -25.36 -7.71 -27.72
CA LEU C 239 -26.23 -8.38 -26.77
C LEU C 239 -27.56 -7.67 -26.55
N PRO C 240 -28.66 -8.42 -26.35
CA PRO C 240 -29.94 -7.76 -26.13
C PRO C 240 -29.76 -6.75 -24.97
N LYS C 241 -30.32 -5.56 -25.13
CA LYS C 241 -30.21 -4.50 -24.13
C LYS C 241 -30.13 -4.91 -22.65
N LYS C 242 -31.07 -5.73 -22.16
CA LYS C 242 -31.05 -6.16 -20.76
C LYS C 242 -29.83 -7.00 -20.37
N VAL C 243 -29.40 -7.86 -21.29
CA VAL C 243 -28.24 -8.71 -21.08
C VAL C 243 -27.02 -7.81 -21.12
N PHE C 244 -26.99 -6.90 -22.09
CA PHE C 244 -25.88 -5.99 -22.23
C PHE C 244 -25.64 -5.20 -20.94
N GLU C 245 -26.72 -4.71 -20.36
CA GLU C 245 -26.62 -3.94 -19.12
C GLU C 245 -26.06 -4.78 -17.97
N ALA C 246 -26.59 -5.99 -17.80
CA ALA C 246 -26.14 -6.90 -16.76
C ALA C 246 -24.68 -7.30 -16.98
N ALA C 247 -24.33 -7.56 -18.23
CA ALA C 247 -22.96 -7.95 -18.57
C ALA C 247 -21.97 -6.83 -18.24
N VAL C 248 -22.28 -5.62 -18.71
CA VAL C 248 -21.42 -4.49 -18.46
C VAL C 248 -21.23 -4.21 -16.96
N LYS C 249 -22.31 -4.34 -16.18
CA LYS C 249 -22.21 -4.11 -14.75
C LYS C 249 -21.24 -5.12 -14.13
N SER C 250 -21.33 -6.37 -14.58
CA SER C 250 -20.47 -7.40 -14.06
C SER C 250 -19.03 -7.22 -14.51
N ILE C 251 -18.83 -6.83 -15.77
CA ILE C 251 -17.48 -6.61 -16.29
C ILE C 251 -16.90 -5.41 -15.55
N LYS C 252 -17.71 -4.38 -15.32
CA LYS C 252 -17.21 -3.23 -14.54
C LYS C 252 -16.81 -3.67 -13.12
N ALA C 253 -17.67 -4.44 -12.46
CA ALA C 253 -17.32 -4.91 -11.10
C ALA C 253 -16.01 -5.73 -11.09
N ALA C 254 -15.84 -6.62 -12.06
CA ALA C 254 -14.62 -7.43 -12.11
C ALA C 254 -13.34 -6.60 -12.37
N SER C 255 -13.47 -5.48 -13.09
CA SER C 255 -12.30 -4.65 -13.41
C SER C 255 -12.26 -3.33 -12.66
N SER C 256 -12.93 -3.27 -11.52
CA SER C 256 -13.01 -2.03 -10.76
C SER C 256 -11.70 -1.42 -10.28
N THR C 257 -10.63 -2.20 -10.26
CA THR C 257 -9.37 -1.65 -9.78
C THR C 257 -8.86 -0.53 -10.68
N GLU C 258 -9.57 -0.32 -11.78
CA GLU C 258 -9.27 0.77 -12.70
C GLU C 258 -10.64 1.30 -13.12
N LYS C 259 -10.74 2.60 -13.32
CA LYS C 259 -12.01 3.15 -13.73
C LYS C 259 -11.88 3.65 -15.13
N PHE C 260 -12.94 3.53 -15.90
CA PHE C 260 -12.90 3.97 -17.28
C PHE C 260 -14.10 4.85 -17.59
N PRO C 261 -13.93 5.83 -18.48
CA PRO C 261 -15.04 6.73 -18.84
C PRO C 261 -16.25 5.99 -19.39
N ASP C 262 -17.44 6.56 -19.18
CA ASP C 262 -18.67 5.96 -19.69
C ASP C 262 -18.49 5.68 -21.17
N GLY C 263 -17.91 6.65 -21.87
CA GLY C 263 -17.69 6.54 -23.30
C GLY C 263 -16.96 5.28 -23.71
N PHE C 264 -16.08 4.79 -22.84
CA PHE C 264 -15.36 3.57 -23.15
C PHE C 264 -16.34 2.40 -23.21
N TRP C 265 -17.20 2.31 -22.20
CA TRP C 265 -18.19 1.24 -22.15
C TRP C 265 -19.25 1.34 -23.23
N LEU C 266 -19.39 2.52 -23.84
CA LEU C 266 -20.37 2.69 -24.90
C LEU C 266 -19.70 2.38 -26.26
N GLY C 267 -18.41 2.06 -26.22
CA GLY C 267 -17.67 1.76 -27.43
C GLY C 267 -17.35 3.05 -28.17
N GLU C 268 -17.55 4.18 -27.50
CA GLU C 268 -17.30 5.46 -28.13
C GLU C 268 -15.88 5.94 -28.10
N GLN C 269 -15.20 5.77 -26.96
CA GLN C 269 -13.81 6.20 -26.90
C GLN C 269 -12.86 5.07 -26.52
N LEU C 270 -11.63 5.16 -27.00
CA LEU C 270 -10.65 4.13 -26.72
C LEU C 270 -9.98 4.29 -25.36
N VAL C 271 -9.40 3.22 -24.86
CA VAL C 271 -8.66 3.27 -23.61
C VAL C 271 -7.25 2.94 -24.00
N CYS C 272 -6.29 3.53 -23.32
CA CYS C 272 -4.90 3.32 -23.67
C CYS C 272 -4.03 3.08 -22.45
N TRP C 273 -2.97 2.32 -22.63
CA TRP C 273 -2.00 2.05 -21.57
C TRP C 273 -0.61 2.16 -22.21
N GLN C 274 0.37 2.45 -21.36
CA GLN C 274 1.75 2.57 -21.79
C GLN C 274 2.12 1.25 -22.46
N ALA C 275 2.90 1.36 -23.53
CA ALA C 275 3.34 0.19 -24.31
C ALA C 275 3.64 -1.08 -23.52
N GLY C 276 2.89 -2.14 -23.84
CA GLY C 276 3.10 -3.41 -23.18
C GLY C 276 2.49 -3.58 -21.79
N THR C 277 1.88 -2.54 -21.22
CA THR C 277 1.29 -2.65 -19.87
C THR C 277 -0.23 -2.91 -19.79
N THR C 278 -0.87 -3.24 -20.90
CA THR C 278 -2.31 -3.50 -20.81
C THR C 278 -2.52 -4.57 -19.74
N PRO C 279 -3.32 -4.27 -18.71
CA PRO C 279 -3.62 -5.16 -17.59
C PRO C 279 -4.76 -6.13 -17.94
N TRP C 280 -4.48 -7.03 -18.87
CA TRP C 280 -5.45 -8.02 -19.31
C TRP C 280 -6.03 -8.78 -18.13
N ASN C 281 -5.16 -9.16 -17.18
CA ASN C 281 -5.60 -9.94 -16.04
C ASN C 281 -6.73 -9.33 -15.22
N ILE C 282 -6.94 -8.01 -15.31
CA ILE C 282 -8.02 -7.43 -14.50
C ILE C 282 -9.39 -7.57 -15.17
N PHE C 283 -9.41 -7.83 -16.48
CA PHE C 283 -10.65 -8.01 -17.19
C PHE C 283 -11.07 -9.48 -17.13
N PRO C 284 -12.35 -9.75 -16.97
CA PRO C 284 -12.85 -11.12 -16.88
C PRO C 284 -12.99 -11.87 -18.20
N VAL C 285 -13.01 -13.19 -18.12
CA VAL C 285 -13.25 -13.99 -19.30
C VAL C 285 -14.78 -14.00 -19.39
N ILE C 286 -15.30 -14.32 -20.57
CA ILE C 286 -16.74 -14.34 -20.78
C ILE C 286 -17.07 -15.67 -21.46
N SER C 287 -17.99 -16.42 -20.86
CA SER C 287 -18.43 -17.73 -21.37
C SER C 287 -19.89 -17.72 -21.81
N LEU C 288 -20.17 -18.30 -22.98
CA LEU C 288 -21.51 -18.42 -23.49
C LEU C 288 -21.72 -19.93 -23.56
N TYR C 289 -22.80 -20.41 -22.96
CA TYR C 289 -23.10 -21.85 -23.02
C TYR C 289 -24.11 -22.05 -24.16
N LEU C 290 -23.86 -23.05 -24.99
CA LEU C 290 -24.73 -23.29 -26.13
C LEU C 290 -25.38 -24.65 -25.98
N MET C 291 -26.56 -24.80 -26.57
CA MET C 291 -27.23 -26.06 -26.51
C MET C 291 -26.37 -27.07 -27.27
N GLY C 292 -26.35 -28.29 -26.76
CA GLY C 292 -25.57 -29.33 -27.39
C GLY C 292 -26.47 -30.17 -28.28
N GLU C 293 -25.87 -31.16 -28.95
CA GLU C 293 -26.63 -32.04 -29.83
C GLU C 293 -27.28 -33.16 -29.01
N VAL C 294 -26.63 -33.61 -27.93
CA VAL C 294 -27.19 -34.64 -27.06
C VAL C 294 -28.19 -33.94 -26.15
N THR C 295 -29.38 -34.54 -26.00
CA THR C 295 -30.43 -33.98 -25.16
C THR C 295 -29.94 -33.63 -23.77
N ASN C 296 -30.42 -32.51 -23.23
CA ASN C 296 -30.05 -32.07 -21.88
C ASN C 296 -28.58 -31.84 -21.63
N GLN C 297 -27.84 -31.65 -22.71
CA GLN C 297 -26.40 -31.42 -22.66
C GLN C 297 -26.06 -30.07 -23.33
N SER C 298 -25.06 -29.38 -22.81
CA SER C 298 -24.63 -28.11 -23.39
C SER C 298 -23.11 -28.05 -23.25
N PHE C 299 -22.49 -27.08 -23.91
CA PHE C 299 -21.06 -26.90 -23.81
C PHE C 299 -20.85 -25.37 -23.71
N ARG C 300 -19.64 -24.90 -23.47
CA ARG C 300 -19.45 -23.45 -23.38
C ARG C 300 -18.25 -23.02 -24.16
N ILE C 301 -18.27 -21.77 -24.63
CA ILE C 301 -17.13 -21.19 -25.33
C ILE C 301 -16.77 -19.99 -24.46
N THR C 302 -15.48 -19.79 -24.26
CA THR C 302 -15.00 -18.71 -23.41
C THR C 302 -13.98 -17.86 -24.16
N ILE C 303 -14.18 -16.55 -24.14
CA ILE C 303 -13.29 -15.61 -24.77
C ILE C 303 -12.62 -14.78 -23.68
N LEU C 304 -11.53 -14.14 -24.06
CA LEU C 304 -10.72 -13.32 -23.18
C LEU C 304 -10.85 -11.85 -23.53
N PRO C 305 -10.34 -10.97 -22.68
CA PRO C 305 -10.43 -9.56 -23.04
C PRO C 305 -9.64 -9.36 -24.36
N GLN C 306 -8.68 -10.23 -24.67
CA GLN C 306 -7.95 -10.04 -25.94
C GLN C 306 -8.91 -10.21 -27.12
N GLN C 307 -10.06 -10.85 -26.90
CA GLN C 307 -11.04 -10.91 -27.98
C GLN C 307 -12.02 -9.69 -27.93
N TYR C 308 -12.46 -9.25 -26.75
CA TYR C 308 -13.46 -8.18 -26.70
C TYR C 308 -12.96 -6.73 -26.56
N LEU C 309 -11.64 -6.54 -26.45
CA LEU C 309 -11.03 -5.20 -26.46
C LEU C 309 -10.30 -5.22 -27.81
N ARG C 310 -10.81 -4.52 -28.81
CA ARG C 310 -10.13 -4.60 -30.08
C ARG C 310 -9.11 -3.48 -30.24
N PRO C 311 -7.95 -3.82 -30.82
CA PRO C 311 -6.81 -2.92 -31.06
C PRO C 311 -7.10 -1.79 -32.05
N VAL C 312 -6.73 -0.56 -31.66
CA VAL C 312 -6.87 0.61 -32.52
C VAL C 312 -5.59 1.41 -32.34
N GLU C 313 -5.07 1.95 -33.42
CA GLU C 313 -3.85 2.71 -33.32
C GLU C 313 -4.07 3.94 -32.46
N ASP C 314 -2.99 4.41 -31.85
CA ASP C 314 -3.06 5.59 -31.01
C ASP C 314 -3.26 6.85 -31.86
N VAL C 315 -4.32 7.60 -31.56
CA VAL C 315 -4.61 8.85 -32.30
C VAL C 315 -3.39 9.78 -32.23
N ALA C 316 -2.69 9.72 -31.11
CA ALA C 316 -1.48 10.51 -30.88
C ALA C 316 -0.31 9.81 -31.59
N THR C 317 0.84 10.49 -31.64
CA THR C 317 2.02 9.91 -32.29
C THR C 317 2.79 9.03 -31.32
N SER C 318 2.11 8.62 -30.23
CA SER C 318 2.73 7.81 -29.19
C SER C 318 2.89 6.33 -29.51
N GLN C 319 3.34 5.60 -28.51
CA GLN C 319 3.55 4.15 -28.61
C GLN C 319 2.67 3.44 -27.60
N ASP C 320 1.60 4.12 -27.19
CA ASP C 320 0.65 3.53 -26.26
C ASP C 320 -0.11 2.37 -26.96
N ASP C 321 -0.60 1.42 -26.17
CA ASP C 321 -1.39 0.31 -26.70
C ASP C 321 -2.82 0.69 -26.38
N CYS C 322 -3.64 0.86 -27.42
CA CYS C 322 -5.03 1.26 -27.24
C CYS C 322 -6.07 0.30 -27.79
N TYR C 323 -7.27 0.36 -27.22
CA TYR C 323 -8.35 -0.53 -27.61
C TYR C 323 -9.71 0.11 -27.45
N LYS C 324 -10.71 -0.47 -28.11
CA LYS C 324 -12.10 -0.06 -27.97
C LYS C 324 -12.85 -1.29 -27.43
N PHE C 325 -13.84 -1.07 -26.57
CA PHE C 325 -14.66 -2.13 -25.98
C PHE C 325 -15.56 -2.61 -27.11
N ALA C 326 -15.44 -3.87 -27.52
CA ALA C 326 -16.23 -4.36 -28.66
C ALA C 326 -17.47 -5.21 -28.33
N ILE C 327 -18.11 -4.91 -27.20
CA ILE C 327 -19.33 -5.58 -26.80
C ILE C 327 -20.34 -4.44 -26.74
N SER C 328 -21.45 -4.59 -27.45
CA SER C 328 -22.43 -3.51 -27.50
C SER C 328 -23.85 -4.01 -27.48
N GLN C 329 -24.80 -3.08 -27.35
CA GLN C 329 -26.20 -3.42 -27.27
C GLN C 329 -26.92 -3.61 -28.58
N SER C 330 -27.94 -4.46 -28.54
CA SER C 330 -28.71 -4.73 -29.73
C SER C 330 -30.18 -4.76 -29.38
N SER C 331 -31.01 -4.42 -30.36
CA SER C 331 -32.46 -4.47 -30.13
C SER C 331 -33.01 -5.56 -31.04
N THR C 332 -32.10 -6.36 -31.59
CA THR C 332 -32.53 -7.46 -32.45
C THR C 332 -31.86 -8.80 -32.17
N GLY C 333 -31.57 -9.10 -30.91
CA GLY C 333 -30.99 -10.39 -30.61
C GLY C 333 -29.49 -10.35 -30.39
N THR C 334 -28.96 -11.48 -29.93
CA THR C 334 -27.53 -11.55 -29.71
C THR C 334 -26.86 -11.73 -31.07
N VAL C 335 -25.71 -11.11 -31.27
CA VAL C 335 -24.99 -11.28 -32.52
C VAL C 335 -23.57 -11.69 -32.11
N MET C 336 -23.16 -12.88 -32.54
CA MET C 336 -21.82 -13.36 -32.24
C MET C 336 -20.94 -13.01 -33.44
N GLY C 337 -20.40 -11.80 -33.37
CA GLY C 337 -19.55 -11.29 -34.42
C GLY C 337 -18.12 -11.74 -34.28
N ALA C 338 -17.27 -10.93 -34.90
CA ALA C 338 -15.84 -11.15 -34.93
C ALA C 338 -15.26 -11.27 -33.55
N VAL C 339 -15.84 -10.61 -32.55
CA VAL C 339 -15.30 -10.74 -31.21
C VAL C 339 -15.31 -12.22 -30.80
N ILE C 340 -16.39 -12.92 -31.16
CA ILE C 340 -16.50 -14.34 -30.86
C ILE C 340 -15.66 -15.13 -31.82
N MET C 341 -15.85 -14.86 -33.12
CA MET C 341 -15.13 -15.61 -34.13
C MET C 341 -13.59 -15.55 -34.13
N GLU C 342 -12.99 -14.45 -33.69
CA GLU C 342 -11.52 -14.42 -33.68
C GLU C 342 -11.04 -15.35 -32.58
N GLY C 343 -11.97 -15.79 -31.73
CA GLY C 343 -11.60 -16.68 -30.64
C GLY C 343 -11.65 -18.15 -31.01
N PHE C 344 -12.49 -18.49 -31.99
CA PHE C 344 -12.67 -19.89 -32.35
C PHE C 344 -12.63 -20.24 -33.83
N TYR C 345 -12.48 -21.54 -34.10
CA TYR C 345 -12.52 -22.09 -35.45
C TYR C 345 -13.99 -22.45 -35.49
N VAL C 346 -14.73 -21.93 -36.46
CA VAL C 346 -16.16 -22.19 -36.49
C VAL C 346 -16.54 -22.95 -37.73
N VAL C 347 -17.20 -24.08 -37.52
CA VAL C 347 -17.61 -24.95 -38.62
C VAL C 347 -19.10 -24.82 -38.90
N PHE C 348 -19.44 -24.34 -40.07
CA PHE C 348 -20.85 -24.18 -40.47
C PHE C 348 -21.21 -25.45 -41.23
N ASP C 349 -21.61 -26.46 -40.48
CA ASP C 349 -21.98 -27.77 -41.02
C ASP C 349 -23.43 -27.77 -41.50
N ARG C 350 -23.66 -27.17 -42.66
CA ARG C 350 -25.02 -27.07 -43.17
C ARG C 350 -25.59 -28.46 -43.43
N ALA C 351 -24.75 -29.39 -43.85
CA ALA C 351 -25.24 -30.74 -44.14
C ALA C 351 -25.89 -31.36 -42.93
N ARG C 352 -25.27 -31.21 -41.76
CA ARG C 352 -25.85 -31.77 -40.56
C ARG C 352 -26.56 -30.71 -39.70
N LYS C 353 -26.88 -29.55 -40.28
CA LYS C 353 -27.62 -28.50 -39.57
C LYS C 353 -27.06 -28.25 -38.17
N ARG C 354 -25.76 -27.96 -38.09
CA ARG C 354 -25.10 -27.71 -36.82
C ARG C 354 -23.89 -26.81 -37.00
N ILE C 355 -23.47 -26.16 -35.91
CA ILE C 355 -22.32 -25.29 -35.96
C ILE C 355 -21.33 -25.75 -34.91
N GLY C 356 -20.09 -26.00 -35.34
CA GLY C 356 -19.10 -26.47 -34.40
C GLY C 356 -18.14 -25.38 -33.98
N PHE C 357 -17.63 -25.51 -32.74
CA PHE C 357 -16.69 -24.57 -32.19
C PHE C 357 -15.49 -25.28 -31.56
N ALA C 358 -14.30 -24.80 -31.87
CA ALA C 358 -13.07 -25.31 -31.26
C ALA C 358 -12.19 -24.07 -31.05
N VAL C 359 -11.29 -24.16 -30.07
CA VAL C 359 -10.33 -23.09 -29.77
C VAL C 359 -9.49 -22.88 -31.02
N SER C 360 -9.39 -21.63 -31.47
CA SER C 360 -8.63 -21.31 -32.65
C SER C 360 -7.13 -21.29 -32.40
N ALA C 361 -6.38 -21.84 -33.36
CA ALA C 361 -4.92 -21.87 -33.28
C ALA C 361 -4.33 -20.45 -33.46
N CYS C 362 -5.14 -19.48 -33.90
CA CYS C 362 -4.63 -18.12 -34.03
C CYS C 362 -5.32 -17.15 -33.07
N HIS C 363 -6.00 -17.64 -32.03
CA HIS C 363 -6.65 -16.65 -31.15
C HIS C 363 -5.59 -15.91 -30.32
N VAL C 364 -5.84 -14.65 -30.01
CA VAL C 364 -4.88 -13.85 -29.22
C VAL C 364 -5.03 -14.18 -27.74
N HIS C 365 -3.92 -14.42 -27.06
CA HIS C 365 -3.99 -14.70 -25.61
C HIS C 365 -2.68 -14.35 -24.93
N ASP C 366 -2.56 -14.66 -23.65
CA ASP C 366 -1.33 -14.37 -22.91
C ASP C 366 -0.87 -15.68 -22.26
N GLU C 367 0.21 -15.64 -21.51
CA GLU C 367 0.72 -16.85 -20.87
C GLU C 367 -0.19 -17.45 -19.80
N PHE C 368 -1.09 -16.65 -19.28
CA PHE C 368 -1.91 -17.16 -18.20
C PHE C 368 -3.30 -17.71 -18.51
N ARG C 369 -3.87 -17.28 -19.63
CA ARG C 369 -5.23 -17.71 -20.01
C ARG C 369 -5.31 -17.84 -21.53
N THR C 370 -6.19 -18.73 -21.97
CA THR C 370 -6.47 -18.94 -23.39
C THR C 370 -8.00 -19.06 -23.55
N ALA C 371 -8.48 -18.91 -24.78
CA ALA C 371 -9.89 -19.08 -25.00
C ALA C 371 -10.11 -20.59 -24.78
N ALA C 372 -11.35 -21.00 -24.61
CA ALA C 372 -11.64 -22.41 -24.38
C ALA C 372 -13.01 -22.83 -24.92
N VAL C 373 -13.15 -24.12 -25.19
CA VAL C 373 -14.41 -24.72 -25.61
C VAL C 373 -14.39 -25.97 -24.74
N GLU C 374 -15.36 -26.06 -23.83
CA GLU C 374 -15.44 -27.14 -22.85
C GLU C 374 -16.86 -27.70 -22.66
N GLY C 375 -16.91 -29.00 -22.33
CA GLY C 375 -18.21 -29.63 -22.10
C GLY C 375 -18.05 -31.08 -21.67
N PRO C 376 -19.15 -31.78 -21.38
CA PRO C 376 -20.54 -31.32 -21.45
C PRO C 376 -21.04 -30.87 -20.08
N PHE C 377 -22.14 -30.14 -20.04
CA PHE C 377 -22.74 -29.74 -18.77
C PHE C 377 -24.16 -30.29 -18.84
N VAL C 378 -24.61 -30.90 -17.74
CA VAL C 378 -25.93 -31.54 -17.64
C VAL C 378 -26.99 -30.94 -16.70
N THR C 379 -26.59 -30.10 -15.75
CA THR C 379 -27.57 -29.53 -14.82
C THR C 379 -28.39 -28.40 -15.43
N LEU C 380 -28.19 -28.20 -16.72
CA LEU C 380 -28.83 -27.15 -17.54
C LEU C 380 -30.36 -27.05 -17.61
N ASP C 381 -30.91 -25.97 -17.07
CA ASP C 381 -32.34 -25.74 -17.21
C ASP C 381 -32.46 -25.03 -18.56
N MET C 382 -32.42 -25.81 -19.64
CA MET C 382 -32.51 -25.25 -20.99
C MET C 382 -33.99 -25.13 -21.30
N GLU C 383 -34.66 -26.25 -21.51
CA GLU C 383 -36.09 -26.20 -21.75
C GLU C 383 -36.43 -25.34 -22.96
N ASP C 384 -36.96 -24.14 -22.72
CA ASP C 384 -37.32 -23.26 -23.82
C ASP C 384 -36.61 -21.93 -23.75
N CYS C 385 -35.32 -21.95 -24.05
CA CYS C 385 -34.50 -20.74 -24.05
C CYS C 385 -34.71 -19.96 -25.34
N GLY C 386 -35.31 -20.61 -26.32
CA GLY C 386 -35.55 -19.98 -27.59
C GLY C 386 -36.74 -19.05 -27.53
N TYR C 387 -36.69 -17.97 -28.29
CA TYR C 387 -37.78 -17.03 -28.35
C TYR C 387 -38.66 -17.38 -29.54
N ASN C 388 -39.97 -17.20 -29.39
CA ASN C 388 -40.91 -17.51 -30.47
C ASN C 388 -41.78 -16.31 -30.84
N PHE D 2 13.63 12.71 -13.99
CA PHE D 2 13.33 13.53 -15.21
C PHE D 2 14.40 14.59 -15.39
N VAL D 3 15.66 14.19 -15.18
CA VAL D 3 16.79 15.10 -15.29
C VAL D 3 16.66 16.21 -16.33
N GLU D 4 16.18 15.87 -17.52
CA GLU D 4 16.04 16.87 -18.57
C GLU D 4 15.17 18.05 -18.12
N MET D 5 14.19 17.80 -17.26
CA MET D 5 13.32 18.88 -16.79
C MET D 5 13.75 19.53 -15.48
N VAL D 6 14.67 18.89 -14.78
CA VAL D 6 15.16 19.42 -13.51
C VAL D 6 15.77 20.78 -13.83
N ASP D 7 15.61 21.73 -12.91
CA ASP D 7 16.15 23.08 -13.07
C ASP D 7 15.70 23.79 -14.33
N ASN D 8 14.47 23.58 -14.77
CA ASN D 8 14.05 24.30 -15.97
C ASN D 8 13.35 25.63 -15.64
N LEU D 9 13.35 26.06 -14.39
CA LEU D 9 12.69 27.32 -14.05
C LEU D 9 13.68 28.43 -13.76
N ARG D 10 13.23 29.68 -13.90
CA ARG D 10 14.07 30.84 -13.62
C ARG D 10 13.14 31.79 -12.89
N GLY D 11 13.71 32.81 -12.26
CA GLY D 11 12.89 33.76 -11.52
C GLY D 11 13.32 33.91 -10.07
N LYS D 12 12.52 34.63 -9.29
CA LYS D 12 12.92 34.87 -7.90
C LYS D 12 11.75 35.38 -7.07
N SER D 13 11.93 35.34 -5.75
CA SER D 13 10.89 35.80 -4.82
C SER D 13 10.42 37.20 -5.18
N GLY D 14 9.10 37.40 -5.10
CA GLY D 14 8.54 38.70 -5.40
C GLY D 14 8.37 39.00 -6.88
N GLN D 15 9.12 38.32 -7.75
CA GLN D 15 9.01 38.59 -9.20
C GLN D 15 8.27 37.55 -10.06
N GLY D 16 8.32 36.29 -9.65
CA GLY D 16 7.62 35.26 -10.38
C GLY D 16 8.57 34.22 -10.94
N TYR D 17 8.08 32.99 -11.09
CA TYR D 17 8.91 31.89 -11.61
C TYR D 17 8.38 31.52 -12.97
N TYR D 18 9.28 31.40 -13.95
CA TYR D 18 8.87 31.14 -15.32
C TYR D 18 9.64 30.04 -16.05
N VAL D 19 8.99 29.48 -17.06
CA VAL D 19 9.57 28.40 -17.87
C VAL D 19 9.67 28.84 -19.33
N GLU D 20 10.65 28.31 -20.05
CA GLU D 20 10.81 28.69 -21.44
C GLU D 20 9.83 27.90 -22.32
N MET D 21 9.19 28.58 -23.26
CA MET D 21 8.25 27.94 -24.17
C MET D 21 8.42 28.56 -25.54
N THR D 22 8.00 27.87 -26.60
CA THR D 22 8.09 28.43 -27.93
C THR D 22 6.69 28.34 -28.47
N VAL D 23 6.26 29.38 -29.19
CA VAL D 23 4.94 29.39 -29.79
C VAL D 23 5.06 29.76 -31.26
N GLY D 24 4.20 29.17 -32.08
CA GLY D 24 4.21 29.52 -33.49
C GLY D 24 5.26 28.89 -34.39
N SER D 25 5.15 29.18 -35.69
CA SER D 25 6.07 28.65 -36.67
C SER D 25 6.56 29.74 -37.63
N PRO D 26 7.88 29.98 -37.66
CA PRO D 26 8.88 29.27 -36.85
C PRO D 26 8.73 29.63 -35.37
N PRO D 27 9.28 28.82 -34.47
CA PRO D 27 9.20 29.01 -33.02
C PRO D 27 9.58 30.39 -32.51
N GLN D 28 8.70 30.99 -31.71
CA GLN D 28 9.00 32.27 -31.07
C GLN D 28 9.20 31.92 -29.59
N THR D 29 10.44 32.09 -29.11
CA THR D 29 10.75 31.77 -27.72
C THR D 29 10.23 32.85 -26.77
N LEU D 30 9.54 32.41 -25.72
CA LEU D 30 9.01 33.33 -24.71
C LEU D 30 9.11 32.71 -23.30
N ASN D 31 9.29 33.58 -22.30
CA ASN D 31 9.37 33.17 -20.89
C ASN D 31 7.96 33.22 -20.34
N ILE D 32 7.46 32.08 -19.86
CA ILE D 32 6.09 32.02 -19.36
C ILE D 32 6.03 31.73 -17.87
N LEU D 33 5.42 32.66 -17.15
CA LEU D 33 5.22 32.53 -15.70
C LEU D 33 4.30 31.35 -15.40
N VAL D 34 4.67 30.54 -14.42
CA VAL D 34 3.84 29.39 -14.09
C VAL D 34 2.88 29.72 -12.98
N ASP D 35 1.59 29.62 -13.30
CA ASP D 35 0.51 29.98 -12.39
C ASP D 35 -0.59 28.93 -12.14
N THR D 36 -0.59 28.34 -10.96
CA THR D 36 -1.62 27.34 -10.64
C THR D 36 -2.90 28.03 -10.17
N GLY D 37 -2.86 29.36 -10.10
CA GLY D 37 -4.01 30.12 -9.65
C GLY D 37 -4.97 30.54 -10.78
N SER D 38 -4.70 30.10 -11.99
CA SER D 38 -5.59 30.48 -13.08
C SER D 38 -5.58 29.43 -14.18
N SER D 39 -6.34 29.66 -15.24
CA SER D 39 -6.44 28.65 -16.27
C SER D 39 -6.26 29.12 -17.69
N ASN D 40 -5.80 30.36 -17.85
CA ASN D 40 -5.58 30.86 -19.21
C ASN D 40 -4.12 30.93 -19.61
N PHE D 41 -3.82 30.49 -20.83
CA PHE D 41 -2.47 30.56 -21.38
C PHE D 41 -2.49 31.88 -22.17
N ALA D 42 -1.72 32.87 -21.72
CA ALA D 42 -1.72 34.15 -22.40
C ALA D 42 -0.31 34.72 -22.54
N VAL D 43 -0.09 35.46 -23.62
CA VAL D 43 1.22 36.04 -23.85
C VAL D 43 1.12 37.45 -24.39
N GLY D 44 2.09 38.28 -23.99
CA GLY D 44 2.13 39.64 -24.50
C GLY D 44 2.23 39.47 -26.00
N ALA D 45 1.45 40.23 -26.75
CA ALA D 45 1.47 40.08 -28.19
C ALA D 45 1.56 41.44 -28.88
N ALA D 46 1.90 42.46 -28.10
CA ALA D 46 2.09 43.82 -28.61
C ALA D 46 3.12 44.51 -27.72
N PRO D 47 3.81 45.55 -28.24
CA PRO D 47 4.82 46.25 -27.43
C PRO D 47 4.37 46.69 -26.06
N HIS D 48 5.29 46.61 -25.11
CA HIS D 48 5.02 47.02 -23.74
C HIS D 48 6.37 47.34 -23.14
N PRO D 49 6.42 48.41 -22.35
CA PRO D 49 7.62 48.90 -21.67
C PRO D 49 8.37 47.78 -20.96
N PHE D 50 7.62 46.86 -20.36
CA PHE D 50 8.25 45.78 -19.61
C PHE D 50 8.52 44.49 -20.34
N LEU D 51 8.24 44.43 -21.65
CA LEU D 51 8.47 43.21 -22.42
C LEU D 51 9.68 43.31 -23.36
N HIS D 52 10.66 42.43 -23.17
CA HIS D 52 11.85 42.42 -24.03
C HIS D 52 11.40 41.78 -25.37
N ARG D 53 10.35 40.99 -25.34
CA ARG D 53 9.84 40.37 -26.55
C ARG D 53 8.35 40.03 -26.43
N TYR D 54 7.71 39.81 -27.58
CA TYR D 54 6.30 39.48 -27.56
C TYR D 54 5.89 38.59 -28.74
N TYR D 55 4.72 38.00 -28.60
CA TYR D 55 4.18 37.10 -29.62
C TYR D 55 3.77 37.88 -30.86
N GLN D 56 4.33 37.52 -32.00
CA GLN D 56 3.99 38.20 -33.25
C GLN D 56 3.20 37.24 -34.11
N ARG D 57 1.88 37.29 -33.97
CA ARG D 57 0.98 36.39 -34.69
C ARG D 57 1.07 36.44 -36.21
N GLN D 58 1.36 37.62 -36.78
CA GLN D 58 1.46 37.73 -38.23
C GLN D 58 2.67 36.99 -38.73
N LEU D 59 3.61 36.69 -37.84
CA LEU D 59 4.81 35.97 -38.27
C LEU D 59 4.71 34.47 -38.05
N SER D 60 3.60 33.99 -37.51
CA SER D 60 3.45 32.57 -37.30
C SER D 60 2.57 32.00 -38.39
N SER D 61 3.09 31.05 -39.16
CA SER D 61 2.32 30.45 -40.25
C SER D 61 1.23 29.52 -39.72
N THR D 62 1.45 29.01 -38.51
CA THR D 62 0.51 28.10 -37.85
C THR D 62 -0.53 28.71 -36.94
N TYR D 63 -0.51 30.04 -36.88
CA TYR D 63 -1.48 30.78 -36.08
C TYR D 63 -2.91 30.68 -36.66
N ARG D 64 -3.87 30.42 -35.80
CA ARG D 64 -5.28 30.33 -36.21
C ARG D 64 -6.05 31.36 -35.39
N ASP D 65 -6.77 32.25 -36.09
CA ASP D 65 -7.52 33.30 -35.41
C ASP D 65 -8.95 32.87 -35.08
N LEU D 66 -9.25 32.79 -33.78
CA LEU D 66 -10.57 32.36 -33.30
C LEU D 66 -11.60 33.48 -33.27
N ARG D 67 -11.19 34.67 -33.72
CA ARG D 67 -12.05 35.82 -33.78
C ARG D 67 -12.90 36.06 -32.54
N LYS D 68 -12.30 35.99 -31.36
CA LYS D 68 -13.07 36.25 -30.14
C LYS D 68 -12.19 36.92 -29.10
N GLY D 69 -12.74 37.93 -28.45
CA GLY D 69 -12.01 38.67 -27.44
C GLY D 69 -12.04 37.97 -26.08
N VAL D 70 -11.10 38.33 -25.22
CA VAL D 70 -11.05 37.70 -23.90
C VAL D 70 -10.52 38.67 -22.85
N TYR D 71 -11.14 38.64 -21.69
CA TYR D 71 -10.78 39.52 -20.58
C TYR D 71 -10.49 38.70 -19.32
N VAL D 72 -9.39 38.99 -18.64
CA VAL D 72 -9.04 38.25 -17.43
C VAL D 72 -8.57 39.15 -16.30
N PRO D 73 -9.38 39.25 -15.26
CA PRO D 73 -8.92 40.12 -14.18
C PRO D 73 -8.41 39.23 -13.04
N TYR D 74 -7.24 39.55 -12.49
CA TYR D 74 -6.68 38.76 -11.37
C TYR D 74 -6.81 39.57 -10.07
N THR D 75 -6.46 38.97 -8.93
CA THR D 75 -6.51 39.70 -7.66
C THR D 75 -5.57 40.90 -7.82
N GLN D 76 -4.52 40.71 -8.61
CA GLN D 76 -3.58 41.76 -8.91
C GLN D 76 -3.32 41.73 -10.41
N GLY D 77 -3.64 42.83 -11.09
CA GLY D 77 -3.41 42.91 -12.51
C GLY D 77 -4.57 42.41 -13.34
N LYS D 78 -4.60 42.85 -14.60
CA LYS D 78 -5.64 42.47 -15.54
C LYS D 78 -5.12 42.65 -16.96
N TRP D 79 -5.64 41.85 -17.89
CA TRP D 79 -5.24 41.97 -19.26
C TRP D 79 -6.41 41.72 -20.21
N GLU D 80 -6.30 42.28 -21.41
CA GLU D 80 -7.33 42.16 -22.44
C GLU D 80 -6.65 41.58 -23.66
N GLY D 81 -7.33 40.69 -24.37
CA GLY D 81 -6.69 40.11 -25.54
C GLY D 81 -7.60 39.47 -26.57
N GLU D 82 -6.97 38.75 -27.50
CA GLU D 82 -7.64 38.08 -28.60
C GLU D 82 -7.28 36.61 -28.63
N LEU D 83 -8.28 35.76 -28.74
CA LEU D 83 -8.06 34.31 -28.76
C LEU D 83 -7.65 33.72 -30.11
N GLY D 84 -6.85 32.66 -30.02
CA GLY D 84 -6.39 31.93 -31.21
C GLY D 84 -5.70 30.67 -30.76
N THR D 85 -5.25 29.83 -31.69
CA THR D 85 -4.50 28.64 -31.27
C THR D 85 -3.23 28.69 -32.07
N ASP D 86 -2.22 27.94 -31.65
CA ASP D 86 -0.98 27.90 -32.37
C ASP D 86 -0.22 26.72 -31.82
N LEU D 87 0.91 26.40 -32.43
CA LEU D 87 1.70 25.29 -31.98
C LEU D 87 2.64 25.80 -30.87
N VAL D 88 2.70 25.03 -29.80
CA VAL D 88 3.51 25.32 -28.62
C VAL D 88 4.40 24.15 -28.21
N SER D 89 5.63 24.46 -27.78
CA SER D 89 6.59 23.48 -27.32
C SER D 89 7.22 24.02 -26.03
N ILE D 90 7.91 23.13 -25.31
CA ILE D 90 8.59 23.49 -24.06
C ILE D 90 9.99 22.90 -24.22
N PRO D 91 10.97 23.73 -24.58
CA PRO D 91 12.36 23.29 -24.77
C PRO D 91 12.93 22.35 -23.73
N HIS D 92 12.69 22.66 -22.44
CA HIS D 92 13.20 21.84 -21.36
C HIS D 92 12.04 21.17 -20.63
N GLY D 93 11.09 20.68 -21.41
CA GLY D 93 9.94 19.99 -20.88
C GLY D 93 9.83 18.73 -21.73
N PRO D 94 8.68 18.05 -21.75
CA PRO D 94 8.63 16.85 -22.59
C PRO D 94 8.88 17.26 -24.06
N ASN D 95 9.39 16.32 -24.85
CA ASN D 95 9.69 16.60 -26.24
C ASN D 95 8.44 16.41 -27.09
N VAL D 96 7.54 17.36 -26.99
CA VAL D 96 6.29 17.29 -27.73
C VAL D 96 5.85 18.67 -28.13
N THR D 97 5.00 18.75 -29.15
CA THR D 97 4.46 20.00 -29.66
C THR D 97 2.96 19.86 -29.63
N VAL D 98 2.27 20.81 -29.01
CA VAL D 98 0.83 20.75 -28.90
C VAL D 98 0.15 21.97 -29.53
N ARG D 99 -1.03 21.76 -30.14
CA ARG D 99 -1.76 22.91 -30.67
C ARG D 99 -2.64 23.29 -29.50
N ALA D 100 -2.48 24.51 -29.02
CA ALA D 100 -3.23 24.92 -27.86
C ALA D 100 -3.81 26.31 -28.00
N ASN D 101 -4.76 26.64 -27.13
CA ASN D 101 -5.37 27.96 -27.12
C ASN D 101 -4.35 28.95 -26.54
N ILE D 102 -4.38 30.17 -27.07
CA ILE D 102 -3.48 31.22 -26.62
C ILE D 102 -4.22 32.55 -26.67
N ALA D 103 -4.14 33.32 -25.58
CA ALA D 103 -4.74 34.66 -25.55
C ALA D 103 -3.60 35.61 -25.94
N ALA D 104 -3.78 36.35 -27.02
CA ALA D 104 -2.73 37.29 -27.42
C ALA D 104 -3.08 38.55 -26.64
N ILE D 105 -2.26 38.87 -25.65
CA ILE D 105 -2.50 40.04 -24.84
C ILE D 105 -2.23 41.32 -25.65
N THR D 106 -3.26 42.13 -25.82
CA THR D 106 -3.17 43.40 -26.56
C THR D 106 -3.19 44.62 -25.63
N GLU D 107 -3.76 44.46 -24.43
CA GLU D 107 -3.80 45.55 -23.43
C GLU D 107 -3.77 44.96 -22.04
N SER D 108 -3.05 45.63 -21.14
CA SER D 108 -2.94 45.15 -19.76
C SER D 108 -2.72 46.30 -18.76
N ASP D 109 -3.12 46.06 -17.51
CA ASP D 109 -2.95 47.03 -16.42
C ASP D 109 -2.35 46.37 -15.16
N LYS D 110 -1.18 46.84 -14.74
CA LYS D 110 -0.50 46.32 -13.55
C LYS D 110 -0.34 44.80 -13.62
N PHE D 111 -0.05 44.29 -14.81
CA PHE D 111 0.12 42.85 -14.98
C PHE D 111 1.59 42.54 -15.15
N PHE D 112 2.20 43.02 -16.24
CA PHE D 112 3.61 42.75 -16.44
C PHE D 112 4.46 43.50 -15.40
N ILE D 113 5.54 42.86 -14.96
CA ILE D 113 6.41 43.40 -13.94
C ILE D 113 7.79 43.78 -14.46
N ASN D 114 8.20 45.01 -14.17
CA ASN D 114 9.49 45.47 -14.66
C ASN D 114 10.63 44.62 -14.15
N GLY D 115 11.51 44.23 -15.06
CA GLY D 115 12.65 43.41 -14.67
C GLY D 115 12.39 41.91 -14.44
N SER D 116 11.12 41.50 -14.44
CA SER D 116 10.70 40.10 -14.20
C SER D 116 11.22 39.08 -15.21
N ASN D 117 11.41 39.53 -16.44
CA ASN D 117 11.87 38.69 -17.52
C ASN D 117 10.84 37.71 -18.08
N TRP D 118 9.61 37.68 -17.52
CA TRP D 118 8.55 36.82 -18.08
C TRP D 118 7.63 37.65 -19.00
N GLU D 119 7.19 37.04 -20.08
CA GLU D 119 6.38 37.69 -21.11
C GLU D 119 4.98 37.12 -21.35
N GLY D 120 4.61 36.10 -20.59
CA GLY D 120 3.31 35.48 -20.71
C GLY D 120 3.04 34.69 -19.43
N ILE D 121 1.84 34.12 -19.32
CA ILE D 121 1.45 33.37 -18.13
C ILE D 121 0.78 32.05 -18.50
N LEU D 122 1.12 30.98 -17.79
CA LEU D 122 0.54 29.66 -18.03
C LEU D 122 -0.41 29.26 -16.89
N GLY D 123 -1.72 29.41 -17.14
CA GLY D 123 -2.73 29.06 -16.17
C GLY D 123 -2.84 27.55 -16.15
N LEU D 124 -2.47 26.97 -15.02
CA LEU D 124 -2.44 25.52 -14.86
C LEU D 124 -3.62 24.90 -14.10
N ALA D 125 -4.57 25.75 -13.69
CA ALA D 125 -5.73 25.26 -12.97
C ALA D 125 -6.80 24.70 -13.95
N TYR D 126 -7.99 24.42 -13.45
CA TYR D 126 -8.99 23.79 -14.31
C TYR D 126 -9.90 24.66 -15.16
N ALA D 127 -10.41 24.02 -16.23
CA ALA D 127 -11.27 24.68 -17.22
C ALA D 127 -12.39 25.49 -16.60
N GLU D 128 -12.88 25.03 -15.46
CA GLU D 128 -13.97 25.72 -14.78
C GLU D 128 -13.76 27.23 -14.56
N ILE D 129 -12.51 27.66 -14.36
CA ILE D 129 -12.25 29.07 -14.13
C ILE D 129 -11.56 29.80 -15.26
N ALA D 130 -11.55 29.17 -16.43
CA ALA D 130 -10.93 29.78 -17.59
C ALA D 130 -11.89 30.87 -18.11
N ARG D 131 -11.35 31.91 -18.72
CA ARG D 131 -12.18 32.97 -19.33
C ARG D 131 -11.98 32.81 -20.84
N PRO D 132 -13.01 33.13 -21.65
CA PRO D 132 -14.33 33.61 -21.23
C PRO D 132 -15.18 32.61 -20.48
N ASP D 133 -15.00 31.32 -20.78
CA ASP D 133 -15.80 30.27 -20.16
C ASP D 133 -15.08 28.91 -20.18
N ASP D 134 -15.66 27.89 -19.55
CA ASP D 134 -15.02 26.59 -19.50
C ASP D 134 -14.87 25.85 -20.83
N SER D 135 -15.34 26.44 -21.91
CA SER D 135 -15.19 25.79 -23.21
C SER D 135 -13.78 26.04 -23.75
N LEU D 136 -13.09 27.04 -23.22
CA LEU D 136 -11.73 27.30 -23.71
C LEU D 136 -10.81 26.35 -22.97
N GLU D 137 -10.38 25.29 -23.64
CA GLU D 137 -9.51 24.28 -23.04
C GLU D 137 -8.13 24.78 -22.56
N PRO D 138 -7.82 24.58 -21.27
CA PRO D 138 -6.56 24.98 -20.62
C PRO D 138 -5.39 24.27 -21.29
N PHE D 139 -4.20 24.84 -21.16
CA PHE D 139 -3.02 24.27 -21.79
C PHE D 139 -2.67 22.84 -21.38
N PHE D 140 -2.69 22.58 -20.07
CA PHE D 140 -2.31 21.25 -19.57
C PHE D 140 -3.29 20.18 -20.08
N ASP D 141 -4.57 20.55 -20.18
CA ASP D 141 -5.60 19.65 -20.71
C ASP D 141 -5.24 19.27 -22.16
N SER D 142 -4.89 20.26 -22.98
CA SER D 142 -4.51 20.01 -24.37
C SER D 142 -3.31 19.08 -24.40
N LEU D 143 -2.35 19.37 -23.55
CA LEU D 143 -1.13 18.57 -23.47
C LEU D 143 -1.42 17.08 -23.19
N VAL D 144 -2.20 16.80 -22.16
CA VAL D 144 -2.55 15.41 -21.81
C VAL D 144 -3.32 14.76 -22.97
N LYS D 145 -4.33 15.47 -23.48
CA LYS D 145 -5.13 14.96 -24.58
C LYS D 145 -4.30 14.62 -25.82
N GLN D 146 -3.37 15.51 -26.18
CA GLN D 146 -2.56 15.34 -27.37
C GLN D 146 -1.28 14.51 -27.29
N THR D 147 -0.76 14.32 -26.09
CA THR D 147 0.46 13.54 -25.94
C THR D 147 0.19 12.45 -24.92
N HIS D 148 1.20 11.64 -24.62
CA HIS D 148 1.01 10.57 -23.66
C HIS D 148 1.14 11.03 -22.18
N VAL D 149 1.79 12.17 -21.98
CA VAL D 149 2.04 12.71 -20.65
C VAL D 149 1.06 12.43 -19.53
N PRO D 150 1.53 11.80 -18.43
CA PRO D 150 0.69 11.48 -17.27
C PRO D 150 0.05 12.81 -16.81
N ASN D 151 -1.21 12.73 -16.37
CA ASN D 151 -1.99 13.90 -15.94
C ASN D 151 -1.55 14.39 -14.53
N LEU D 152 -0.32 14.89 -14.47
CA LEU D 152 0.30 15.36 -13.24
C LEU D 152 1.50 16.24 -13.55
N PHE D 153 1.73 17.24 -12.70
CA PHE D 153 2.90 18.10 -12.80
C PHE D 153 3.35 18.45 -11.37
N SER D 154 4.63 18.73 -11.20
CA SER D 154 5.13 19.05 -9.88
C SER D 154 5.98 20.33 -9.95
N LEU D 155 5.98 21.10 -8.86
CA LEU D 155 6.77 22.34 -8.85
C LEU D 155 7.70 22.51 -7.66
N GLN D 156 8.93 22.94 -7.94
CA GLN D 156 9.90 23.28 -6.89
C GLN D 156 10.24 24.75 -7.17
N LEU D 157 9.68 25.68 -6.41
CA LEU D 157 10.00 27.09 -6.62
C LEU D 157 11.11 27.41 -5.64
N CYS D 158 12.23 27.90 -6.15
CA CYS D 158 13.36 28.16 -5.27
C CYS D 158 13.66 29.62 -4.93
N GLY D 159 13.36 30.01 -3.70
CA GLY D 159 13.67 31.36 -3.24
C GLY D 159 15.15 31.40 -2.86
N ALA D 160 15.86 32.50 -3.10
CA ALA D 160 17.28 32.52 -2.76
C ALA D 160 17.53 32.95 -1.31
N GLY D 161 16.60 33.70 -0.73
CA GLY D 161 16.78 34.14 0.63
C GLY D 161 17.59 35.43 0.75
N PHE D 162 18.04 35.92 -0.40
CA PHE D 162 18.79 37.18 -0.45
C PHE D 162 18.47 37.72 -1.82
N PRO D 163 18.64 39.04 -2.04
CA PRO D 163 18.34 39.65 -3.34
C PRO D 163 19.22 39.23 -4.51
N LEU D 164 18.63 39.23 -5.71
CA LEU D 164 19.35 38.87 -6.94
C LEU D 164 19.08 39.97 -7.97
N ASN D 165 20.13 40.50 -8.60
CA ASN D 165 19.92 41.52 -9.63
C ASN D 165 19.54 40.82 -10.96
N GLN D 166 19.24 41.58 -12.00
CA GLN D 166 18.81 40.97 -13.26
C GLN D 166 19.83 39.97 -13.83
N SER D 167 21.11 40.34 -13.79
CA SER D 167 22.17 39.46 -14.28
C SER D 167 22.11 38.13 -13.56
N GLU D 168 21.98 38.22 -12.23
CA GLU D 168 21.92 37.05 -11.37
C GLU D 168 20.68 36.21 -11.63
N VAL D 169 19.53 36.85 -11.76
CA VAL D 169 18.31 36.10 -12.07
C VAL D 169 18.51 35.39 -13.41
N LEU D 170 19.06 36.10 -14.38
CA LEU D 170 19.27 35.49 -15.68
C LEU D 170 20.21 34.29 -15.63
N ALA D 171 21.22 34.37 -14.77
CA ALA D 171 22.19 33.30 -14.72
C ALA D 171 22.00 32.22 -13.68
N SER D 172 20.87 32.23 -12.96
CA SER D 172 20.62 31.20 -11.95
C SER D 172 19.36 30.38 -12.18
N VAL D 173 19.34 29.24 -11.50
CA VAL D 173 18.22 28.32 -11.56
C VAL D 173 17.18 28.79 -10.54
N GLY D 174 15.92 28.90 -10.99
CA GLY D 174 14.86 29.35 -10.10
C GLY D 174 13.95 28.24 -9.61
N GLY D 175 14.17 27.02 -10.10
CA GLY D 175 13.37 25.90 -9.69
C GLY D 175 13.14 24.91 -10.81
N SER D 176 12.16 24.03 -10.58
CA SER D 176 11.79 22.99 -11.53
C SER D 176 10.29 22.81 -11.66
N MET D 177 9.88 22.52 -12.87
CA MET D 177 8.51 22.19 -13.15
C MET D 177 8.68 20.84 -13.88
N ILE D 178 8.25 19.77 -13.21
CA ILE D 178 8.35 18.45 -13.80
C ILE D 178 6.98 18.17 -14.36
N ILE D 179 6.90 18.05 -15.69
CA ILE D 179 5.64 17.83 -16.40
C ILE D 179 5.35 16.34 -16.56
N GLY D 180 4.35 15.84 -15.84
CA GLY D 180 3.98 14.45 -15.94
C GLY D 180 4.68 13.47 -15.02
N GLY D 181 5.26 13.96 -13.91
CA GLY D 181 5.95 13.06 -13.01
C GLY D 181 6.53 13.77 -11.79
N ILE D 182 7.29 13.01 -10.99
CA ILE D 182 7.92 13.46 -9.75
C ILE D 182 9.43 13.17 -9.74
N ASP D 183 10.27 14.16 -9.43
CA ASP D 183 11.71 13.87 -9.36
C ASP D 183 12.18 13.91 -7.90
N HIS D 184 12.55 12.73 -7.39
CA HIS D 184 12.96 12.57 -5.99
C HIS D 184 14.14 13.41 -5.52
N SER D 185 14.91 13.96 -6.44
CA SER D 185 16.04 14.80 -6.03
C SER D 185 15.61 16.21 -5.62
N LEU D 186 14.34 16.54 -5.84
CA LEU D 186 13.82 17.86 -5.52
C LEU D 186 13.32 18.02 -4.08
N TYR D 187 13.24 16.91 -3.36
CA TYR D 187 12.79 16.95 -1.96
C TYR D 187 13.48 15.93 -1.05
N THR D 188 13.18 16.04 0.24
CA THR D 188 13.69 15.13 1.25
C THR D 188 12.45 14.68 2.06
N GLY D 189 12.61 13.60 2.82
CA GLY D 189 11.48 13.13 3.61
C GLY D 189 10.32 12.60 2.76
N SER D 190 9.16 12.46 3.38
CA SER D 190 7.98 11.93 2.71
C SER D 190 7.08 12.96 2.05
N LEU D 191 6.32 12.49 1.08
CA LEU D 191 5.35 13.31 0.38
C LEU D 191 4.04 13.02 1.08
N TRP D 192 3.35 14.05 1.52
CA TRP D 192 2.07 13.85 2.17
C TRP D 192 1.06 14.47 1.24
N TYR D 193 -0.06 13.77 1.04
CA TYR D 193 -1.09 14.23 0.14
C TYR D 193 -2.36 14.72 0.82
N THR D 194 -2.92 15.78 0.29
CA THR D 194 -4.15 16.32 0.81
C THR D 194 -5.08 16.26 -0.39
N PRO D 195 -6.40 16.11 -0.15
CA PRO D 195 -7.34 16.05 -1.28
C PRO D 195 -7.63 17.37 -1.98
N ILE D 196 -7.80 17.33 -3.31
CA ILE D 196 -8.20 18.55 -4.00
C ILE D 196 -9.72 18.50 -3.72
N ARG D 197 -10.25 19.50 -3.04
CA ARG D 197 -11.65 19.53 -2.69
C ARG D 197 -12.61 19.66 -3.87
N ARG D 198 -12.22 20.44 -4.87
CA ARG D 198 -13.05 20.66 -6.04
C ARG D 198 -12.12 21.16 -7.13
N GLU D 199 -12.36 20.68 -8.35
CA GLU D 199 -11.53 21.01 -9.50
C GLU D 199 -11.88 22.31 -10.22
N TRP D 200 -11.44 23.43 -9.67
CA TRP D 200 -11.63 24.73 -10.31
C TRP D 200 -10.28 25.35 -9.97
N TYR D 201 -10.13 25.92 -8.78
CA TYR D 201 -8.80 26.36 -8.34
C TYR D 201 -8.30 25.03 -7.77
N TYR D 202 -7.05 24.99 -7.30
CA TYR D 202 -6.55 23.78 -6.66
C TYR D 202 -6.95 24.05 -5.22
N GLU D 203 -8.21 23.75 -4.93
CA GLU D 203 -8.76 24.00 -3.60
C GLU D 203 -8.45 22.90 -2.61
N VAL D 204 -8.16 23.33 -1.37
CA VAL D 204 -7.82 22.41 -0.31
C VAL D 204 -8.52 22.85 0.98
N ILE D 205 -8.38 22.06 2.02
CA ILE D 205 -8.97 22.40 3.29
C ILE D 205 -7.94 22.40 4.42
N ILE D 206 -7.82 23.55 5.08
CA ILE D 206 -6.90 23.75 6.21
C ILE D 206 -7.73 23.48 7.46
N VAL D 207 -7.22 22.63 8.35
CA VAL D 207 -7.96 22.25 9.54
C VAL D 207 -7.50 22.82 10.88
N ARG D 208 -6.32 23.44 10.90
CA ARG D 208 -5.75 23.97 12.13
C ARG D 208 -4.52 24.81 11.75
N VAL D 209 -4.27 25.88 12.53
CA VAL D 209 -3.13 26.76 12.31
C VAL D 209 -2.42 26.99 13.66
N GLU D 210 -1.10 26.86 13.68
CA GLU D 210 -0.30 27.10 14.86
C GLU D 210 0.80 28.12 14.57
N ILE D 211 1.17 28.88 15.59
CA ILE D 211 2.26 29.84 15.47
C ILE D 211 3.22 29.35 16.57
N ASN D 212 4.35 28.80 16.17
CA ASN D 212 5.32 28.25 17.13
C ASN D 212 4.64 27.21 18.04
N GLY D 213 3.85 26.33 17.42
CA GLY D 213 3.19 25.27 18.16
C GLY D 213 1.94 25.64 18.97
N GLN D 214 1.64 26.93 19.06
CA GLN D 214 0.49 27.38 19.80
C GLN D 214 -0.73 27.53 18.86
N ASP D 215 -1.78 26.79 19.19
CA ASP D 215 -3.02 26.79 18.42
C ASP D 215 -3.68 28.16 18.29
N LEU D 216 -3.97 28.57 17.07
CA LEU D 216 -4.63 29.86 16.85
C LEU D 216 -6.02 29.74 17.47
N LYS D 217 -6.51 28.51 17.60
CA LYS D 217 -7.81 28.23 18.22
C LYS D 217 -9.05 28.95 17.67
N MET D 218 -9.25 28.86 16.35
CA MET D 218 -10.41 29.45 15.71
C MET D 218 -11.22 28.32 15.08
N ASP D 219 -12.53 28.52 14.91
CA ASP D 219 -13.35 27.50 14.26
C ASP D 219 -12.68 27.29 12.90
N CYS D 220 -12.35 26.05 12.55
CA CYS D 220 -11.66 25.75 11.30
C CYS D 220 -12.32 26.23 10.01
N LYS D 221 -13.59 26.61 10.05
CA LYS D 221 -14.22 27.10 8.83
C LYS D 221 -13.65 28.47 8.49
N GLU D 222 -13.15 29.17 9.51
CA GLU D 222 -12.57 30.50 9.31
C GLU D 222 -11.33 30.43 8.45
N TYR D 223 -10.61 29.32 8.54
CA TYR D 223 -9.37 29.13 7.79
C TYR D 223 -9.63 29.00 6.29
N ASN D 224 -10.81 28.49 5.95
CA ASN D 224 -11.18 28.27 4.56
C ASN D 224 -12.39 29.14 4.20
N TYR D 225 -12.55 30.23 4.93
CA TYR D 225 -13.68 31.10 4.70
C TYR D 225 -13.71 31.52 3.28
N ASP D 226 -14.64 30.89 2.56
CA ASP D 226 -14.87 31.14 1.17
C ASP D 226 -14.12 29.98 0.49
N LYS D 227 -12.80 29.93 0.67
CA LYS D 227 -11.98 28.87 0.08
C LYS D 227 -10.50 29.02 0.43
N SER D 228 -9.73 27.96 0.19
CA SER D 228 -8.28 27.93 0.39
C SER D 228 -7.72 27.29 -0.87
N ILE D 229 -6.76 27.97 -1.50
CA ILE D 229 -6.15 27.50 -2.75
C ILE D 229 -4.63 27.55 -2.76
N VAL D 230 -4.01 26.75 -3.64
CA VAL D 230 -2.55 26.76 -3.79
C VAL D 230 -2.34 27.53 -5.10
N ASP D 231 -1.62 28.65 -5.04
CA ASP D 231 -1.46 29.55 -6.17
C ASP D 231 -0.02 30.04 -6.37
N SER D 232 0.70 29.36 -7.27
CA SER D 232 2.07 29.69 -7.58
C SER D 232 2.21 31.06 -8.25
N GLY D 233 1.10 31.71 -8.60
CA GLY D 233 1.14 33.02 -9.21
C GLY D 233 0.97 34.17 -8.20
N THR D 234 0.85 33.84 -6.92
CA THR D 234 0.69 34.83 -5.85
C THR D 234 1.93 34.81 -4.94
N THR D 235 2.46 36.00 -4.67
CA THR D 235 3.66 36.16 -3.86
C THR D 235 3.50 35.69 -2.42
N ASN D 236 2.49 36.22 -1.76
CA ASN D 236 2.21 35.99 -0.34
C ASN D 236 1.43 34.78 0.11
N LEU D 237 1.46 34.63 1.44
CA LEU D 237 0.64 33.65 2.08
C LEU D 237 -0.48 34.63 2.43
N ARG D 238 -1.65 34.49 1.78
CA ARG D 238 -2.77 35.38 2.07
C ARG D 238 -3.80 34.70 2.99
N LEU D 239 -4.24 35.40 4.02
CA LEU D 239 -5.18 34.83 4.96
C LEU D 239 -6.47 35.62 5.10
N PRO D 240 -7.61 34.92 5.34
CA PRO D 240 -8.87 35.66 5.50
C PRO D 240 -8.67 36.71 6.61
N LYS D 241 -9.37 37.84 6.50
CA LYS D 241 -9.31 38.90 7.49
C LYS D 241 -9.16 38.48 8.98
N LYS D 242 -10.15 37.75 9.52
CA LYS D 242 -10.09 37.35 10.92
C LYS D 242 -8.89 36.48 11.33
N VAL D 243 -8.50 35.57 10.43
CA VAL D 243 -7.37 34.68 10.62
C VAL D 243 -6.10 35.53 10.57
N PHE D 244 -6.02 36.41 9.57
CA PHE D 244 -4.86 37.26 9.41
C PHE D 244 -4.63 38.08 10.65
N GLU D 245 -5.70 38.70 11.16
CA GLU D 245 -5.62 39.53 12.37
C GLU D 245 -5.07 38.71 13.53
N ALA D 246 -5.65 37.54 13.76
CA ALA D 246 -5.20 36.65 14.83
C ALA D 246 -3.76 36.16 14.63
N ALA D 247 -3.40 35.85 13.39
CA ALA D 247 -2.04 35.37 13.07
C ALA D 247 -1.01 36.45 13.34
N VAL D 248 -1.29 37.66 12.87
CA VAL D 248 -0.35 38.74 13.07
C VAL D 248 -0.17 39.13 14.55
N LYS D 249 -1.25 39.04 15.34
CA LYS D 249 -1.16 39.37 16.75
C LYS D 249 -0.25 38.34 17.42
N SER D 250 -0.44 37.06 17.09
CA SER D 250 0.39 36.01 17.64
C SER D 250 1.87 36.10 17.19
N ILE D 251 2.10 36.40 15.91
CA ILE D 251 3.46 36.53 15.41
C ILE D 251 4.08 37.73 16.11
N LYS D 252 3.29 38.78 16.31
CA LYS D 252 3.83 39.95 17.01
C LYS D 252 4.23 39.59 18.43
N ALA D 253 3.36 38.85 19.11
CA ALA D 253 3.63 38.46 20.49
C ALA D 253 4.91 37.65 20.58
N ALA D 254 5.16 36.76 19.61
CA ALA D 254 6.37 35.93 19.62
C ALA D 254 7.65 36.67 19.26
N SER D 255 7.55 37.76 18.52
CA SER D 255 8.71 38.55 18.12
C SER D 255 8.82 39.86 18.91
N SER D 256 8.12 39.95 20.04
CA SER D 256 8.11 41.18 20.81
C SER D 256 9.43 41.78 21.30
N THR D 257 10.49 41.01 21.44
CA THR D 257 11.74 41.58 21.89
C THR D 257 12.24 42.64 20.92
N GLU D 258 11.59 42.73 19.77
CA GLU D 258 11.92 43.75 18.78
C GLU D 258 10.61 44.29 18.28
N LYS D 259 10.57 45.60 18.07
CA LYS D 259 9.36 46.23 17.63
C LYS D 259 9.52 46.74 16.22
N PHE D 260 8.48 46.56 15.43
CA PHE D 260 8.51 47.00 14.05
C PHE D 260 7.34 47.93 13.74
N PRO D 261 7.56 48.93 12.90
CA PRO D 261 6.50 49.88 12.54
C PRO D 261 5.34 49.19 11.85
N ASP D 262 4.13 49.69 12.07
CA ASP D 262 2.93 49.10 11.49
C ASP D 262 3.04 48.86 9.99
N GLY D 263 3.70 49.77 9.28
CA GLY D 263 3.86 49.63 7.84
C GLY D 263 4.54 48.32 7.47
N PHE D 264 5.33 47.79 8.40
CA PHE D 264 6.01 46.51 8.16
C PHE D 264 4.97 45.40 8.12
N TRP D 265 4.14 45.33 9.14
CA TRP D 265 3.12 44.29 9.20
C TRP D 265 2.08 44.37 8.10
N LEU D 266 1.97 45.53 7.44
CA LEU D 266 1.02 45.70 6.35
C LEU D 266 1.73 45.38 5.03
N GLY D 267 3.01 45.02 5.15
CA GLY D 267 3.78 44.67 3.98
C GLY D 267 4.06 45.89 3.15
N GLU D 268 3.92 47.05 3.78
CA GLU D 268 4.15 48.30 3.08
C GLU D 268 5.60 48.77 3.13
N GLN D 269 6.30 48.47 4.22
CA GLN D 269 7.70 48.88 4.32
C GLN D 269 8.65 47.75 4.70
N LEU D 270 9.88 47.87 4.23
CA LEU D 270 10.87 46.85 4.54
C LEU D 270 11.51 47.08 5.91
N VAL D 271 12.03 46.00 6.49
CA VAL D 271 12.75 46.11 7.76
C VAL D 271 14.14 45.66 7.38
N CYS D 272 15.14 46.30 7.97
CA CYS D 272 16.51 45.98 7.60
C CYS D 272 17.33 45.71 8.84
N TRP D 273 18.34 44.86 8.69
CA TRP D 273 19.21 44.52 9.79
C TRP D 273 20.61 44.56 9.24
N GLN D 274 21.57 44.87 10.10
CA GLN D 274 22.96 44.93 9.66
C GLN D 274 23.37 43.57 9.10
N ALA D 275 24.25 43.63 8.11
CA ALA D 275 24.74 42.43 7.40
C ALA D 275 24.87 41.17 8.24
N GLY D 276 24.09 40.16 7.89
CA GLY D 276 24.15 38.87 8.57
C GLY D 276 23.54 38.73 9.96
N THR D 277 22.91 39.79 10.48
CA THR D 277 22.33 39.73 11.82
C THR D 277 20.81 39.59 11.86
N THR D 278 20.19 39.25 10.73
CA THR D 278 18.76 39.06 10.78
C THR D 278 18.48 38.07 11.94
N PRO D 279 17.60 38.44 12.88
CA PRO D 279 17.25 37.61 14.03
C PRO D 279 16.15 36.59 13.73
N TRP D 280 16.42 35.70 12.77
CA TRP D 280 15.47 34.66 12.39
C TRP D 280 14.82 34.02 13.61
N ASN D 281 15.65 33.67 14.60
CA ASN D 281 15.21 33.01 15.83
C ASN D 281 14.08 33.68 16.61
N ILE D 282 13.95 35.01 16.55
CA ILE D 282 12.85 35.64 17.32
C ILE D 282 11.50 35.46 16.63
N PHE D 283 11.52 35.18 15.33
CA PHE D 283 10.29 35.00 14.57
C PHE D 283 9.81 33.56 14.68
N PRO D 284 8.49 33.35 14.72
CA PRO D 284 7.99 31.98 14.84
C PRO D 284 7.80 31.20 13.54
N VAL D 285 7.76 29.86 13.70
CA VAL D 285 7.49 29.03 12.57
C VAL D 285 5.96 29.04 12.46
N ILE D 286 5.43 28.73 11.29
CA ILE D 286 3.99 28.72 11.07
C ILE D 286 3.62 27.37 10.48
N SER D 287 2.67 26.66 11.10
CA SER D 287 2.21 25.36 10.61
C SER D 287 0.75 25.42 10.17
N LEU D 288 0.47 24.89 8.99
CA LEU D 288 -0.89 24.79 8.49
C LEU D 288 -1.16 23.27 8.44
N TYR D 289 -2.26 22.85 9.08
CA TYR D 289 -2.65 21.45 9.09
C TYR D 289 -3.64 21.28 7.94
N LEU D 290 -3.40 20.27 7.12
CA LEU D 290 -4.25 19.99 5.98
C LEU D 290 -4.89 18.63 6.15
N MET D 291 -6.07 18.47 5.55
CA MET D 291 -6.82 17.22 5.58
C MET D 291 -6.02 16.16 4.84
N GLY D 292 -5.89 14.98 5.44
CA GLY D 292 -5.16 13.90 4.80
C GLY D 292 -6.09 13.11 3.90
N GLU D 293 -5.57 12.10 3.21
CA GLU D 293 -6.40 11.26 2.34
C GLU D 293 -7.08 10.16 3.19
N VAL D 294 -6.42 9.72 4.26
CA VAL D 294 -6.96 8.69 5.16
C VAL D 294 -7.91 9.40 6.12
N THR D 295 -9.12 8.87 6.25
CA THR D 295 -10.13 9.48 7.11
C THR D 295 -9.64 9.86 8.51
N ASN D 296 -10.13 11.01 8.99
CA ASN D 296 -9.77 11.54 10.31
C ASN D 296 -8.28 11.66 10.54
N GLN D 297 -7.53 11.72 9.44
CA GLN D 297 -6.08 11.86 9.53
C GLN D 297 -5.64 13.10 8.77
N SER D 298 -4.77 13.90 9.38
CA SER D 298 -4.26 15.11 8.75
C SER D 298 -2.74 15.18 8.94
N PHE D 299 -2.11 16.15 8.29
CA PHE D 299 -0.68 16.33 8.42
C PHE D 299 -0.43 17.83 8.47
N ARG D 300 0.81 18.25 8.68
CA ARG D 300 1.07 19.68 8.74
C ARG D 300 2.30 20.03 7.93
N ILE D 301 2.29 21.26 7.42
CA ILE D 301 3.42 21.78 6.68
C ILE D 301 3.80 22.99 7.52
N THR D 302 5.10 23.14 7.75
CA THR D 302 5.58 24.22 8.59
C THR D 302 6.63 25.05 7.84
N ILE D 303 6.46 26.37 7.84
CA ILE D 303 7.44 27.23 7.18
C ILE D 303 8.14 28.07 8.24
N LEU D 304 9.28 28.60 7.83
CA LEU D 304 10.14 29.41 8.68
C LEU D 304 10.02 30.86 8.28
N PRO D 305 10.56 31.78 9.12
CA PRO D 305 10.47 33.19 8.70
C PRO D 305 11.27 33.38 7.38
N GLN D 306 12.20 32.47 7.11
CA GLN D 306 12.97 32.58 5.86
C GLN D 306 12.07 32.43 4.63
N GLN D 307 10.87 31.91 4.85
CA GLN D 307 9.89 31.77 3.78
C GLN D 307 8.95 33.00 3.79
N TYR D 308 8.51 33.46 4.97
CA TYR D 308 7.55 34.56 4.99
C TYR D 308 8.10 36.00 5.10
N LEU D 309 9.43 36.12 5.19
CA LEU D 309 10.14 37.42 5.17
C LEU D 309 10.93 37.35 3.85
N ARG D 310 10.35 37.98 2.85
CA ARG D 310 10.83 38.05 1.50
C ARG D 310 12.05 39.02 1.36
N PRO D 311 13.18 38.55 0.79
CA PRO D 311 14.32 39.45 0.66
C PRO D 311 14.09 40.53 -0.40
N VAL D 312 14.59 41.74 -0.15
CA VAL D 312 14.47 42.85 -1.10
C VAL D 312 15.74 43.69 -0.96
N GLU D 313 16.32 44.12 -2.08
CA GLU D 313 17.57 44.87 -1.99
C GLU D 313 17.38 46.17 -1.19
N ASP D 314 18.43 46.56 -0.47
CA ASP D 314 18.35 47.77 0.37
C ASP D 314 18.21 49.04 -0.45
N VAL D 315 17.32 49.93 0.01
CA VAL D 315 17.04 51.23 -0.62
C VAL D 315 18.20 52.20 -0.48
N ALA D 316 19.07 51.93 0.49
CA ALA D 316 20.26 52.76 0.70
C ALA D 316 21.44 52.06 0.03
N THR D 317 22.59 52.71 0.06
CA THR D 317 23.81 52.18 -0.55
C THR D 317 24.60 51.29 0.42
N SER D 318 23.90 50.76 1.43
CA SER D 318 24.50 49.94 2.48
C SER D 318 24.55 48.44 2.21
N GLN D 319 25.05 47.70 3.20
CA GLN D 319 25.11 46.25 3.08
C GLN D 319 24.14 45.53 4.00
N ASP D 320 23.09 46.23 4.41
CA ASP D 320 22.09 45.63 5.27
C ASP D 320 21.36 44.51 4.55
N ASP D 321 20.80 43.60 5.34
CA ASP D 321 19.97 42.51 4.81
C ASP D 321 18.57 43.02 5.12
N CYS D 322 17.76 43.21 4.08
CA CYS D 322 16.40 43.73 4.22
C CYS D 322 15.31 42.80 3.69
N TYR D 323 14.11 42.96 4.25
CA TYR D 323 12.99 42.10 3.89
C TYR D 323 11.63 42.78 4.01
N LYS D 324 10.63 42.14 3.40
CA LYS D 324 9.23 42.57 3.46
C LYS D 324 8.44 41.39 4.03
N PHE D 325 7.45 41.70 4.86
CA PHE D 325 6.58 40.69 5.48
C PHE D 325 5.66 40.25 4.35
N ALA D 326 5.63 38.96 4.03
CA ALA D 326 4.82 38.50 2.93
C ALA D 326 3.60 37.66 3.32
N ILE D 327 2.96 38.04 4.43
CA ILE D 327 1.73 37.41 4.87
C ILE D 327 0.77 38.58 4.90
N SER D 328 -0.35 38.45 4.21
CA SER D 328 -1.29 39.54 4.10
C SER D 328 -2.71 39.04 4.14
N GLN D 329 -3.65 39.97 4.27
CA GLN D 329 -5.06 39.62 4.32
C GLN D 329 -5.74 39.54 2.97
N SER D 330 -6.79 38.73 2.97
CA SER D 330 -7.61 38.44 1.80
C SER D 330 -9.07 38.49 2.22
N SER D 331 -9.92 38.88 1.27
CA SER D 331 -11.37 38.94 1.48
C SER D 331 -11.93 37.87 0.54
N THR D 332 -11.03 37.04 0.02
CA THR D 332 -11.41 35.99 -0.89
C THR D 332 -10.80 34.64 -0.54
N GLY D 333 -10.66 34.40 0.77
CA GLY D 333 -10.13 33.13 1.22
C GLY D 333 -8.62 33.06 1.35
N THR D 334 -8.14 31.92 1.82
CA THR D 334 -6.71 31.70 2.00
C THR D 334 -6.05 31.43 0.66
N VAL D 335 -4.86 32.00 0.47
CA VAL D 335 -4.11 31.74 -0.72
C VAL D 335 -2.69 31.30 -0.33
N MET D 336 -2.35 30.07 -0.67
CA MET D 336 -1.04 29.52 -0.41
C MET D 336 -0.17 29.84 -1.61
N GLY D 337 0.44 31.02 -1.57
CA GLY D 337 1.28 31.49 -2.65
C GLY D 337 2.72 31.08 -2.52
N ALA D 338 3.62 31.89 -3.09
CA ALA D 338 5.05 31.58 -3.08
C ALA D 338 5.68 31.47 -1.71
N VAL D 339 5.11 32.12 -0.70
CA VAL D 339 5.63 31.99 0.65
C VAL D 339 5.57 30.50 1.08
N ILE D 340 4.49 29.82 0.71
CA ILE D 340 4.35 28.42 1.04
C ILE D 340 5.13 27.56 0.07
N MET D 341 4.89 27.77 -1.22
CA MET D 341 5.55 26.97 -2.20
C MET D 341 7.07 27.01 -2.22
N GLU D 342 7.69 28.07 -1.73
CA GLU D 342 9.14 28.08 -1.78
C GLU D 342 9.65 27.15 -0.72
N GLY D 343 8.76 26.73 0.17
CA GLY D 343 9.18 25.86 1.25
C GLY D 343 9.05 24.39 0.90
N PHE D 344 8.22 24.08 -0.10
CA PHE D 344 7.97 22.71 -0.43
C PHE D 344 8.00 22.33 -1.89
N TYR D 345 8.16 21.04 -2.13
CA TYR D 345 8.11 20.51 -3.47
C TYR D 345 6.64 20.16 -3.46
N VAL D 346 5.88 20.65 -4.43
CA VAL D 346 4.44 20.41 -4.46
C VAL D 346 4.03 19.70 -5.72
N VAL D 347 3.25 18.64 -5.51
CA VAL D 347 2.82 17.80 -6.62
C VAL D 347 1.35 17.96 -6.84
N PHE D 348 1.01 18.37 -8.05
CA PHE D 348 -0.38 18.55 -8.42
C PHE D 348 -0.75 17.27 -9.16
N ASP D 349 -1.22 16.29 -8.40
CA ASP D 349 -1.61 14.99 -8.92
C ASP D 349 -3.05 15.07 -9.38
N ARG D 350 -3.26 15.68 -10.55
CA ARG D 350 -4.61 15.84 -11.07
C ARG D 350 -5.25 14.48 -11.31
N ALA D 351 -4.46 13.50 -11.73
CA ALA D 351 -4.97 12.16 -12.03
C ALA D 351 -5.61 11.53 -10.82
N ARG D 352 -5.00 11.69 -9.65
CA ARG D 352 -5.56 11.11 -8.42
C ARG D 352 -6.22 12.16 -7.53
N LYS D 353 -6.49 13.32 -8.14
CA LYS D 353 -7.18 14.43 -7.47
C LYS D 353 -6.65 14.78 -6.07
N ARG D 354 -5.33 14.95 -5.99
CA ARG D 354 -4.67 15.28 -4.74
C ARG D 354 -3.44 16.13 -4.99
N ILE D 355 -2.96 16.78 -3.93
CA ILE D 355 -1.79 17.64 -3.98
C ILE D 355 -0.83 17.17 -2.88
N GLY D 356 0.40 16.89 -3.24
CA GLY D 356 1.34 16.44 -2.24
C GLY D 356 2.35 17.48 -1.82
N PHE D 357 2.82 17.39 -0.58
CA PHE D 357 3.83 18.30 -0.06
C PHE D 357 4.99 17.53 0.56
N ALA D 358 6.20 17.96 0.26
CA ALA D 358 7.39 17.34 0.83
C ALA D 358 8.36 18.48 1.00
N VAL D 359 9.24 18.38 2.01
CA VAL D 359 10.24 19.43 2.25
C VAL D 359 11.07 19.69 1.00
N SER D 360 11.18 20.95 0.59
CA SER D 360 11.96 21.27 -0.60
C SER D 360 13.47 21.16 -0.36
N ALA D 361 14.17 20.60 -1.34
CA ALA D 361 15.59 20.42 -1.26
C ALA D 361 16.26 21.78 -1.45
N CYS D 362 15.49 22.80 -1.83
CA CYS D 362 16.08 24.12 -1.99
C CYS D 362 15.44 25.16 -1.11
N HIS D 363 14.72 24.77 -0.05
CA HIS D 363 14.12 25.82 0.79
C HIS D 363 15.22 26.46 1.61
N VAL D 364 15.02 27.73 1.93
CA VAL D 364 15.98 28.48 2.70
C VAL D 364 15.73 28.25 4.18
N HIS D 365 16.81 28.04 4.92
CA HIS D 365 16.74 27.82 6.38
C HIS D 365 18.09 28.18 7.02
N ASP D 366 18.22 27.86 8.30
CA ASP D 366 19.47 28.11 8.99
C ASP D 366 19.87 26.80 9.64
N GLU D 367 20.95 26.85 10.42
CA GLU D 367 21.43 25.66 11.11
C GLU D 367 20.47 25.15 12.20
N PHE D 368 19.63 26.02 12.75
CA PHE D 368 18.72 25.65 13.83
C PHE D 368 17.34 25.09 13.51
N ARG D 369 16.75 25.53 12.41
CA ARG D 369 15.40 25.09 12.04
C ARG D 369 15.28 24.78 10.54
N THR D 370 14.32 23.93 10.21
CA THR D 370 14.09 23.55 8.83
C THR D 370 12.58 23.50 8.58
N ALA D 371 12.17 23.72 7.33
CA ALA D 371 10.74 23.64 7.02
C ALA D 371 10.44 22.16 7.26
N ALA D 372 9.16 21.83 7.37
CA ALA D 372 8.81 20.45 7.65
C ALA D 372 7.42 20.04 7.14
N VAL D 373 7.27 18.75 6.88
CA VAL D 373 5.98 18.21 6.49
C VAL D 373 5.89 16.98 7.37
N GLU D 374 4.94 17.01 8.29
CA GLU D 374 4.79 15.92 9.26
C GLU D 374 3.36 15.42 9.50
N GLY D 375 3.29 14.15 9.87
CA GLY D 375 2.00 13.53 10.13
C GLY D 375 2.19 12.11 10.59
N PRO D 376 1.09 11.42 10.91
CA PRO D 376 -0.28 11.93 10.87
C PRO D 376 -0.75 12.42 12.23
N PHE D 377 -1.84 13.18 12.23
CA PHE D 377 -2.45 13.68 13.46
C PHE D 377 -3.87 13.14 13.37
N VAL D 378 -4.32 12.55 14.49
CA VAL D 378 -5.62 11.86 14.60
C VAL D 378 -6.65 12.39 15.60
N THR D 379 -6.27 13.33 16.46
CA THR D 379 -7.21 13.82 17.47
C THR D 379 -7.94 15.06 16.96
N LEU D 380 -7.69 15.35 15.70
CA LEU D 380 -8.23 16.50 14.96
C LEU D 380 -9.75 16.52 14.77
N ASP D 381 -10.40 17.58 15.24
CA ASP D 381 -11.86 17.74 15.08
C ASP D 381 -12.18 17.44 13.60
N MET D 382 -12.27 18.48 12.76
CA MET D 382 -12.50 18.34 11.31
C MET D 382 -13.88 18.33 10.61
N GLU D 383 -13.93 17.54 9.53
CA GLU D 383 -15.08 17.41 8.65
C GLU D 383 -16.20 18.38 8.91
N ASP D 384 -16.15 19.46 8.15
CA ASP D 384 -17.05 20.60 8.15
C ASP D 384 -16.22 21.85 8.36
N CYS D 385 -14.96 21.76 7.94
CA CYS D 385 -14.02 22.89 7.99
C CYS D 385 -14.15 23.57 6.63
N GLY D 386 -14.91 22.93 5.74
CA GLY D 386 -15.13 23.48 4.42
C GLY D 386 -16.23 24.51 4.42
N TYR D 387 -16.13 25.50 3.55
CA TYR D 387 -17.14 26.55 3.45
C TYR D 387 -18.01 26.31 2.24
N ASN D 388 -19.33 26.45 2.43
CA ASN D 388 -20.27 26.26 1.33
C ASN D 388 -21.15 27.51 1.19
CBK 0GH E . 7.14 -27.10 14.90
CBL 0GH E . 5.99 -26.89 15.90
CBM 0GH E . 6.58 -26.75 17.30
CBN 0GH E . 5.17 -25.67 15.48
NBO 0GH E . 4.63 -25.84 14.12
CBP 0GH E . 3.17 -25.65 14.14
OBV 0GH E . 2.63 -25.01 15.05
CBG 0GH E . 2.55 -25.72 12.73
CBH 0GH E . 2.80 -24.38 12.01
CBJ 0GH E . 1.77 -23.31 12.39
OBI 0GH E . 4.15 -23.92 12.18
NBF 0GH E . 1.12 -26.05 12.72
CAX 0GH E . 0.91 -27.42 13.23
CAW 0GH E . -0.21 -27.50 14.28
CAY 0GH E . -0.42 -28.95 14.73
CAZ 0GH E . -1.55 -29.10 15.53
CBA 0GH E . -2.43 -30.16 15.33
CBB 0GH E . -3.59 -30.27 16.08
CBC 0GH E . -3.88 -29.32 17.06
CBD 0GH E . -3.00 -28.26 17.26
CBE 0GH E . -1.84 -28.15 16.51
NAV 0GH E . -1.49 -26.96 13.79
CAT 0GH E . -1.83 -25.69 14.02
OAU 0GH E . -1.08 -24.90 14.59
CAP 0GH E . -3.10 -25.31 13.57
CAQ 0GH E . -4.13 -26.24 13.70
CAO 0GH E . -3.41 -23.99 13.26
CAN 0GH E . -4.72 -23.60 13.04
NAE 0GH E . -5.05 -22.30 12.93
CBT 0GH E . -3.89 -21.40 12.91
SAB 0GH E . -6.11 -21.90 11.74
OAC 0GH E . -5.60 -20.71 10.95
OAD 0GH E . -6.33 -23.08 10.79
CAA 0GH E . -7.67 -21.48 12.50
CAS 0GH E . -5.74 -24.52 13.22
CAR 0GH E . -5.45 -25.85 13.53
CAL 0GH E . -6.47 -26.80 13.53
OAM 0GH E . -7.56 -26.54 14.02
NBQ 0GH E . -6.13 -28.03 13.11
CBR 0GH E . -7.13 -29.11 13.07
CBS 0GH E . -6.67 -30.29 13.93
CAI 0GH E . -7.39 -29.53 11.76
CAH 0GH E . -8.68 -29.44 11.26
CAG 0GH E . -8.94 -29.70 9.92
CAF 0GH E . -7.91 -30.06 9.07
CAK 0GH E . -6.61 -30.17 9.58
CAJ 0GH E . -6.35 -29.91 10.92
O LPD F . -15.76 -38.07 5.93
C LPD F . -15.15 -37.65 4.92
N2 LPD F . -14.16 -36.67 5.01
CA LPD F . -15.43 -38.18 3.50
N LPD F . -16.53 -39.17 3.52
CD LPD F . -17.69 -38.63 2.77
CG LPD F . -17.09 -37.62 1.79
CB LPD F . -15.76 -37.16 2.41
CBK 0GH G . 27.17 17.00 49.37
CBL 0GH G . 26.80 17.43 47.95
CBM 0GH G . 27.28 16.35 46.97
CBN 0GH G . 25.30 17.63 47.81
NBO 0GH G . 24.94 18.05 46.45
CBP 0GH G . 23.48 18.16 46.42
OBV 0GH G . 22.89 18.59 47.43
CBG 0GH G . 22.81 18.14 45.04
CBH 0GH G . 23.06 19.46 44.30
CBJ 0GH G . 21.97 20.52 44.54
OBI 0GH G . 24.39 19.94 44.48
NBF 0GH G . 21.39 17.76 45.04
CAX 0GH G . 21.18 16.38 45.51
CAW 0GH G . 20.17 16.35 46.65
CAY 0GH G . 19.97 14.89 47.07
CAZ 0GH G . 18.80 14.74 47.84
CBA 0GH G . 17.95 13.68 47.57
CBB 0GH G . 16.81 13.50 48.34
CBC 0GH G . 16.53 14.36 49.41
CBD 0GH G . 17.39 15.43 49.66
CBE 0GH G . 18.52 15.62 48.87
NAV 0GH G . 18.87 16.94 46.25
CAT 0GH G . 18.56 18.22 46.48
OAU 0GH G . 19.36 19.02 46.98
CAP 0GH G . 17.29 18.61 46.07
CAQ 0GH G . 16.25 17.68 46.16
CAO 0GH G . 17.00 19.91 45.71
CAN 0GH G . 15.71 20.31 45.37
NAE 0GH G . 15.41 21.61 45.20
CBT 0GH G . 16.59 22.48 45.15
SAB 0GH G . 14.33 21.95 43.99
OAC 0GH G . 14.79 23.16 43.19
OAD 0GH G . 14.19 20.74 43.05
CAA 0GH G . 12.76 22.29 44.75
CAS 0GH G . 14.68 19.39 45.51
CAR 0GH G . 14.94 18.08 45.90
CAL 0GH G . 13.90 17.15 45.89
OAM 0GH G . 12.79 17.47 46.34
NBQ 0GH G . 14.21 15.91 45.51
CBR 0GH G . 13.21 14.83 45.46
CBS 0GH G . 13.63 13.68 46.39
CAI 0GH G . 13.08 14.35 44.16
CAH 0GH G . 11.83 14.37 43.54
CAG 0GH G . 11.69 13.98 42.21
CAF 0GH G . 12.80 13.56 41.49
CAK 0GH G . 14.04 13.51 42.12
CAJ 0GH G . 14.18 13.90 43.44
O LPD H . 5.00 5.56 38.65
C LPD H . 5.55 6.00 37.63
N2 LPD H . 6.55 6.98 37.70
CA LPD H . 5.21 5.49 36.20
N LPD H . 4.12 4.49 36.26
CD LPD H . 2.91 5.11 35.67
CG LPD H . 3.43 6.08 34.62
CB LPD H . 4.80 6.54 35.15
CBK 0GH I . -29.85 -10.48 -43.94
CBL 0GH I . -29.41 -9.05 -44.19
CBM 0GH I . -30.48 -8.31 -45.00
CBN 0GH I . -29.20 -8.34 -42.84
NBO 0GH I . -28.22 -9.04 -42.02
CBP 0GH I . -27.36 -8.10 -41.33
OBV 0GH I . -27.53 -6.87 -41.39
CBG 0GH I . -26.43 -8.75 -40.30
CBH 0GH I . -27.08 -8.84 -38.92
CBJ 0GH I . -26.91 -7.57 -38.08
OBI 0GH I . -28.40 -9.36 -38.99
NBF 0GH I . -25.09 -8.13 -40.26
CAX 0GH I . -24.29 -8.27 -41.47
CAW 0GH I . -23.69 -6.93 -41.90
CAY 0GH I . -22.87 -7.11 -43.18
CAZ 0GH I . -22.05 -6.00 -43.41
CBA 0GH I . -20.70 -6.20 -43.69
CBB 0GH I . -19.87 -5.10 -43.90
CBC 0GH I . -20.40 -3.81 -43.82
CBD 0GH I . -21.74 -3.62 -43.54
CBE 0GH I . -22.56 -4.72 -43.31
NAV 0GH I . -22.85 -6.32 -40.86
CAT 0GH I . -23.36 -5.47 -39.95
OAU 0GH I . -24.58 -5.28 -39.83
CAP 0GH I . -22.45 -4.96 -39.05
CAQ 0GH I . -21.16 -4.72 -39.50
CAO 0GH I . -22.83 -4.52 -37.78
CAN 0GH I . -21.91 -3.89 -36.94
NAE 0GH I . -22.30 -3.22 -35.85
CBT 0GH I . -23.73 -3.37 -35.54
SAB 0GH I . -21.34 -3.37 -34.50
OAC 0GH I . -22.21 -3.71 -33.29
OAD 0GH I . -20.28 -4.45 -34.70
CAA 0GH I . -20.52 -1.81 -34.26
CAS 0GH I . -20.63 -3.64 -37.42
CAR 0GH I . -20.25 -4.04 -38.69
CAL 0GH I . -18.93 -3.87 -39.09
OAM 0GH I . -18.35 -2.79 -38.92
NBQ 0GH I . -18.36 -4.85 -39.81
CBR 0GH I . -16.96 -4.73 -40.23
CBS 0GH I . -16.84 -4.56 -41.74
CAI 0GH I . -16.22 -5.82 -39.79
CAH 0GH I . -15.08 -5.61 -39.01
CAG 0GH I . -14.45 -6.70 -38.42
CAF 0GH I . -14.93 -7.98 -38.61
CAK 0GH I . -16.05 -8.19 -39.41
CAJ 0GH I . -16.70 -7.10 -39.99
O LPD J . -3.88 -9.34 -40.44
C LPD J . -4.26 -10.25 -39.68
N2 LPD J . -5.59 -10.44 -39.38
CA LPD J . -3.26 -11.23 -39.02
N LPD J . -1.88 -10.85 -39.37
CD LPD J . -1.23 -10.40 -38.13
CG LPD J . -1.90 -11.24 -37.01
CB LPD J . -3.32 -11.48 -37.51
CBK 0GH K . -9.01 32.63 -12.19
CBL 0GH K . -8.55 34.08 -12.40
CBM 0GH K . -9.62 34.82 -13.20
CBN 0GH K . -8.27 35.02 -10.93
NBO 0GH K . -7.33 34.01 -10.23
CBP 0GH K . -6.28 34.87 -9.68
OBV 0GH K . -6.44 36.08 -9.57
CBG 0GH K . -5.38 34.13 -8.69
CBH 0GH K . -6.12 33.96 -7.35
CBJ 0GH K . -6.03 35.19 -6.45
OBI 0GH K . -7.44 33.43 -7.50
NBF 0GH K . -4.03 34.70 -8.52
CAX 0GH K . -3.25 34.54 -9.75
CAW 0GH K . -2.60 35.85 -10.20
CAY 0GH K . -1.76 35.62 -11.45
CAZ 0GH K . -0.90 36.68 -11.70
CBA 0GH K . 0.43 36.43 -12.02
CBB 0GH K . 1.31 37.47 -12.26
CBC 0GH K . 0.86 38.80 -12.19
CBD 0GH K . -0.47 39.04 -11.86
CBE 0GH K . -1.34 37.99 -11.62
NAV 0GH K . -1.75 36.42 -9.15
CAT 0GH K . -2.21 37.33 -8.29
OAU 0GH K . -3.38 37.68 -8.24
CAP 0GH K . -1.26 37.82 -7.39
CAQ 0GH K . 0.04 37.98 -7.83
CAO 0GH K . -1.63 38.32 -6.14
CAN 0GH K . -0.70 38.98 -5.33
NAE 0GH K . -1.09 39.66 -4.25
CBT 0GH K . -2.51 39.45 -3.91
SAB 0GH K . -0.14 39.54 -2.92
OAC 0GH K . -1.01 39.25 -1.69
OAD 0GH K . 0.93 38.47 -3.06
CAA 0GH K . 0.66 41.12 -2.71
CAS 0GH K . 0.59 39.19 -5.83
CAR 0GH K . 0.97 38.67 -7.06
CAL 0GH K . 2.30 38.75 -7.46
OAM 0GH K . 2.93 39.81 -7.37
NBQ 0GH K . 2.77 37.71 -8.16
CBR 0GH K . 4.17 37.71 -8.61
CBS 0GH K . 4.24 37.71 -10.14
CAI 0GH K . 4.86 36.61 -8.10
CAH 0GH K . 6.06 36.82 -7.42
CAG 0GH K . 6.72 35.74 -6.82
CAF 0GH K . 6.16 34.47 -6.88
CAK 0GH K . 4.98 34.27 -7.59
CAJ 0GH K . 4.34 35.33 -8.20
O LPD L . 17.27 32.79 -8.61
C LPD L . 16.86 31.89 -7.86
N2 LPD L . 15.53 31.76 -7.55
CA LPD L . 17.82 30.86 -7.24
N LPD L . 19.24 31.16 -7.60
CD LPD L . 19.95 31.49 -6.35
CG LPD L . 19.21 30.70 -5.24
CB LPD L . 17.76 30.58 -5.73
#